data_9QVT
# 
_entry.id   9QVT 
# 
_audit_conform.dict_name       mmcif_pdbx.dic 
_audit_conform.dict_version    5.408 
_audit_conform.dict_location   http://mmcif.pdb.org/dictionaries/ascii/mmcif_pdbx.dic 
# 
loop_
_database_2.database_id 
_database_2.database_code 
_database_2.pdbx_database_accession 
_database_2.pdbx_DOI 
PDB   9QVT         pdb_00009qvt 10.2210/pdb9qvt/pdb 
WWPDB D_1292147070 ?            ?                   
# 
loop_
_pdbx_audit_revision_history.ordinal 
_pdbx_audit_revision_history.data_content_type 
_pdbx_audit_revision_history.major_revision 
_pdbx_audit_revision_history.minor_revision 
_pdbx_audit_revision_history.revision_date 
_pdbx_audit_revision_history.part_number 
1 'Structure model' 1 0 2025-09-24 ? 
2 'Structure model' 1 1 2025-12-10 ? 
# 
_pdbx_audit_revision_details.ordinal             1 
_pdbx_audit_revision_details.revision_ordinal    1 
_pdbx_audit_revision_details.data_content_type   'Structure model' 
_pdbx_audit_revision_details.provider            repository 
_pdbx_audit_revision_details.type                'Initial release' 
_pdbx_audit_revision_details.description         ? 
_pdbx_audit_revision_details.details             ? 
# 
_pdbx_audit_revision_group.ordinal             1 
_pdbx_audit_revision_group.revision_ordinal    2 
_pdbx_audit_revision_group.data_content_type   'Structure model' 
_pdbx_audit_revision_group.group               'Database references' 
# 
loop_
_pdbx_audit_revision_category.ordinal 
_pdbx_audit_revision_category.revision_ordinal 
_pdbx_audit_revision_category.data_content_type 
_pdbx_audit_revision_category.category 
1 2 'Structure model' citation        
2 2 'Structure model' citation_author 
# 
loop_
_pdbx_audit_revision_item.ordinal 
_pdbx_audit_revision_item.revision_ordinal 
_pdbx_audit_revision_item.data_content_type 
_pdbx_audit_revision_item.item 
1 2 'Structure model' '_citation.journal_volume'          
2 2 'Structure model' '_citation.page_first'              
3 2 'Structure model' '_citation.page_last'               
4 2 'Structure model' '_citation_author.identifier_ORCID' 
# 
_pdbx_database_status.status_code                     REL 
_pdbx_database_status.status_code_sf                  REL 
_pdbx_database_status.status_code_mr                  ? 
_pdbx_database_status.entry_id                        9QVT 
_pdbx_database_status.recvd_initial_deposition_date   2025-04-11 
_pdbx_database_status.SG_entry                        N 
_pdbx_database_status.deposit_site                    PDBE 
_pdbx_database_status.process_site                    PDBE 
_pdbx_database_status.status_code_cs                  ? 
_pdbx_database_status.status_code_nmr_data            ? 
_pdbx_database_status.methods_development_category    ? 
_pdbx_database_status.pdb_format_compatible           N 
# 
_pdbx_contact_author.id                 2 
_pdbx_contact_author.email              mh256@cam.ac.uk 
_pdbx_contact_author.name_first         Marko 
_pdbx_contact_author.name_last          Hyvonen 
_pdbx_contact_author.name_mi            ? 
_pdbx_contact_author.role               'principal investigator/group leader' 
_pdbx_contact_author.identifier_ORCID   0000-0001-8683-4070 
# 
loop_
_audit_author.name 
_audit_author.pdbx_ordinal 
_audit_author.identifier_ORCID 
'dos Reis, C.V.'    1 0000-0001-6271-7523 
'Hsu, N.-S.'        2 0000-0002-3514-3234 
'Rooney, T.'        3 0000-0001-6788-5526 
'Skidmore, J.'      4 0000-0001-9108-7858 
'Bernardes, G.J.L.' 5 0000-0001-6594-8917 
'Hyvonen, M.'       6 0000-0001-8683-4070 
# 
_citation.abstract                  ? 
_citation.abstract_id_CAS           ? 
_citation.book_id_ISBN              ? 
_citation.book_publisher            ? 
_citation.book_publisher_city       ? 
_citation.book_title                ? 
_citation.coordinate_linkage        ? 
_citation.country                   UK 
_citation.database_id_Medline       ? 
_citation.details                   ? 
_citation.id                        primary 
_citation.journal_abbrev            Nat.Chem. 
_citation.journal_id_ASTM           ? 
_citation.journal_id_CSD            ? 
_citation.journal_id_ISSN           1755-4349 
_citation.journal_full              ? 
_citation.journal_issue             ? 
_citation.journal_volume            17 
_citation.language                  ? 
_citation.page_first                1941 
_citation.page_last                 1951 
_citation.title                     'Tumour-specific STING agonist synthesis via a two-component prodrug system.' 
_citation.year                      2025 
_citation.database_id_CSD           ? 
_citation.pdbx_database_id_DOI      10.1038/s41557-025-01930-9 
_citation.pdbx_database_id_PubMed   40957952 
_citation.pdbx_database_id_patent   ? 
_citation.unpublished_flag          ? 
# 
loop_
_citation_author.citation_id 
_citation_author.name 
_citation_author.ordinal 
_citation_author.identifier_ORCID 
primary 'Hsu, N.S.'            1  ? 
primary 'Tang, C.'             2  ? 
primary 'Mendes, R.V.'         3  ? 
primary 'Labao-Almeida, C.'    4  ? 
primary 'Dos Reis, C.V.'       5  ? 
primary 'Coelho, A.R.'         6  ? 
primary 'Marques, M.C.'        7  ? 
primary 'Cabeza Cabrerizo, M.' 8  ? 
primary 'Misteli, R.'          9  ? 
primary 'Rooney, T.P.C.'       10 ? 
primary 'Hyvonen, M.'          11 ? 
primary 'Corzana, F.'          12 ? 
primary 'Fior, R.'             13 ? 
primary 'Bernardes, G.J.L.'    14 ? 
# 
loop_
_entity.id 
_entity.type 
_entity.src_method 
_entity.pdbx_description 
_entity.formula_weight 
_entity.pdbx_number_of_molecules 
_entity.pdbx_ec 
_entity.pdbx_mutation 
_entity.pdbx_fragment 
_entity.details 
1 polymer     man 'Stimulator of interferon genes protein' 27154.564 1  ? L139S,H232R ? ? 
2 non-polymer syn 
;4-[6-methoxy-5-[[6-methoxy-2-(4-oxidanyl-4-oxidanylidene-butanoyl)-1-benzothiophen-5-yl]sulfanylmethylsulfanyl]-1-benzothiophen-2-yl]-4-oxidanylidene-butanoic acid
;
604.735   1  ? ?           ? ? 
3 water       nat water 18.015    27 ? ?           ? ? 
# 
_entity_name_com.entity_id   1 
_entity_name_com.name        
'hSTING,Endoplasmic reticulum interferon stimulator,ERIS,Mediator of IRF3 activation,hMITA,Transmembrane protein 173' 
# 
_entity_poly.entity_id                      1 
_entity_poly.type                           'polypeptide(L)' 
_entity_poly.nstd_linkage                   no 
_entity_poly.nstd_monomer                   no 
_entity_poly.pdbx_seq_one_letter_code       
;GSAPAEISAVCEKGNFNVAHGLAWSYYIGYLRLILPELQARIRTYNQHYNNLLRGAVSQRLYILLPLDCGVPDNLSMADP
NIRFLDKLPQQTGDRAGIKDRVYSNSIYELLENGQRAGTCVLEYATPLQTLFAMSQYSQAGFSREDRLEQAKLFCRTLED
ILADAPESQNNCRLIAYQEPADDSSFSLSQEVLRHLRQEEKEEVTVGSLKTSAVPSTSTMSQEPELLISGMEKPLPLRTD
FS
;
_entity_poly.pdbx_seq_one_letter_code_can   
;GSAPAEISAVCEKGNFNVAHGLAWSYYIGYLRLILPELQARIRTYNQHYNNLLRGAVSQRLYILLPLDCGVPDNLSMADP
NIRFLDKLPQQTGDRAGIKDRVYSNSIYELLENGQRAGTCVLEYATPLQTLFAMSQYSQAGFSREDRLEQAKLFCRTLED
ILADAPESQNNCRLIAYQEPADDSSFSLSQEVLRHLRQEEKEEVTVGSLKTSAVPSTSTMSQEPELLISGMEKPLPLRTD
FS
;
_entity_poly.pdbx_strand_id                 A 
_entity_poly.pdbx_target_identifier         ? 
# 
loop_
_pdbx_entity_nonpoly.entity_id 
_pdbx_entity_nonpoly.name 
_pdbx_entity_nonpoly.comp_id 
2 
;4-[6-methoxy-5-[[6-methoxy-2-(4-oxidanyl-4-oxidanylidene-butanoyl)-1-benzothiophen-5-yl]sulfanylmethylsulfanyl]-1-benzothiophen-2-yl]-4-oxidanylidene-butanoic acid
;
A1JA0 
3 water HOH   
# 
loop_
_entity_poly_seq.entity_id 
_entity_poly_seq.num 
_entity_poly_seq.mon_id 
_entity_poly_seq.hetero 
1 1   GLY n 
1 2   SER n 
1 3   ALA n 
1 4   PRO n 
1 5   ALA n 
1 6   GLU n 
1 7   ILE n 
1 8   SER n 
1 9   ALA n 
1 10  VAL n 
1 11  CYS n 
1 12  GLU n 
1 13  LYS n 
1 14  GLY n 
1 15  ASN n 
1 16  PHE n 
1 17  ASN n 
1 18  VAL n 
1 19  ALA n 
1 20  HIS n 
1 21  GLY n 
1 22  LEU n 
1 23  ALA n 
1 24  TRP n 
1 25  SER n 
1 26  TYR n 
1 27  TYR n 
1 28  ILE n 
1 29  GLY n 
1 30  TYR n 
1 31  LEU n 
1 32  ARG n 
1 33  LEU n 
1 34  ILE n 
1 35  LEU n 
1 36  PRO n 
1 37  GLU n 
1 38  LEU n 
1 39  GLN n 
1 40  ALA n 
1 41  ARG n 
1 42  ILE n 
1 43  ARG n 
1 44  THR n 
1 45  TYR n 
1 46  ASN n 
1 47  GLN n 
1 48  HIS n 
1 49  TYR n 
1 50  ASN n 
1 51  ASN n 
1 52  LEU n 
1 53  LEU n 
1 54  ARG n 
1 55  GLY n 
1 56  ALA n 
1 57  VAL n 
1 58  SER n 
1 59  GLN n 
1 60  ARG n 
1 61  LEU n 
1 62  TYR n 
1 63  ILE n 
1 64  LEU n 
1 65  LEU n 
1 66  PRO n 
1 67  LEU n 
1 68  ASP n 
1 69  CYS n 
1 70  GLY n 
1 71  VAL n 
1 72  PRO n 
1 73  ASP n 
1 74  ASN n 
1 75  LEU n 
1 76  SER n 
1 77  MET n 
1 78  ALA n 
1 79  ASP n 
1 80  PRO n 
1 81  ASN n 
1 82  ILE n 
1 83  ARG n 
1 84  PHE n 
1 85  LEU n 
1 86  ASP n 
1 87  LYS n 
1 88  LEU n 
1 89  PRO n 
1 90  GLN n 
1 91  GLN n 
1 92  THR n 
1 93  GLY n 
1 94  ASP n 
1 95  ARG n 
1 96  ALA n 
1 97  GLY n 
1 98  ILE n 
1 99  LYS n 
1 100 ASP n 
1 101 ARG n 
1 102 VAL n 
1 103 TYR n 
1 104 SER n 
1 105 ASN n 
1 106 SER n 
1 107 ILE n 
1 108 TYR n 
1 109 GLU n 
1 110 LEU n 
1 111 LEU n 
1 112 GLU n 
1 113 ASN n 
1 114 GLY n 
1 115 GLN n 
1 116 ARG n 
1 117 ALA n 
1 118 GLY n 
1 119 THR n 
1 120 CYS n 
1 121 VAL n 
1 122 LEU n 
1 123 GLU n 
1 124 TYR n 
1 125 ALA n 
1 126 THR n 
1 127 PRO n 
1 128 LEU n 
1 129 GLN n 
1 130 THR n 
1 131 LEU n 
1 132 PHE n 
1 133 ALA n 
1 134 MET n 
1 135 SER n 
1 136 GLN n 
1 137 TYR n 
1 138 SER n 
1 139 GLN n 
1 140 ALA n 
1 141 GLY n 
1 142 PHE n 
1 143 SER n 
1 144 ARG n 
1 145 GLU n 
1 146 ASP n 
1 147 ARG n 
1 148 LEU n 
1 149 GLU n 
1 150 GLN n 
1 151 ALA n 
1 152 LYS n 
1 153 LEU n 
1 154 PHE n 
1 155 CYS n 
1 156 ARG n 
1 157 THR n 
1 158 LEU n 
1 159 GLU n 
1 160 ASP n 
1 161 ILE n 
1 162 LEU n 
1 163 ALA n 
1 164 ASP n 
1 165 ALA n 
1 166 PRO n 
1 167 GLU n 
1 168 SER n 
1 169 GLN n 
1 170 ASN n 
1 171 ASN n 
1 172 CYS n 
1 173 ARG n 
1 174 LEU n 
1 175 ILE n 
1 176 ALA n 
1 177 TYR n 
1 178 GLN n 
1 179 GLU n 
1 180 PRO n 
1 181 ALA n 
1 182 ASP n 
1 183 ASP n 
1 184 SER n 
1 185 SER n 
1 186 PHE n 
1 187 SER n 
1 188 LEU n 
1 189 SER n 
1 190 GLN n 
1 191 GLU n 
1 192 VAL n 
1 193 LEU n 
1 194 ARG n 
1 195 HIS n 
1 196 LEU n 
1 197 ARG n 
1 198 GLN n 
1 199 GLU n 
1 200 GLU n 
1 201 LYS n 
1 202 GLU n 
1 203 GLU n 
1 204 VAL n 
1 205 THR n 
1 206 VAL n 
1 207 GLY n 
1 208 SER n 
1 209 LEU n 
1 210 LYS n 
1 211 THR n 
1 212 SER n 
1 213 ALA n 
1 214 VAL n 
1 215 PRO n 
1 216 SER n 
1 217 THR n 
1 218 SER n 
1 219 THR n 
1 220 MET n 
1 221 SER n 
1 222 GLN n 
1 223 GLU n 
1 224 PRO n 
1 225 GLU n 
1 226 LEU n 
1 227 LEU n 
1 228 ILE n 
1 229 SER n 
1 230 GLY n 
1 231 MET n 
1 232 GLU n 
1 233 LYS n 
1 234 PRO n 
1 235 LEU n 
1 236 PRO n 
1 237 LEU n 
1 238 ARG n 
1 239 THR n 
1 240 ASP n 
1 241 PHE n 
1 242 SER n 
# 
_entity_src_gen.entity_id                          1 
_entity_src_gen.pdbx_src_id                        1 
_entity_src_gen.pdbx_alt_source_flag               sample 
_entity_src_gen.pdbx_seq_type                      'Biological sequence' 
_entity_src_gen.pdbx_beg_seq_num                   1 
_entity_src_gen.pdbx_end_seq_num                   242 
_entity_src_gen.gene_src_common_name               human 
_entity_src_gen.gene_src_genus                     ? 
_entity_src_gen.pdbx_gene_src_gene                 'STING1, ERIS, MITA, STING, TMEM173' 
_entity_src_gen.gene_src_species                   ? 
_entity_src_gen.gene_src_strain                    ? 
_entity_src_gen.gene_src_tissue                    ? 
_entity_src_gen.gene_src_tissue_fraction           ? 
_entity_src_gen.gene_src_details                   ? 
_entity_src_gen.pdbx_gene_src_fragment             ? 
_entity_src_gen.pdbx_gene_src_scientific_name      'Homo sapiens' 
_entity_src_gen.pdbx_gene_src_ncbi_taxonomy_id     9606 
_entity_src_gen.pdbx_gene_src_variant              ? 
_entity_src_gen.pdbx_gene_src_cell_line            ? 
_entity_src_gen.pdbx_gene_src_atcc                 ? 
_entity_src_gen.pdbx_gene_src_organ                ? 
_entity_src_gen.pdbx_gene_src_organelle            ? 
_entity_src_gen.pdbx_gene_src_cell                 ? 
_entity_src_gen.pdbx_gene_src_cellular_location    ? 
_entity_src_gen.host_org_common_name               ? 
_entity_src_gen.pdbx_host_org_scientific_name      'Escherichia coli BL21(DE3)' 
_entity_src_gen.pdbx_host_org_ncbi_taxonomy_id     469008 
_entity_src_gen.host_org_genus                     ? 
_entity_src_gen.pdbx_host_org_gene                 ? 
_entity_src_gen.pdbx_host_org_organ                ? 
_entity_src_gen.host_org_species                   ? 
_entity_src_gen.pdbx_host_org_tissue               ? 
_entity_src_gen.pdbx_host_org_tissue_fraction      ? 
_entity_src_gen.pdbx_host_org_strain               ? 
_entity_src_gen.pdbx_host_org_variant              ? 
_entity_src_gen.pdbx_host_org_cell_line            ? 
_entity_src_gen.pdbx_host_org_atcc                 ? 
_entity_src_gen.pdbx_host_org_culture_collection   ? 
_entity_src_gen.pdbx_host_org_cell                 ? 
_entity_src_gen.pdbx_host_org_organelle            ? 
_entity_src_gen.pdbx_host_org_cellular_location    ? 
_entity_src_gen.pdbx_host_org_vector_type          ? 
_entity_src_gen.pdbx_host_org_vector               ? 
_entity_src_gen.host_org_details                   ? 
_entity_src_gen.expression_system_id               ? 
_entity_src_gen.plasmid_name                       ? 
_entity_src_gen.plasmid_details                    ? 
_entity_src_gen.pdbx_description                   ? 
# 
loop_
_chem_comp.id 
_chem_comp.type 
_chem_comp.mon_nstd_flag 
_chem_comp.name 
_chem_comp.pdbx_synonyms 
_chem_comp.formula 
_chem_comp.formula_weight 
A1JA0 non-polymer         . 
;4-[6-methoxy-5-[[6-methoxy-2-(4-oxidanyl-4-oxidanylidene-butanoyl)-1-benzothiophen-5-yl]sulfanylmethylsulfanyl]-1-benzothiophen-2-yl]-4-oxidanylidene-butanoic acid
;
? 'C27 H24 O8 S4'  604.735 
ALA   'L-peptide linking' y ALANINE ? 'C3 H7 N O2'     89.093  
ARG   'L-peptide linking' y ARGININE ? 'C6 H15 N4 O2 1' 175.209 
ASN   'L-peptide linking' y ASPARAGINE ? 'C4 H8 N2 O3'    132.118 
ASP   'L-peptide linking' y 'ASPARTIC ACID' ? 'C4 H7 N O4'     133.103 
CYS   'L-peptide linking' y CYSTEINE ? 'C3 H7 N O2 S'   121.158 
GLN   'L-peptide linking' y GLUTAMINE ? 'C5 H10 N2 O3'   146.144 
GLU   'L-peptide linking' y 'GLUTAMIC ACID' ? 'C5 H9 N O4'     147.129 
GLY   'peptide linking'   y GLYCINE ? 'C2 H5 N O2'     75.067  
HIS   'L-peptide linking' y HISTIDINE ? 'C6 H10 N3 O2 1' 156.162 
HOH   non-polymer         . WATER ? 'H2 O'           18.015  
ILE   'L-peptide linking' y ISOLEUCINE ? 'C6 H13 N O2'    131.173 
LEU   'L-peptide linking' y LEUCINE ? 'C6 H13 N O2'    131.173 
LYS   'L-peptide linking' y LYSINE ? 'C6 H15 N2 O2 1' 147.195 
MET   'L-peptide linking' y METHIONINE ? 'C5 H11 N O2 S'  149.211 
PHE   'L-peptide linking' y PHENYLALANINE ? 'C9 H11 N O2'    165.189 
PRO   'L-peptide linking' y PROLINE ? 'C5 H9 N O2'     115.130 
SER   'L-peptide linking' y SERINE ? 'C3 H7 N O3'     105.093 
THR   'L-peptide linking' y THREONINE ? 'C4 H9 N O3'     119.119 
TRP   'L-peptide linking' y TRYPTOPHAN ? 'C11 H12 N2 O2'  204.225 
TYR   'L-peptide linking' y TYROSINE ? 'C9 H11 N O3'    181.189 
VAL   'L-peptide linking' y VALINE ? 'C5 H11 N O2'    117.146 
# 
loop_
_pdbx_poly_seq_scheme.asym_id 
_pdbx_poly_seq_scheme.entity_id 
_pdbx_poly_seq_scheme.seq_id 
_pdbx_poly_seq_scheme.mon_id 
_pdbx_poly_seq_scheme.ndb_seq_num 
_pdbx_poly_seq_scheme.pdb_seq_num 
_pdbx_poly_seq_scheme.auth_seq_num 
_pdbx_poly_seq_scheme.pdb_mon_id 
_pdbx_poly_seq_scheme.auth_mon_id 
_pdbx_poly_seq_scheme.pdb_strand_id 
_pdbx_poly_seq_scheme.pdb_ins_code 
_pdbx_poly_seq_scheme.hetero 
A 1 1   GLY 1   138 ?   ?   ?   A . n 
A 1 2   SER 2   139 ?   ?   ?   A . n 
A 1 3   ALA 3   140 ?   ?   ?   A . n 
A 1 4   PRO 4   141 ?   ?   ?   A . n 
A 1 5   ALA 5   142 ?   ?   ?   A . n 
A 1 6   GLU 6   143 ?   ?   ?   A . n 
A 1 7   ILE 7   144 ?   ?   ?   A . n 
A 1 8   SER 8   145 ?   ?   ?   A . n 
A 1 9   ALA 9   146 ?   ?   ?   A . n 
A 1 10  VAL 10  147 ?   ?   ?   A . n 
A 1 11  CYS 11  148 ?   ?   ?   A . n 
A 1 12  GLU 12  149 ?   ?   ?   A . n 
A 1 13  LYS 13  150 ?   ?   ?   A . n 
A 1 14  GLY 14  151 ?   ?   ?   A . n 
A 1 15  ASN 15  152 ?   ?   ?   A . n 
A 1 16  PHE 16  153 ?   ?   ?   A . n 
A 1 17  ASN 17  154 154 ASN ASN A . n 
A 1 18  VAL 18  155 155 VAL VAL A . n 
A 1 19  ALA 19  156 156 ALA ALA A . n 
A 1 20  HIS 20  157 157 HIS HIS A . n 
A 1 21  GLY 21  158 158 GLY GLY A . n 
A 1 22  LEU 22  159 159 LEU LEU A . n 
A 1 23  ALA 23  160 160 ALA ALA A . n 
A 1 24  TRP 24  161 161 TRP TRP A . n 
A 1 25  SER 25  162 162 SER SER A . n 
A 1 26  TYR 26  163 163 TYR TYR A . n 
A 1 27  TYR 27  164 164 TYR TYR A . n 
A 1 28  ILE 28  165 165 ILE ILE A . n 
A 1 29  GLY 29  166 166 GLY GLY A . n 
A 1 30  TYR 30  167 167 TYR TYR A . n 
A 1 31  LEU 31  168 168 LEU LEU A . n 
A 1 32  ARG 32  169 169 ARG ARG A . n 
A 1 33  LEU 33  170 170 LEU LEU A . n 
A 1 34  ILE 34  171 171 ILE ILE A . n 
A 1 35  LEU 35  172 172 LEU LEU A . n 
A 1 36  PRO 36  173 173 PRO PRO A . n 
A 1 37  GLU 37  174 174 GLU GLU A . n 
A 1 38  LEU 38  175 175 LEU LEU A . n 
A 1 39  GLN 39  176 176 GLN GLN A . n 
A 1 40  ALA 40  177 177 ALA ALA A . n 
A 1 41  ARG 41  178 178 ARG ARG A . n 
A 1 42  ILE 42  179 179 ILE ILE A . n 
A 1 43  ARG 43  180 180 ARG ARG A . n 
A 1 44  THR 44  181 181 THR THR A . n 
A 1 45  TYR 45  182 182 TYR TYR A . n 
A 1 46  ASN 46  183 183 ASN ASN A . n 
A 1 47  GLN 47  184 184 GLN GLN A . n 
A 1 48  HIS 48  185 185 HIS HIS A . n 
A 1 49  TYR 49  186 186 TYR TYR A . n 
A 1 50  ASN 50  187 187 ASN ASN A . n 
A 1 51  ASN 51  188 188 ASN ASN A . n 
A 1 52  LEU 52  189 189 LEU LEU A . n 
A 1 53  LEU 53  190 190 LEU LEU A . n 
A 1 54  ARG 54  191 191 ARG ARG A . n 
A 1 55  GLY 55  192 192 GLY GLY A . n 
A 1 56  ALA 56  193 193 ALA ALA A . n 
A 1 57  VAL 57  194 194 VAL VAL A . n 
A 1 58  SER 58  195 195 SER SER A . n 
A 1 59  GLN 59  196 196 GLN GLN A . n 
A 1 60  ARG 60  197 197 ARG ARG A . n 
A 1 61  LEU 61  198 198 LEU LEU A . n 
A 1 62  TYR 62  199 199 TYR TYR A . n 
A 1 63  ILE 63  200 200 ILE ILE A . n 
A 1 64  LEU 64  201 201 LEU LEU A . n 
A 1 65  LEU 65  202 202 LEU LEU A . n 
A 1 66  PRO 66  203 203 PRO PRO A . n 
A 1 67  LEU 67  204 204 LEU LEU A . n 
A 1 68  ASP 68  205 205 ASP ASP A . n 
A 1 69  CYS 69  206 206 CYS CYS A . n 
A 1 70  GLY 70  207 207 GLY GLY A . n 
A 1 71  VAL 71  208 208 VAL VAL A . n 
A 1 72  PRO 72  209 209 PRO PRO A . n 
A 1 73  ASP 73  210 210 ASP ASP A . n 
A 1 74  ASN 74  211 211 ASN ASN A . n 
A 1 75  LEU 75  212 212 LEU LEU A . n 
A 1 76  SER 76  213 213 SER SER A . n 
A 1 77  MET 77  214 214 MET MET A . n 
A 1 78  ALA 78  215 215 ALA ALA A . n 
A 1 79  ASP 79  216 216 ASP ASP A . n 
A 1 80  PRO 80  217 217 PRO PRO A . n 
A 1 81  ASN 81  218 218 ASN ASN A . n 
A 1 82  ILE 82  219 219 ILE ILE A . n 
A 1 83  ARG 83  220 220 ARG ARG A . n 
A 1 84  PHE 84  221 221 PHE PHE A . n 
A 1 85  LEU 85  222 222 LEU LEU A . n 
A 1 86  ASP 86  223 223 ASP ASP A . n 
A 1 87  LYS 87  224 224 LYS LYS A . n 
A 1 88  LEU 88  225 225 LEU LEU A . n 
A 1 89  PRO 89  226 226 PRO PRO A . n 
A 1 90  GLN 90  227 227 GLN GLN A . n 
A 1 91  GLN 91  228 228 GLN GLN A . n 
A 1 92  THR 92  229 229 THR THR A . n 
A 1 93  GLY 93  230 230 GLY GLY A . n 
A 1 94  ASP 94  231 231 ASP ASP A . n 
A 1 95  ARG 95  232 232 ARG ARG A . n 
A 1 96  ALA 96  233 233 ALA ALA A . n 
A 1 97  GLY 97  234 234 GLY GLY A . n 
A 1 98  ILE 98  235 235 ILE ILE A . n 
A 1 99  LYS 99  236 236 LYS LYS A . n 
A 1 100 ASP 100 237 237 ASP ASP A . n 
A 1 101 ARG 101 238 238 ARG ARG A . n 
A 1 102 VAL 102 239 239 VAL VAL A . n 
A 1 103 TYR 103 240 240 TYR TYR A . n 
A 1 104 SER 104 241 241 SER SER A . n 
A 1 105 ASN 105 242 242 ASN ASN A . n 
A 1 106 SER 106 243 243 SER SER A . n 
A 1 107 ILE 107 244 244 ILE ILE A . n 
A 1 108 TYR 108 245 245 TYR TYR A . n 
A 1 109 GLU 109 246 246 GLU GLU A . n 
A 1 110 LEU 110 247 247 LEU LEU A . n 
A 1 111 LEU 111 248 248 LEU LEU A . n 
A 1 112 GLU 112 249 249 GLU GLU A . n 
A 1 113 ASN 113 250 250 ASN ASN A . n 
A 1 114 GLY 114 251 251 GLY GLY A . n 
A 1 115 GLN 115 252 252 GLN GLN A . n 
A 1 116 ARG 116 253 253 ARG ARG A . n 
A 1 117 ALA 117 254 254 ALA ALA A . n 
A 1 118 GLY 118 255 255 GLY GLY A . n 
A 1 119 THR 119 256 256 THR THR A . n 
A 1 120 CYS 120 257 257 CYS CYS A . n 
A 1 121 VAL 121 258 258 VAL VAL A . n 
A 1 122 LEU 122 259 259 LEU LEU A . n 
A 1 123 GLU 123 260 260 GLU GLU A . n 
A 1 124 TYR 124 261 261 TYR TYR A . n 
A 1 125 ALA 125 262 262 ALA ALA A . n 
A 1 126 THR 126 263 263 THR THR A . n 
A 1 127 PRO 127 264 264 PRO PRO A . n 
A 1 128 LEU 128 265 265 LEU LEU A . n 
A 1 129 GLN 129 266 266 GLN GLN A . n 
A 1 130 THR 130 267 267 THR THR A . n 
A 1 131 LEU 131 268 268 LEU LEU A . n 
A 1 132 PHE 132 269 269 PHE PHE A . n 
A 1 133 ALA 133 270 270 ALA ALA A . n 
A 1 134 MET 134 271 271 MET MET A . n 
A 1 135 SER 135 272 272 SER SER A . n 
A 1 136 GLN 136 273 273 GLN GLN A . n 
A 1 137 TYR 137 274 274 TYR TYR A . n 
A 1 138 SER 138 275 275 SER SER A . n 
A 1 139 GLN 139 276 276 GLN GLN A . n 
A 1 140 ALA 140 277 277 ALA ALA A . n 
A 1 141 GLY 141 278 278 GLY GLY A . n 
A 1 142 PHE 142 279 279 PHE PHE A . n 
A 1 143 SER 143 280 280 SER SER A . n 
A 1 144 ARG 144 281 281 ARG ARG A . n 
A 1 145 GLU 145 282 282 GLU GLU A . n 
A 1 146 ASP 146 283 283 ASP ASP A . n 
A 1 147 ARG 147 284 284 ARG ARG A . n 
A 1 148 LEU 148 285 285 LEU LEU A . n 
A 1 149 GLU 149 286 286 GLU GLU A . n 
A 1 150 GLN 150 287 287 GLN GLN A . n 
A 1 151 ALA 151 288 288 ALA ALA A . n 
A 1 152 LYS 152 289 289 LYS LYS A . n 
A 1 153 LEU 153 290 290 LEU LEU A . n 
A 1 154 PHE 154 291 291 PHE PHE A . n 
A 1 155 CYS 155 292 292 CYS CYS A . n 
A 1 156 ARG 156 293 293 ARG ARG A . n 
A 1 157 THR 157 294 294 THR THR A . n 
A 1 158 LEU 158 295 295 LEU LEU A . n 
A 1 159 GLU 159 296 296 GLU GLU A . n 
A 1 160 ASP 160 297 297 ASP ASP A . n 
A 1 161 ILE 161 298 298 ILE ILE A . n 
A 1 162 LEU 162 299 299 LEU LEU A . n 
A 1 163 ALA 163 300 300 ALA ALA A . n 
A 1 164 ASP 164 301 301 ASP ASP A . n 
A 1 165 ALA 165 302 302 ALA ALA A . n 
A 1 166 PRO 166 303 303 PRO PRO A . n 
A 1 167 GLU 167 304 304 GLU GLU A . n 
A 1 168 SER 168 305 305 SER SER A . n 
A 1 169 GLN 169 306 306 GLN GLN A . n 
A 1 170 ASN 170 307 307 ASN ASN A . n 
A 1 171 ASN 171 308 308 ASN ASN A . n 
A 1 172 CYS 172 309 309 CYS CYS A . n 
A 1 173 ARG 173 310 310 ARG ARG A . n 
A 1 174 LEU 174 311 311 LEU LEU A . n 
A 1 175 ILE 175 312 312 ILE ILE A . n 
A 1 176 ALA 176 313 313 ALA ALA A . n 
A 1 177 TYR 177 314 314 TYR TYR A . n 
A 1 178 GLN 178 315 315 GLN GLN A . n 
A 1 179 GLU 179 316 316 GLU GLU A . n 
A 1 180 PRO 180 317 317 PRO PRO A . n 
A 1 181 ALA 181 318 ?   ?   ?   A . n 
A 1 182 ASP 182 319 319 ASP ASP A . n 
A 1 183 ASP 183 320 320 ASP ASP A . n 
A 1 184 SER 184 321 321 SER SER A . n 
A 1 185 SER 185 322 322 SER SER A . n 
A 1 186 PHE 186 323 323 PHE PHE A . n 
A 1 187 SER 187 324 324 SER SER A . n 
A 1 188 LEU 188 325 325 LEU LEU A . n 
A 1 189 SER 189 326 326 SER SER A . n 
A 1 190 GLN 190 327 327 GLN GLN A . n 
A 1 191 GLU 191 328 328 GLU GLU A . n 
A 1 192 VAL 192 329 329 VAL VAL A . n 
A 1 193 LEU 193 330 330 LEU LEU A . n 
A 1 194 ARG 194 331 331 ARG ARG A . n 
A 1 195 HIS 195 332 332 HIS HIS A . n 
A 1 196 LEU 196 333 333 LEU LEU A . n 
A 1 197 ARG 197 334 334 ARG ARG A . n 
A 1 198 GLN 198 335 335 GLN GLN A . n 
A 1 199 GLU 199 336 336 GLU GLU A . n 
A 1 200 GLU 200 337 ?   ?   ?   A . n 
A 1 201 LYS 201 338 ?   ?   ?   A . n 
A 1 202 GLU 202 339 ?   ?   ?   A . n 
A 1 203 GLU 203 340 ?   ?   ?   A . n 
A 1 204 VAL 204 341 ?   ?   ?   A . n 
A 1 205 THR 205 342 ?   ?   ?   A . n 
A 1 206 VAL 206 343 ?   ?   ?   A . n 
A 1 207 GLY 207 344 ?   ?   ?   A . n 
A 1 208 SER 208 345 ?   ?   ?   A . n 
A 1 209 LEU 209 346 ?   ?   ?   A . n 
A 1 210 LYS 210 347 ?   ?   ?   A . n 
A 1 211 THR 211 348 ?   ?   ?   A . n 
A 1 212 SER 212 349 ?   ?   ?   A . n 
A 1 213 ALA 213 350 ?   ?   ?   A . n 
A 1 214 VAL 214 351 ?   ?   ?   A . n 
A 1 215 PRO 215 352 ?   ?   ?   A . n 
A 1 216 SER 216 353 ?   ?   ?   A . n 
A 1 217 THR 217 354 ?   ?   ?   A . n 
A 1 218 SER 218 355 ?   ?   ?   A . n 
A 1 219 THR 219 356 ?   ?   ?   A . n 
A 1 220 MET 220 357 ?   ?   ?   A . n 
A 1 221 SER 221 358 ?   ?   ?   A . n 
A 1 222 GLN 222 359 ?   ?   ?   A . n 
A 1 223 GLU 223 360 ?   ?   ?   A . n 
A 1 224 PRO 224 361 ?   ?   ?   A . n 
A 1 225 GLU 225 362 ?   ?   ?   A . n 
A 1 226 LEU 226 363 ?   ?   ?   A . n 
A 1 227 LEU 227 364 ?   ?   ?   A . n 
A 1 228 ILE 228 365 ?   ?   ?   A . n 
A 1 229 SER 229 366 ?   ?   ?   A . n 
A 1 230 GLY 230 367 ?   ?   ?   A . n 
A 1 231 MET 231 368 ?   ?   ?   A . n 
A 1 232 GLU 232 369 ?   ?   ?   A . n 
A 1 233 LYS 233 370 ?   ?   ?   A . n 
A 1 234 PRO 234 371 ?   ?   ?   A . n 
A 1 235 LEU 235 372 ?   ?   ?   A . n 
A 1 236 PRO 236 373 ?   ?   ?   A . n 
A 1 237 LEU 237 374 ?   ?   ?   A . n 
A 1 238 ARG 238 375 ?   ?   ?   A . n 
A 1 239 THR 239 376 ?   ?   ?   A . n 
A 1 240 ASP 240 377 ?   ?   ?   A . n 
A 1 241 PHE 241 378 ?   ?   ?   A . n 
A 1 242 SER 242 379 ?   ?   ?   A . n 
# 
_pdbx_entity_instance_feature.ordinal        1 
_pdbx_entity_instance_feature.comp_id        A1JA0 
_pdbx_entity_instance_feature.asym_id        ? 
_pdbx_entity_instance_feature.seq_num        ? 
_pdbx_entity_instance_feature.auth_comp_id   A1JA0 
_pdbx_entity_instance_feature.auth_asym_id   ? 
_pdbx_entity_instance_feature.auth_seq_num   ? 
_pdbx_entity_instance_feature.feature_type   'SUBJECT OF INVESTIGATION' 
_pdbx_entity_instance_feature.details        ? 
# 
loop_
_pdbx_nonpoly_scheme.asym_id 
_pdbx_nonpoly_scheme.entity_id 
_pdbx_nonpoly_scheme.mon_id 
_pdbx_nonpoly_scheme.ndb_seq_num 
_pdbx_nonpoly_scheme.pdb_seq_num 
_pdbx_nonpoly_scheme.auth_seq_num 
_pdbx_nonpoly_scheme.pdb_mon_id 
_pdbx_nonpoly_scheme.auth_mon_id 
_pdbx_nonpoly_scheme.pdb_strand_id 
_pdbx_nonpoly_scheme.pdb_ins_code 
B 2 A1JA0 1  400 400 A1JA0 053 A . 
C 3 HOH   1  501 9   HOH   HOH A . 
C 3 HOH   2  502 2   HOH   HOH A . 
C 3 HOH   3  503 1   HOH   HOH A . 
C 3 HOH   4  504 19  HOH   HOH A . 
C 3 HOH   5  505 11  HOH   HOH A . 
C 3 HOH   6  506 12  HOH   HOH A . 
C 3 HOH   7  507 15  HOH   HOH A . 
C 3 HOH   8  508 16  HOH   HOH A . 
C 3 HOH   9  509 17  HOH   HOH A . 
C 3 HOH   10 510 10  HOH   HOH A . 
C 3 HOH   11 511 4   HOH   HOH A . 
C 3 HOH   12 512 23  HOH   HOH A . 
C 3 HOH   13 513 13  HOH   HOH A . 
C 3 HOH   14 514 5   HOH   HOH A . 
C 3 HOH   15 515 14  HOH   HOH A . 
C 3 HOH   16 516 22  HOH   HOH A . 
C 3 HOH   17 517 6   HOH   HOH A . 
C 3 HOH   18 518 24  HOH   HOH A . 
C 3 HOH   19 519 21  HOH   HOH A . 
C 3 HOH   20 520 7   HOH   HOH A . 
C 3 HOH   21 521 8   HOH   HOH A . 
C 3 HOH   22 522 18  HOH   HOH A . 
C 3 HOH   23 523 26  HOH   HOH A . 
C 3 HOH   24 524 20  HOH   HOH A . 
C 3 HOH   25 525 25  HOH   HOH A . 
C 3 HOH   26 526 27  HOH   HOH A . 
C 3 HOH   27 527 3   HOH   HOH A . 
# 
loop_
_pdbx_unobs_or_zero_occ_atoms.id 
_pdbx_unobs_or_zero_occ_atoms.PDB_model_num 
_pdbx_unobs_or_zero_occ_atoms.polymer_flag 
_pdbx_unobs_or_zero_occ_atoms.occupancy_flag 
_pdbx_unobs_or_zero_occ_atoms.auth_asym_id 
_pdbx_unobs_or_zero_occ_atoms.auth_comp_id 
_pdbx_unobs_or_zero_occ_atoms.auth_seq_id 
_pdbx_unobs_or_zero_occ_atoms.PDB_ins_code 
_pdbx_unobs_or_zero_occ_atoms.auth_atom_id 
_pdbx_unobs_or_zero_occ_atoms.label_alt_id 
_pdbx_unobs_or_zero_occ_atoms.label_asym_id 
_pdbx_unobs_or_zero_occ_atoms.label_comp_id 
_pdbx_unobs_or_zero_occ_atoms.label_seq_id 
_pdbx_unobs_or_zero_occ_atoms.label_atom_id 
1   1 Y 1 A ASN 154 ? CG  ? A ASN 17  CG  
2   1 Y 1 A ASN 154 ? OD1 ? A ASN 17  OD1 
3   1 Y 1 A ASN 154 ? ND2 ? A ASN 17  ND2 
4   1 Y 1 A LEU 175 ? CG  ? A LEU 38  CG  
5   1 Y 1 A LEU 175 ? CD1 ? A LEU 38  CD1 
6   1 Y 1 A LEU 175 ? CD2 ? A LEU 38  CD2 
7   1 Y 1 A GLN 176 ? CG  ? A GLN 39  CG  
8   1 Y 1 A GLN 176 ? CD  ? A GLN 39  CD  
9   1 Y 1 A GLN 176 ? OE1 ? A GLN 39  OE1 
10  1 Y 1 A GLN 176 ? NE2 ? A GLN 39  NE2 
11  1 Y 1 A ILE 179 ? CG1 ? A ILE 42  CG1 
12  1 Y 1 A ILE 179 ? CG2 ? A ILE 42  CG2 
13  1 Y 1 A ILE 179 ? CD1 ? A ILE 42  CD1 
14  1 Y 1 A ASN 183 ? CG  ? A ASN 46  CG  
15  1 Y 1 A ASN 183 ? OD1 ? A ASN 46  OD1 
16  1 Y 1 A ASN 183 ? ND2 ? A ASN 46  ND2 
17  1 Y 1 A TYR 186 ? CG  ? A TYR 49  CG  
18  1 Y 1 A TYR 186 ? CD1 ? A TYR 49  CD1 
19  1 Y 1 A TYR 186 ? CD2 ? A TYR 49  CD2 
20  1 Y 1 A TYR 186 ? CE1 ? A TYR 49  CE1 
21  1 Y 1 A TYR 186 ? CE2 ? A TYR 49  CE2 
22  1 Y 1 A TYR 186 ? CZ  ? A TYR 49  CZ  
23  1 Y 1 A TYR 186 ? OH  ? A TYR 49  OH  
24  1 Y 1 A ASN 187 ? CG  ? A ASN 50  CG  
25  1 Y 1 A ASN 187 ? OD1 ? A ASN 50  OD1 
26  1 Y 1 A ASN 187 ? ND2 ? A ASN 50  ND2 
27  1 Y 1 A ASN 188 ? CG  ? A ASN 51  CG  
28  1 Y 1 A ASN 188 ? OD1 ? A ASN 51  OD1 
29  1 Y 1 A ASN 188 ? ND2 ? A ASN 51  ND2 
30  1 Y 1 A LEU 190 ? CG  ? A LEU 53  CG  
31  1 Y 1 A LEU 190 ? CD1 ? A LEU 53  CD1 
32  1 Y 1 A LEU 190 ? CD2 ? A LEU 53  CD2 
33  1 Y 1 A VAL 194 ? CG1 ? A VAL 57  CG1 
34  1 Y 1 A VAL 194 ? CG2 ? A VAL 57  CG2 
35  1 Y 1 A ARG 197 ? CG  ? A ARG 60  CG  
36  1 Y 1 A ARG 197 ? CD  ? A ARG 60  CD  
37  1 Y 1 A ARG 197 ? NE  ? A ARG 60  NE  
38  1 Y 1 A ARG 197 ? CZ  ? A ARG 60  CZ  
39  1 Y 1 A ARG 197 ? NH1 ? A ARG 60  NH1 
40  1 Y 1 A ARG 197 ? NH2 ? A ARG 60  NH2 
41  1 Y 1 A LEU 204 ? CG  ? A LEU 67  CG  
42  1 Y 1 A LEU 204 ? CD1 ? A LEU 67  CD1 
43  1 Y 1 A LEU 204 ? CD2 ? A LEU 67  CD2 
44  1 Y 1 A CYS 206 ? SG  ? A CYS 69  SG  
45  1 Y 1 A ASN 218 ? CG  ? A ASN 81  CG  
46  1 Y 1 A ASN 218 ? OD1 ? A ASN 81  OD1 
47  1 Y 1 A ASN 218 ? ND2 ? A ASN 81  ND2 
48  1 Y 1 A ILE 219 ? CG1 ? A ILE 82  CG1 
49  1 Y 1 A ILE 219 ? CG2 ? A ILE 82  CG2 
50  1 Y 1 A ILE 219 ? CD1 ? A ILE 82  CD1 
51  1 Y 1 A ARG 220 ? CG  ? A ARG 83  CG  
52  1 Y 1 A ARG 220 ? CD  ? A ARG 83  CD  
53  1 Y 1 A ARG 220 ? NE  ? A ARG 83  NE  
54  1 Y 1 A ARG 220 ? CZ  ? A ARG 83  CZ  
55  1 Y 1 A ARG 220 ? NH1 ? A ARG 83  NH1 
56  1 Y 1 A ARG 220 ? NH2 ? A ARG 83  NH2 
57  1 Y 1 A LEU 222 ? CG  ? A LEU 85  CG  
58  1 Y 1 A LEU 222 ? CD1 ? A LEU 85  CD1 
59  1 Y 1 A LEU 222 ? CD2 ? A LEU 85  CD2 
60  1 Y 1 A LYS 224 ? CG  ? A LYS 87  CG  
61  1 Y 1 A LYS 224 ? CD  ? A LYS 87  CD  
62  1 Y 1 A LYS 224 ? CE  ? A LYS 87  CE  
63  1 Y 1 A LYS 224 ? NZ  ? A LYS 87  NZ  
64  1 Y 1 A LEU 225 ? CG  ? A LEU 88  CG  
65  1 Y 1 A LEU 225 ? CD1 ? A LEU 88  CD1 
66  1 Y 1 A LEU 225 ? CD2 ? A LEU 88  CD2 
67  1 Y 1 A THR 229 ? OG1 ? A THR 92  OG1 
68  1 Y 1 A THR 229 ? CG2 ? A THR 92  CG2 
69  1 Y 1 A LYS 236 ? CG  ? A LYS 99  CG  
70  1 Y 1 A LYS 236 ? CD  ? A LYS 99  CD  
71  1 Y 1 A LYS 236 ? CE  ? A LYS 99  CE  
72  1 Y 1 A LYS 236 ? NZ  ? A LYS 99  NZ  
73  1 Y 1 A ASP 237 ? CG  ? A ASP 100 CG  
74  1 Y 1 A ASP 237 ? OD1 ? A ASP 100 OD1 
75  1 Y 1 A ASP 237 ? OD2 ? A ASP 100 OD2 
76  1 Y 1 A SER 243 ? OG  ? A SER 106 OG  
77  1 Y 1 A GLU 246 ? CG  ? A GLU 109 CG  
78  1 Y 1 A GLU 246 ? CD  ? A GLU 109 CD  
79  1 Y 1 A GLU 246 ? OE1 ? A GLU 109 OE1 
80  1 Y 1 A GLU 246 ? OE2 ? A GLU 109 OE2 
81  1 Y 1 A LEU 247 ? CG  ? A LEU 110 CG  
82  1 Y 1 A LEU 247 ? CD1 ? A LEU 110 CD1 
83  1 Y 1 A LEU 247 ? CD2 ? A LEU 110 CD2 
84  1 Y 1 A LEU 248 ? CG  ? A LEU 111 CG  
85  1 Y 1 A LEU 248 ? CD1 ? A LEU 111 CD1 
86  1 Y 1 A LEU 248 ? CD2 ? A LEU 111 CD2 
87  1 Y 1 A GLU 249 ? CG  ? A GLU 112 CG  
88  1 Y 1 A GLU 249 ? CD  ? A GLU 112 CD  
89  1 Y 1 A GLU 249 ? OE1 ? A GLU 112 OE1 
90  1 Y 1 A GLU 249 ? OE2 ? A GLU 112 OE2 
91  1 Y 1 A ASN 250 ? CG  ? A ASN 113 CG  
92  1 Y 1 A ASN 250 ? OD1 ? A ASN 113 OD1 
93  1 Y 1 A ASN 250 ? ND2 ? A ASN 113 ND2 
94  1 Y 1 A GLN 252 ? CG  ? A GLN 115 CG  
95  1 Y 1 A GLN 252 ? CD  ? A GLN 115 CD  
96  1 Y 1 A GLN 252 ? OE1 ? A GLN 115 OE1 
97  1 Y 1 A GLN 252 ? NE2 ? A GLN 115 NE2 
98  1 Y 1 A THR 256 ? OG1 ? A THR 119 OG1 
99  1 Y 1 A THR 256 ? CG2 ? A THR 119 CG2 
100 1 Y 1 A VAL 258 ? CG1 ? A VAL 121 CG1 
101 1 Y 1 A VAL 258 ? CG2 ? A VAL 121 CG2 
102 1 Y 1 A TYR 274 ? CG  ? A TYR 137 CG  
103 1 Y 1 A TYR 274 ? CD1 ? A TYR 137 CD1 
104 1 Y 1 A TYR 274 ? CD2 ? A TYR 137 CD2 
105 1 Y 1 A TYR 274 ? CE1 ? A TYR 137 CE1 
106 1 Y 1 A TYR 274 ? CE2 ? A TYR 137 CE2 
107 1 Y 1 A TYR 274 ? CZ  ? A TYR 137 CZ  
108 1 Y 1 A TYR 274 ? OH  ? A TYR 137 OH  
109 1 Y 1 A GLN 276 ? CG  ? A GLN 139 CG  
110 1 Y 1 A GLN 276 ? CD  ? A GLN 139 CD  
111 1 Y 1 A GLN 276 ? OE1 ? A GLN 139 OE1 
112 1 Y 1 A GLN 276 ? NE2 ? A GLN 139 NE2 
113 1 Y 1 A PHE 279 ? CG  ? A PHE 142 CG  
114 1 Y 1 A PHE 279 ? CD1 ? A PHE 142 CD1 
115 1 Y 1 A PHE 279 ? CD2 ? A PHE 142 CD2 
116 1 Y 1 A PHE 279 ? CE1 ? A PHE 142 CE1 
117 1 Y 1 A PHE 279 ? CE2 ? A PHE 142 CE2 
118 1 Y 1 A PHE 279 ? CZ  ? A PHE 142 CZ  
119 1 Y 1 A ARG 281 ? CG  ? A ARG 144 CG  
120 1 Y 1 A ARG 281 ? CD  ? A ARG 144 CD  
121 1 Y 1 A ARG 281 ? NE  ? A ARG 144 NE  
122 1 Y 1 A ARG 281 ? CZ  ? A ARG 144 CZ  
123 1 Y 1 A ARG 281 ? NH1 ? A ARG 144 NH1 
124 1 Y 1 A ARG 281 ? NH2 ? A ARG 144 NH2 
125 1 Y 1 A GLU 282 ? CG  ? A GLU 145 CG  
126 1 Y 1 A GLU 282 ? CD  ? A GLU 145 CD  
127 1 Y 1 A GLU 282 ? OE1 ? A GLU 145 OE1 
128 1 Y 1 A GLU 282 ? OE2 ? A GLU 145 OE2 
129 1 Y 1 A GLU 286 ? CG  ? A GLU 149 CG  
130 1 Y 1 A GLU 286 ? CD  ? A GLU 149 CD  
131 1 Y 1 A GLU 286 ? OE1 ? A GLU 149 OE1 
132 1 Y 1 A GLU 286 ? OE2 ? A GLU 149 OE2 
133 1 Y 1 A LYS 289 ? CG  ? A LYS 152 CG  
134 1 Y 1 A LYS 289 ? CD  ? A LYS 152 CD  
135 1 Y 1 A LYS 289 ? CE  ? A LYS 152 CE  
136 1 Y 1 A LYS 289 ? NZ  ? A LYS 152 NZ  
137 1 Y 1 A ASP 301 ? CG  ? A ASP 164 CG  
138 1 Y 1 A ASP 301 ? OD1 ? A ASP 164 OD1 
139 1 Y 1 A ASP 301 ? OD2 ? A ASP 164 OD2 
140 1 Y 1 A GLU 304 ? CG  ? A GLU 167 CG  
141 1 Y 1 A GLU 304 ? CD  ? A GLU 167 CD  
142 1 Y 1 A GLU 304 ? OE1 ? A GLU 167 OE1 
143 1 Y 1 A GLU 304 ? OE2 ? A GLU 167 OE2 
144 1 Y 1 A GLN 306 ? CG  ? A GLN 169 CG  
145 1 Y 1 A GLN 306 ? CD  ? A GLN 169 CD  
146 1 Y 1 A GLN 306 ? OE1 ? A GLN 169 OE1 
147 1 Y 1 A GLN 306 ? NE2 ? A GLN 169 NE2 
148 1 Y 1 A ASN 307 ? CG  ? A ASN 170 CG  
149 1 Y 1 A ASN 307 ? OD1 ? A ASN 170 OD1 
150 1 Y 1 A ASN 307 ? ND2 ? A ASN 170 ND2 
151 1 Y 1 A GLU 316 ? CG  ? A GLU 179 CG  
152 1 Y 1 A GLU 316 ? CD  ? A GLU 179 CD  
153 1 Y 1 A GLU 316 ? OE1 ? A GLU 179 OE1 
154 1 Y 1 A GLU 316 ? OE2 ? A GLU 179 OE2 
155 1 Y 1 A ASP 319 ? CG  ? A ASP 182 CG  
156 1 Y 1 A ASP 319 ? OD1 ? A ASP 182 OD1 
157 1 Y 1 A ASP 319 ? OD2 ? A ASP 182 OD2 
158 1 Y 1 A SER 321 ? OG  ? A SER 184 OG  
159 1 Y 1 A PHE 323 ? CG  ? A PHE 186 CG  
160 1 Y 1 A PHE 323 ? CD1 ? A PHE 186 CD1 
161 1 Y 1 A PHE 323 ? CD2 ? A PHE 186 CD2 
162 1 Y 1 A PHE 323 ? CE1 ? A PHE 186 CE1 
163 1 Y 1 A PHE 323 ? CE2 ? A PHE 186 CE2 
164 1 Y 1 A PHE 323 ? CZ  ? A PHE 186 CZ  
165 1 Y 1 A LEU 325 ? CG  ? A LEU 188 CG  
166 1 Y 1 A LEU 325 ? CD1 ? A LEU 188 CD1 
167 1 Y 1 A LEU 325 ? CD2 ? A LEU 188 CD2 
168 1 Y 1 A VAL 329 ? CG1 ? A VAL 192 CG1 
169 1 Y 1 A VAL 329 ? CG2 ? A VAL 192 CG2 
170 1 Y 1 A LEU 330 ? CG  ? A LEU 193 CG  
171 1 Y 1 A LEU 330 ? CD1 ? A LEU 193 CD1 
172 1 Y 1 A LEU 330 ? CD2 ? A LEU 193 CD2 
173 1 Y 1 A LEU 333 ? CG  ? A LEU 196 CG  
174 1 Y 1 A LEU 333 ? CD1 ? A LEU 196 CD1 
175 1 Y 1 A LEU 333 ? CD2 ? A LEU 196 CD2 
176 1 Y 1 A ARG 334 ? CG  ? A ARG 197 CG  
177 1 Y 1 A ARG 334 ? CD  ? A ARG 197 CD  
178 1 Y 1 A ARG 334 ? NE  ? A ARG 197 NE  
179 1 Y 1 A ARG 334 ? CZ  ? A ARG 197 CZ  
180 1 Y 1 A ARG 334 ? NH1 ? A ARG 197 NH1 
181 1 Y 1 A ARG 334 ? NH2 ? A ARG 197 NH2 
182 1 Y 1 A GLU 336 ? CG  ? A GLU 199 CG  
183 1 Y 1 A GLU 336 ? CD  ? A GLU 199 CD  
184 1 Y 1 A GLU 336 ? OE1 ? A GLU 199 OE1 
185 1 Y 1 A GLU 336 ? OE2 ? A GLU 199 OE2 
# 
loop_
_software.citation_id 
_software.classification 
_software.compiler_name 
_software.compiler_version 
_software.contact_author 
_software.contact_author_email 
_software.date 
_software.description 
_software.dependencies 
_software.hardware 
_software.language 
_software.location 
_software.mods 
_software.name 
_software.os 
_software.os_version 
_software.type 
_software.version 
_software.pdbx_reference_DOI 
_software.pdbx_ordinal 
? refinement        ? ? ? ? ? ? ? ? ? ? ? BUSTER      ? ? ? '2.10.4 (10-JUL-2024)' ? 1 
? 'data extraction' ? ? ? ? ? ? ? ? ? ? ? PDB_EXTRACT ? ? ? 1.4.3                  ? 2 
? 'data reduction'  ? ? ? ? ? ? ? ? ? ? ? autoPROC    ? ? ? 1.0.5                  ? 3 
? 'data scaling'    ? ? ? ? ? ? ? ? ? ? ? Aimless     ? ? ? 0.8.2                  ? 4 
? phasing           ? ? ? ? ? ? ? ? ? ? ? BUSTER      ? ? ? '2.10.4 (10-JUL-2024)' ? 5 
# 
_cell.angle_alpha                  90.00 
_cell.angle_alpha_esd              ? 
_cell.angle_beta                   97.75 
_cell.angle_beta_esd               ? 
_cell.angle_gamma                  90.00 
_cell.angle_gamma_esd              ? 
_cell.entry_id                     9QVT 
_cell.details                      ? 
_cell.formula_units_Z              ? 
_cell.length_a                     89.681 
_cell.length_a_esd                 ? 
_cell.length_b                     75.595 
_cell.length_b_esd                 ? 
_cell.length_c                     34.138 
_cell.length_c_esd                 ? 
_cell.volume                       ? 
_cell.volume_esd                   ? 
_cell.Z_PDB                        4 
_cell.reciprocal_angle_alpha       ? 
_cell.reciprocal_angle_beta        ? 
_cell.reciprocal_angle_gamma       ? 
_cell.reciprocal_angle_alpha_esd   ? 
_cell.reciprocal_angle_beta_esd    ? 
_cell.reciprocal_angle_gamma_esd   ? 
_cell.reciprocal_length_a          ? 
_cell.reciprocal_length_b          ? 
_cell.reciprocal_length_c          ? 
_cell.reciprocal_length_a_esd      ? 
_cell.reciprocal_length_b_esd      ? 
_cell.reciprocal_length_c_esd      ? 
_cell.pdbx_unique_axis             ? 
_cell.pdbx_esd_method              ? 
# 
_symmetry.entry_id                         9QVT 
_symmetry.cell_setting                     ? 
_symmetry.Int_Tables_number                5 
_symmetry.space_group_name_Hall            ? 
_symmetry.space_group_name_H-M             'C 1 2 1' 
_symmetry.pdbx_full_space_group_name_H-M   ? 
# 
_exptl.absorpt_coefficient_mu     ? 
_exptl.absorpt_correction_T_max   ? 
_exptl.absorpt_correction_T_min   ? 
_exptl.absorpt_correction_type    ? 
_exptl.absorpt_process_details    ? 
_exptl.entry_id                   9QVT 
_exptl.crystals_number            1 
_exptl.details                    ? 
_exptl.method                     'X-RAY DIFFRACTION' 
_exptl.method_details             ? 
# 
_exptl_crystal.colour                       ? 
_exptl_crystal.density_diffrn               ? 
_exptl_crystal.density_Matthews             2.74 
_exptl_crystal.density_method               ? 
_exptl_crystal.density_percent_sol          55.04 
_exptl_crystal.description                  ? 
_exptl_crystal.F_000                        ? 
_exptl_crystal.id                           1 
_exptl_crystal.preparation                  ? 
_exptl_crystal.size_max                     ? 
_exptl_crystal.size_mid                     ? 
_exptl_crystal.size_min                     ? 
_exptl_crystal.size_rad                     ? 
_exptl_crystal.colour_lustre                ? 
_exptl_crystal.colour_modifier              ? 
_exptl_crystal.colour_primary               ? 
_exptl_crystal.density_meas                 ? 
_exptl_crystal.density_meas_esd             ? 
_exptl_crystal.density_meas_gt              ? 
_exptl_crystal.density_meas_lt              ? 
_exptl_crystal.density_meas_temp            ? 
_exptl_crystal.density_meas_temp_esd        ? 
_exptl_crystal.density_meas_temp_gt         ? 
_exptl_crystal.density_meas_temp_lt         ? 
_exptl_crystal.pdbx_crystal_image_url       ? 
_exptl_crystal.pdbx_crystal_image_format    ? 
_exptl_crystal.pdbx_mosaicity               ? 
_exptl_crystal.pdbx_mosaicity_esd           ? 
_exptl_crystal.pdbx_mosaic_method           ? 
_exptl_crystal.pdbx_mosaic_block_size       ? 
_exptl_crystal.pdbx_mosaic_block_size_esd   ? 
# 
_exptl_crystal_grow.apparatus       ? 
_exptl_crystal_grow.atmosphere      ? 
_exptl_crystal_grow.crystal_id      1 
_exptl_crystal_grow.details         ? 
_exptl_crystal_grow.method          'VAPOR DIFFUSION, SITTING DROP' 
_exptl_crystal_grow.method_ref      ? 
_exptl_crystal_grow.pH              7.5 
_exptl_crystal_grow.pressure        ? 
_exptl_crystal_grow.pressure_esd    ? 
_exptl_crystal_grow.seeding         ? 
_exptl_crystal_grow.seeding_ref     ? 
_exptl_crystal_grow.temp_details    293 
_exptl_crystal_grow.temp_esd        ? 
_exptl_crystal_grow.time            ? 
_exptl_crystal_grow.pdbx_details    
;0.2 M NaNO3 (Salt)
20 %w/v PEG 3350 (Precipitant)
10 %v/v EG (Precipitant)
0.1 M BIS-TRIS prop 7.5 pH (Buffer)
;
_exptl_crystal_grow.pdbx_pH_range   ? 
_exptl_crystal_grow.temp            293 
# 
_diffrn.ambient_environment              ? 
_diffrn.ambient_temp                     100 
_diffrn.ambient_temp_details             ? 
_diffrn.ambient_temp_esd                 ? 
_diffrn.crystal_id                       1 
_diffrn.crystal_support                  ? 
_diffrn.crystal_treatment                ? 
_diffrn.details                          ? 
_diffrn.id                               1 
_diffrn.ambient_pressure                 ? 
_diffrn.ambient_pressure_esd             ? 
_diffrn.ambient_pressure_gt              ? 
_diffrn.ambient_pressure_lt              ? 
_diffrn.ambient_temp_gt                  ? 
_diffrn.ambient_temp_lt                  ? 
_diffrn.pdbx_serial_crystal_experiment   N 
# 
_diffrn_detector.details                      ? 
_diffrn_detector.detector                     PIXEL 
_diffrn_detector.diffrn_id                    1 
_diffrn_detector.type                         'DECTRIS EIGER2 XE 16M' 
_diffrn_detector.area_resol_mean              ? 
_diffrn_detector.dtime                        ? 
_diffrn_detector.pdbx_frames_total            ? 
_diffrn_detector.pdbx_collection_time_total   ? 
_diffrn_detector.pdbx_collection_date         2025-02-13 
_diffrn_detector.pdbx_frequency               ? 
_diffrn_detector.id                           ? 
_diffrn_detector.number_of_axes               ? 
# 
_diffrn_radiation.collimation                      ? 
_diffrn_radiation.diffrn_id                        1 
_diffrn_radiation.filter_edge                      ? 
_diffrn_radiation.inhomogeneity                    ? 
_diffrn_radiation.monochromator                    'double-crystal monochromator (DCM)' 
_diffrn_radiation.polarisn_norm                    ? 
_diffrn_radiation.polarisn_ratio                   ? 
_diffrn_radiation.probe                            ? 
_diffrn_radiation.type                             ? 
_diffrn_radiation.xray_symbol                      ? 
_diffrn_radiation.wavelength_id                    1 
_diffrn_radiation.pdbx_monochromatic_or_laue_m_l   M 
_diffrn_radiation.pdbx_wavelength_list             ? 
_diffrn_radiation.pdbx_wavelength                  ? 
_diffrn_radiation.pdbx_diffrn_protocol             'SINGLE WAVELENGTH' 
_diffrn_radiation.pdbx_analyzer                    ? 
_diffrn_radiation.pdbx_scattering_type             x-ray 
# 
_diffrn_radiation_wavelength.id           1 
_diffrn_radiation_wavelength.wavelength   0.9537 
_diffrn_radiation_wavelength.wt           1.0 
# 
_diffrn_source.current                     ? 
_diffrn_source.details                     ? 
_diffrn_source.diffrn_id                   1 
_diffrn_source.power                       ? 
_diffrn_source.size                        ? 
_diffrn_source.source                      SYNCHROTRON 
_diffrn_source.target                      ? 
_diffrn_source.type                        'DIAMOND BEAMLINE I04' 
_diffrn_source.voltage                     ? 
_diffrn_source.take-off_angle              ? 
_diffrn_source.pdbx_wavelength_list        0.9537 
_diffrn_source.pdbx_wavelength             ? 
_diffrn_source.pdbx_synchrotron_beamline   I04 
_diffrn_source.pdbx_synchrotron_site       Diamond 
# 
_reflns.B_iso_Wilson_estimate                          51.69 
_reflns.entry_id                                       9QVT 
_reflns.data_reduction_details                         ? 
_reflns.data_reduction_method                          ? 
_reflns.d_resolution_high                              2.305 
_reflns.d_resolution_low                               57.58 
_reflns.details                                        ? 
_reflns.limit_h_max                                    ? 
_reflns.limit_h_min                                    ? 
_reflns.limit_k_max                                    ? 
_reflns.limit_k_min                                    ? 
_reflns.limit_l_max                                    ? 
_reflns.limit_l_min                                    ? 
_reflns.number_all                                     ? 
_reflns.number_obs                                     6416 
_reflns.observed_criterion                             ? 
_reflns.observed_criterion_F_max                       ? 
_reflns.observed_criterion_F_min                       ? 
_reflns.observed_criterion_I_max                       ? 
_reflns.observed_criterion_I_min                       ? 
_reflns.observed_criterion_sigma_F                     ? 
_reflns.observed_criterion_sigma_I                     ? 
_reflns.percent_possible_obs                           82.3 
_reflns.R_free_details                                 ? 
_reflns.Rmerge_F_all                                   ? 
_reflns.Rmerge_F_obs                                   ? 
_reflns.Friedel_coverage                               ? 
_reflns.number_gt                                      ? 
_reflns.threshold_expression                           ? 
_reflns.pdbx_redundancy                                6.8 
_reflns.pdbx_netI_over_av_sigmaI                       ? 
_reflns.pdbx_netI_over_sigmaI                          10.2 
_reflns.pdbx_res_netI_over_av_sigmaI_2                 ? 
_reflns.pdbx_res_netI_over_sigmaI_2                    ? 
_reflns.pdbx_chi_squared                               ? 
_reflns.pdbx_scaling_rejects                           ? 
_reflns.pdbx_d_res_high_opt                            ? 
_reflns.pdbx_d_res_low_opt                             ? 
_reflns.pdbx_d_res_opt_method                          ? 
_reflns.phase_calculation_details                      ? 
_reflns.pdbx_Rrim_I_all                                0.103 
_reflns.pdbx_Rpim_I_all                                0.040 
_reflns.pdbx_d_opt                                     ? 
_reflns.pdbx_number_measured_all                       ? 
_reflns.pdbx_diffrn_id                                 1 
_reflns.pdbx_ordinal                                   1 
_reflns.pdbx_CC_half                                   0.959 
_reflns.pdbx_CC_star                                   ? 
_reflns.pdbx_R_split                                   ? 
_reflns.pdbx_Rmerge_I_obs                              0.095 
_reflns.pdbx_Rmerge_I_all                              ? 
_reflns.pdbx_Rsym_value                                ? 
_reflns.pdbx_CC_split_method                           ? 
_reflns.pdbx_aniso_diffraction_limit_axis_1_ortho[1]   ? 
_reflns.pdbx_aniso_diffraction_limit_axis_1_ortho[2]   ? 
_reflns.pdbx_aniso_diffraction_limit_axis_1_ortho[3]   ? 
_reflns.pdbx_aniso_diffraction_limit_axis_2_ortho[1]   ? 
_reflns.pdbx_aniso_diffraction_limit_axis_2_ortho[2]   ? 
_reflns.pdbx_aniso_diffraction_limit_axis_2_ortho[3]   ? 
_reflns.pdbx_aniso_diffraction_limit_axis_3_ortho[1]   ? 
_reflns.pdbx_aniso_diffraction_limit_axis_3_ortho[2]   ? 
_reflns.pdbx_aniso_diffraction_limit_axis_3_ortho[3]   ? 
_reflns.pdbx_aniso_diffraction_limit_1                 ? 
_reflns.pdbx_aniso_diffraction_limit_2                 ? 
_reflns.pdbx_aniso_diffraction_limit_3                 ? 
_reflns.pdbx_aniso_B_tensor_eigenvector_1_ortho[1]     ? 
_reflns.pdbx_aniso_B_tensor_eigenvector_1_ortho[2]     ? 
_reflns.pdbx_aniso_B_tensor_eigenvector_1_ortho[3]     ? 
_reflns.pdbx_aniso_B_tensor_eigenvector_2_ortho[1]     ? 
_reflns.pdbx_aniso_B_tensor_eigenvector_2_ortho[2]     ? 
_reflns.pdbx_aniso_B_tensor_eigenvector_2_ortho[3]     ? 
_reflns.pdbx_aniso_B_tensor_eigenvector_3_ortho[1]     ? 
_reflns.pdbx_aniso_B_tensor_eigenvector_3_ortho[2]     ? 
_reflns.pdbx_aniso_B_tensor_eigenvector_3_ortho[3]     ? 
_reflns.pdbx_aniso_B_tensor_eigenvalue_1               ? 
_reflns.pdbx_aniso_B_tensor_eigenvalue_2               ? 
_reflns.pdbx_aniso_B_tensor_eigenvalue_3               ? 
_reflns.pdbx_orthogonalization_convention              ? 
_reflns.pdbx_percent_possible_ellipsoidal              ? 
_reflns.pdbx_percent_possible_spherical                ? 
_reflns.pdbx_percent_possible_ellipsoidal_anomalous    ? 
_reflns.pdbx_percent_possible_spherical_anomalous      ? 
_reflns.pdbx_redundancy_anomalous                      ? 
_reflns.pdbx_CC_half_anomalous                         ? 
_reflns.pdbx_absDiff_over_sigma_anomalous              ? 
_reflns.pdbx_percent_possible_anomalous                ? 
_reflns.pdbx_observed_signal_threshold                 ? 
_reflns.pdbx_signal_type                               ? 
_reflns.pdbx_signal_details                            ? 
_reflns.pdbx_signal_software_id                        ? 
# 
_reflns_shell.d_res_high                                    2.305 
_reflns_shell.d_res_low                                     2.575 
_reflns_shell.meanI_over_sigI_all                           ? 
_reflns_shell.meanI_over_sigI_obs                           1.4 
_reflns_shell.number_measured_all                           ? 
_reflns_shell.number_measured_obs                           ? 
_reflns_shell.number_possible                               ? 
_reflns_shell.number_unique_all                             ? 
_reflns_shell.number_unique_obs                             321 
_reflns_shell.percent_possible_obs                          ? 
_reflns_shell.Rmerge_F_all                                  ? 
_reflns_shell.Rmerge_F_obs                                  ? 
_reflns_shell.meanI_over_sigI_gt                            ? 
_reflns_shell.meanI_over_uI_all                             ? 
_reflns_shell.meanI_over_uI_gt                              ? 
_reflns_shell.number_measured_gt                            ? 
_reflns_shell.number_unique_gt                              ? 
_reflns_shell.percent_possible_gt                           ? 
_reflns_shell.Rmerge_F_gt                                   ? 
_reflns_shell.Rmerge_I_gt                                   ? 
_reflns_shell.pdbx_redundancy                               7.2 
_reflns_shell.pdbx_chi_squared                              ? 
_reflns_shell.pdbx_netI_over_sigmaI_all                     ? 
_reflns_shell.pdbx_netI_over_sigmaI_obs                     ? 
_reflns_shell.pdbx_Rrim_I_all                               1.587 
_reflns_shell.pdbx_Rpim_I_all                               0.587 
_reflns_shell.pdbx_rejects                                  ? 
_reflns_shell.pdbx_ordinal                                  1 
_reflns_shell.pdbx_diffrn_id                                1 
_reflns_shell.pdbx_CC_half                                  0.586 
_reflns_shell.pdbx_CC_star                                  ? 
_reflns_shell.pdbx_R_split                                  ? 
_reflns_shell.percent_possible_all                          40.4 
_reflns_shell.Rmerge_I_all                                  ? 
_reflns_shell.Rmerge_I_obs                                  1.474 
_reflns_shell.pdbx_Rsym_value                               ? 
_reflns_shell.pdbx_percent_possible_ellipsoidal             ? 
_reflns_shell.pdbx_percent_possible_spherical               ? 
_reflns_shell.pdbx_percent_possible_ellipsoidal_anomalous   ? 
_reflns_shell.pdbx_percent_possible_spherical_anomalous     ? 
_reflns_shell.pdbx_redundancy_anomalous                     ? 
_reflns_shell.pdbx_CC_half_anomalous                        ? 
_reflns_shell.pdbx_absDiff_over_sigma_anomalous             ? 
_reflns_shell.pdbx_percent_possible_anomalous               ? 
# 
_refine.aniso_B[1][1]                            ? 
_refine.aniso_B[1][2]                            ? 
_refine.aniso_B[1][3]                            ? 
_refine.aniso_B[2][2]                            ? 
_refine.aniso_B[2][3]                            ? 
_refine.aniso_B[3][3]                            ? 
_refine.B_iso_max                                ? 
_refine.B_iso_mean                               ? 
_refine.B_iso_min                                ? 
_refine.correlation_coeff_Fo_to_Fc               ? 
_refine.correlation_coeff_Fo_to_Fc_free          ? 
_refine.details                                  ? 
_refine.diff_density_max                         ? 
_refine.diff_density_max_esd                     ? 
_refine.diff_density_min                         ? 
_refine.diff_density_min_esd                     ? 
_refine.diff_density_rms                         ? 
_refine.diff_density_rms_esd                     ? 
_refine.entry_id                                 9QVT 
_refine.pdbx_refine_id                           'X-RAY DIFFRACTION' 
_refine.ls_abs_structure_details                 ? 
_refine.ls_abs_structure_Flack                   ? 
_refine.ls_abs_structure_Flack_esd               ? 
_refine.ls_abs_structure_Rogers                  ? 
_refine.ls_abs_structure_Rogers_esd              ? 
_refine.ls_d_res_high                            2.305 
_refine.ls_d_res_low                             57.579 
_refine.ls_extinction_coef                       ? 
_refine.ls_extinction_coef_esd                   ? 
_refine.ls_extinction_expression                 ? 
_refine.ls_extinction_method                     ? 
_refine.ls_goodness_of_fit_all                   ? 
_refine.ls_goodness_of_fit_all_esd               ? 
_refine.ls_goodness_of_fit_obs                   ? 
_refine.ls_goodness_of_fit_obs_esd               ? 
_refine.ls_hydrogen_treatment                    ? 
_refine.ls_matrix_type                           ? 
_refine.ls_number_constraints                    ? 
_refine.ls_number_parameters                     ? 
_refine.ls_number_reflns_all                     ? 
_refine.ls_number_reflns_obs                     6416 
_refine.ls_number_reflns_R_free                  300 
_refine.ls_number_reflns_R_work                  ? 
_refine.ls_number_restraints                     ? 
_refine.ls_percent_reflns_obs                    82.3 
_refine.ls_percent_reflns_R_free                 ? 
_refine.ls_R_factor_all                          ? 
_refine.ls_R_factor_obs                          ? 
_refine.ls_R_factor_R_free                       0.3881 
_refine.ls_R_factor_R_free_error                 ? 
_refine.ls_R_factor_R_free_error_details         ? 
_refine.ls_R_factor_R_work                       0.3422 
_refine.ls_R_Fsqd_factor_obs                     ? 
_refine.ls_R_I_factor_obs                        ? 
_refine.ls_redundancy_reflns_all                 ? 
_refine.ls_redundancy_reflns_obs                 ? 
_refine.ls_restrained_S_all                      ? 
_refine.ls_restrained_S_obs                      ? 
_refine.ls_shift_over_esd_max                    ? 
_refine.ls_shift_over_esd_mean                   ? 
_refine.ls_structure_factor_coef                 ? 
_refine.ls_weighting_details                     ? 
_refine.ls_weighting_scheme                      ? 
_refine.ls_wR_factor_all                         ? 
_refine.ls_wR_factor_obs                         ? 
_refine.ls_wR_factor_R_free                      ? 
_refine.ls_wR_factor_R_work                      ? 
_refine.occupancy_max                            ? 
_refine.occupancy_min                            ? 
_refine.solvent_model_details                    ? 
_refine.solvent_model_param_bsol                 ? 
_refine.solvent_model_param_ksol                 ? 
_refine.correlation_coeff_I_to_Fcsqd_work        ? 
_refine.correlation_coeff_I_to_Fcsqd_free        ? 
_refine.pdbx_R_complete                          ? 
_refine.ls_R_factor_gt                           ? 
_refine.ls_goodness_of_fit_gt                    ? 
_refine.ls_goodness_of_fit_ref                   ? 
_refine.ls_shift_over_su_max                     ? 
_refine.ls_shift_over_su_max_lt                  ? 
_refine.ls_shift_over_su_mean                    ? 
_refine.ls_shift_over_su_mean_lt                 ? 
_refine.pdbx_ls_sigma_I                          ? 
_refine.pdbx_ls_sigma_F                          ? 
_refine.pdbx_ls_sigma_Fsqd                       ? 
_refine.pdbx_data_cutoff_high_absF               ? 
_refine.pdbx_data_cutoff_high_rms_absF           ? 
_refine.pdbx_data_cutoff_low_absF                ? 
_refine.pdbx_isotropic_thermal_model             ? 
_refine.pdbx_ls_cross_valid_method               THROUGHOUT 
_refine.pdbx_method_to_determine_struct          'MOLECULAR REPLACEMENT' 
_refine.pdbx_starting_model                      ? 
_refine.pdbx_stereochemistry_target_values       ? 
_refine.pdbx_R_Free_selection_details            RANDOM 
_refine.pdbx_stereochem_target_val_spec_case     ? 
_refine.pdbx_overall_ESU_R                       ? 
_refine.pdbx_overall_ESU_R_Free                  ? 
_refine.pdbx_solvent_vdw_probe_radii             ? 
_refine.pdbx_solvent_ion_probe_radii             ? 
_refine.pdbx_solvent_shrinkage_radii             ? 
_refine.pdbx_real_space_R                        ? 
_refine.pdbx_density_correlation                 ? 
_refine.pdbx_pd_number_of_powder_patterns        ? 
_refine.pdbx_pd_number_of_points                 ? 
_refine.pdbx_pd_meas_number_of_points            ? 
_refine.pdbx_pd_proc_ls_prof_R_factor            ? 
_refine.pdbx_pd_proc_ls_prof_wR_factor           ? 
_refine.pdbx_pd_Marquardt_correlation_coeff      ? 
_refine.pdbx_pd_Fsqrd_R_factor                   ? 
_refine.pdbx_pd_ls_matrix_band_width             ? 
_refine.pdbx_overall_phase_error                 ? 
_refine.pdbx_overall_SU_R_free_Cruickshank_DPI   ? 
_refine.pdbx_overall_SU_R_free_Blow_DPI          ? 
_refine.pdbx_overall_SU_R_Blow_DPI               ? 
_refine.pdbx_TLS_residual_ADP_flag               ? 
_refine.pdbx_diffrn_id                           1 
_refine.overall_SU_B                             ? 
_refine.overall_SU_ML                            ? 
_refine.overall_SU_R_Cruickshank_DPI             ? 
_refine.overall_SU_R_free                        ? 
_refine.overall_FOM_free_R_set                   ? 
_refine.overall_FOM_work_R_set                   ? 
_refine.pdbx_average_fsc_overall                 ? 
_refine.pdbx_average_fsc_work                    ? 
_refine.pdbx_average_fsc_free                    ? 
# 
_refine_hist.pdbx_refine_id                   'X-RAY DIFFRACTION' 
_refine_hist.cycle_id                         LAST 
_refine_hist.details                          ? 
_refine_hist.d_res_high                       2.305 
_refine_hist.d_res_low                        57.579 
_refine_hist.number_atoms_solvent             27 
_refine_hist.number_atoms_total               1349 
_refine_hist.number_reflns_all                ? 
_refine_hist.number_reflns_obs                ? 
_refine_hist.number_reflns_R_free             ? 
_refine_hist.number_reflns_R_work             ? 
_refine_hist.R_factor_all                     ? 
_refine_hist.R_factor_obs                     ? 
_refine_hist.R_factor_R_free                  ? 
_refine_hist.R_factor_R_work                  ? 
_refine_hist.pdbx_number_residues_total       ? 
_refine_hist.pdbx_B_iso_mean_ligand           ? 
_refine_hist.pdbx_B_iso_mean_solvent          ? 
_refine_hist.pdbx_number_atoms_protein        1283 
_refine_hist.pdbx_number_atoms_nucleic_acid   0 
_refine_hist.pdbx_number_atoms_ligand         39 
_refine_hist.pdbx_number_atoms_lipid          ? 
_refine_hist.pdbx_number_atoms_carb           ? 
_refine_hist.pdbx_pseudo_atom_details         ? 
# 
_refine_ls_shell.R_factor_R_free                     ? 
_refine_ls_shell.R_factor_R_free_error               ? 
_refine_ls_shell.R_factor_R_work                     ? 
_refine_ls_shell.R_factor_all                        ? 
_refine_ls_shell.R_factor_obs                        ? 
_refine_ls_shell.correlation_coeff_Fo_to_Fc          ? 
_refine_ls_shell.correlation_coeff_Fo_to_Fc_free     ? 
_refine_ls_shell.correlation_coeff_I_to_Fcsqd_free   ? 
_refine_ls_shell.correlation_coeff_I_to_Fcsqd_work   ? 
_refine_ls_shell.d_res_high                          2.305 
_refine_ls_shell.d_res_low                           2.575 
_refine_ls_shell.number_reflns_R_free                ? 
_refine_ls_shell.number_reflns_R_work                ? 
_refine_ls_shell.number_reflns_all                   ? 
_refine_ls_shell.number_reflns_obs                   2321 
_refine_ls_shell.pdbx_R_complete                     ? 
_refine_ls_shell.pdbx_fsc_free                       ? 
_refine_ls_shell.pdbx_fsc_work                       ? 
_refine_ls_shell.pdbx_phase_error                    ? 
_refine_ls_shell.pdbx_refine_id                      'X-RAY DIFFRACTION' 
_refine_ls_shell.pdbx_total_number_of_bins_used      ? 
_refine_ls_shell.percent_reflns_R_free               ? 
_refine_ls_shell.percent_reflns_obs                  ? 
_refine_ls_shell.redundancy_reflns_all               ? 
_refine_ls_shell.redundancy_reflns_obs               ? 
_refine_ls_shell.wR_factor_R_free                    ? 
_refine_ls_shell.wR_factor_R_work                    ? 
_refine_ls_shell.wR_factor_all                       ? 
_refine_ls_shell.wR_factor_obs                       ? 
# 
_struct.entry_id                     9QVT 
_struct.title                        'Crystal structure of STING CTD in complex with potent agonist D5' 
_struct.pdbx_model_details           ? 
_struct.pdbx_formula_weight          ? 
_struct.pdbx_formula_weight_method   ? 
_struct.pdbx_model_type_details      ? 
_struct.pdbx_CASP_flag               N 
# 
_struct_keywords.entry_id        9QVT 
_struct_keywords.text            'STING, Immune System, cGAS, agonist, interferon, signalling, SIGNALING PROTEIN' 
_struct_keywords.pdbx_keywords   'SIGNALING PROTEIN' 
# 
loop_
_struct_asym.id 
_struct_asym.pdbx_blank_PDB_chainid_flag 
_struct_asym.pdbx_modified 
_struct_asym.entity_id 
_struct_asym.details 
A N N 1 ? 
B N N 2 ? 
C N N 3 ? 
# 
_struct_ref.id                         1 
_struct_ref.db_name                    UNP 
_struct_ref.db_code                    STING_HUMAN 
_struct_ref.pdbx_db_accession          Q86WV6 
_struct_ref.pdbx_db_isoform            ? 
_struct_ref.entity_id                  1 
_struct_ref.pdbx_seq_one_letter_code   
;GLAPAEISAVCEKGNFNVAHGLAWSYYIGYLRLILPELQARIRTYNQHYNNLLRGAVSQRLYILLPLDCGVPDNLSMADP
NIRFLDKLPQQTGDHAGIKDRVYSNSIYELLENGQRAGTCVLEYATPLQTLFAMSQYSQAGFSREDRLEQAKLFCRTLED
ILADAPESQNNCRLIAYQEPADDSSFSLSQEVLRHLRQEEKEEVTVGSLKTSAVPSTSTMSQEPELLISGMEKPLPLRTD
FS
;
_struct_ref.pdbx_align_begin           138 
# 
_struct_ref_seq.align_id                      1 
_struct_ref_seq.ref_id                        1 
_struct_ref_seq.pdbx_PDB_id_code              9QVT 
_struct_ref_seq.pdbx_strand_id                A 
_struct_ref_seq.seq_align_beg                 1 
_struct_ref_seq.pdbx_seq_align_beg_ins_code   ? 
_struct_ref_seq.seq_align_end                 242 
_struct_ref_seq.pdbx_seq_align_end_ins_code   ? 
_struct_ref_seq.pdbx_db_accession             Q86WV6 
_struct_ref_seq.db_align_beg                  138 
_struct_ref_seq.pdbx_db_align_beg_ins_code    ? 
_struct_ref_seq.db_align_end                  379 
_struct_ref_seq.pdbx_db_align_end_ins_code    ? 
_struct_ref_seq.pdbx_auth_seq_align_beg       138 
_struct_ref_seq.pdbx_auth_seq_align_end       379 
# 
loop_
_struct_ref_seq_dif.align_id 
_struct_ref_seq_dif.pdbx_pdb_id_code 
_struct_ref_seq_dif.mon_id 
_struct_ref_seq_dif.pdbx_pdb_strand_id 
_struct_ref_seq_dif.seq_num 
_struct_ref_seq_dif.pdbx_pdb_ins_code 
_struct_ref_seq_dif.pdbx_seq_db_name 
_struct_ref_seq_dif.pdbx_seq_db_accession_code 
_struct_ref_seq_dif.db_mon_id 
_struct_ref_seq_dif.pdbx_seq_db_seq_num 
_struct_ref_seq_dif.details 
_struct_ref_seq_dif.pdbx_auth_seq_num 
_struct_ref_seq_dif.pdbx_ordinal 
1 9QVT SER A 2  ? UNP Q86WV6 LEU 139 'engineered mutation' 139 1 
1 9QVT ARG A 95 ? UNP Q86WV6 HIS 232 'engineered mutation' 232 2 
# 
_pdbx_struct_assembly.id                   1 
_pdbx_struct_assembly.details              author_and_software_defined_assembly 
_pdbx_struct_assembly.method_details       PISA 
_pdbx_struct_assembly.oligomeric_details   dimeric 
_pdbx_struct_assembly.oligomeric_count     2 
# 
loop_
_pdbx_struct_assembly_prop.biol_id 
_pdbx_struct_assembly_prop.type 
_pdbx_struct_assembly_prop.value 
_pdbx_struct_assembly_prop.details 
1 'ABSA (A^2)' 3410  ? 
1 MORE         -19   ? 
1 'SSA (A^2)'  16850 ? 
# 
_pdbx_struct_assembly_gen.assembly_id       1 
_pdbx_struct_assembly_gen.oper_expression   1,2 
_pdbx_struct_assembly_gen.asym_id_list      A,B,C 
# 
_pdbx_struct_assembly_auth_evidence.id                     1 
_pdbx_struct_assembly_auth_evidence.assembly_id            1 
_pdbx_struct_assembly_auth_evidence.experimental_support   'gel filtration' 
_pdbx_struct_assembly_auth_evidence.details                ? 
# 
loop_
_pdbx_struct_oper_list.id 
_pdbx_struct_oper_list.type 
_pdbx_struct_oper_list.name 
_pdbx_struct_oper_list.symmetry_operation 
_pdbx_struct_oper_list.matrix[1][1] 
_pdbx_struct_oper_list.matrix[1][2] 
_pdbx_struct_oper_list.matrix[1][3] 
_pdbx_struct_oper_list.vector[1] 
_pdbx_struct_oper_list.matrix[2][1] 
_pdbx_struct_oper_list.matrix[2][2] 
_pdbx_struct_oper_list.matrix[2][3] 
_pdbx_struct_oper_list.vector[2] 
_pdbx_struct_oper_list.matrix[3][1] 
_pdbx_struct_oper_list.matrix[3][2] 
_pdbx_struct_oper_list.matrix[3][3] 
_pdbx_struct_oper_list.vector[3] 
1 'identity operation'         1_555 x,y,z       1.0000000000  0.0000000000 0.0000000000 0.0000000000  0.0000000000 1.0000000000 0.0000000000 0.0000000000 0.0000000000 0.0000000000 1.0000000000  0.0000000000   
2 'crystal symmetry operation' 2_656 -x+1,y,-z+1 -0.7207373123 0.6015177783 0.3445491096 14.2186800403 0.6015177783 0.2956390297 0.7421414464 5.6455962170 0.3445491096 0.7421414464 -0.5749017173 -21.3806191668 
# 
loop_
_struct_conf.conf_type_id 
_struct_conf.id 
_struct_conf.pdbx_PDB_helix_id 
_struct_conf.beg_label_comp_id 
_struct_conf.beg_label_asym_id 
_struct_conf.beg_label_seq_id 
_struct_conf.pdbx_beg_PDB_ins_code 
_struct_conf.end_label_comp_id 
_struct_conf.end_label_asym_id 
_struct_conf.end_label_seq_id 
_struct_conf.pdbx_end_PDB_ins_code 
_struct_conf.beg_auth_comp_id 
_struct_conf.beg_auth_asym_id 
_struct_conf.beg_auth_seq_id 
_struct_conf.end_auth_comp_id 
_struct_conf.end_auth_asym_id 
_struct_conf.end_auth_seq_id 
_struct_conf.pdbx_PDB_helix_class 
_struct_conf.details 
_struct_conf.pdbx_PDB_helix_length 
HELX_P HELX_P1 AA1 ASN A 17  ? TYR A 30  ? ASN A 154 TYR A 167 1 ? 14 
HELX_P HELX_P2 AA2 TYR A 30  ? LEU A 35  ? TYR A 167 LEU A 172 1 ? 6  
HELX_P HELX_P3 AA3 LEU A 38  ? GLN A 47  ? LEU A 175 GLN A 184 1 ? 10 
HELX_P HELX_P4 AA4 ALA A 125 ? MET A 134 ? ALA A 262 MET A 271 1 ? 10 
HELX_P HELX_P5 AA5 SER A 135 ? TYR A 137 ? SER A 272 TYR A 274 5 ? 3  
HELX_P HELX_P6 AA6 SER A 143 ? ALA A 165 ? SER A 280 ALA A 302 1 ? 23 
HELX_P HELX_P7 AA7 ALA A 165 ? ASN A 170 ? ALA A 302 ASN A 307 1 ? 6  
HELX_P HELX_P8 AA8 SER A 187 ? GLN A 198 ? SER A 324 GLN A 335 1 ? 12 
# 
_struct_conf_type.id          HELX_P 
_struct_conf_type.criteria    ? 
_struct_conf_type.reference   ? 
# 
_struct_sheet.id               AA1 
_struct_sheet.type             ? 
_struct_sheet.number_strands   5 
_struct_sheet.details          ? 
# 
loop_
_struct_sheet_order.sheet_id 
_struct_sheet_order.range_id_1 
_struct_sheet_order.range_id_2 
_struct_sheet_order.offset 
_struct_sheet_order.sense 
AA1 1 2 ? anti-parallel 
AA1 2 3 ? anti-parallel 
AA1 3 4 ? parallel      
AA1 4 5 ? parallel      
# 
loop_
_struct_sheet_range.sheet_id 
_struct_sheet_range.id 
_struct_sheet_range.beg_label_comp_id 
_struct_sheet_range.beg_label_asym_id 
_struct_sheet_range.beg_label_seq_id 
_struct_sheet_range.pdbx_beg_PDB_ins_code 
_struct_sheet_range.end_label_comp_id 
_struct_sheet_range.end_label_asym_id 
_struct_sheet_range.end_label_seq_id 
_struct_sheet_range.pdbx_end_PDB_ins_code 
_struct_sheet_range.beg_auth_comp_id 
_struct_sheet_range.beg_auth_asym_id 
_struct_sheet_range.beg_auth_seq_id 
_struct_sheet_range.end_auth_comp_id 
_struct_sheet_range.end_auth_asym_id 
_struct_sheet_range.end_auth_seq_id 
AA1 1 ILE A 82  ? LYS A 87  ? ILE A 219 LYS A 224 
AA1 2 SER A 106 ? GLU A 112 ? SER A 243 GLU A 249 
AA1 3 GLN A 115 ? TYR A 124 ? GLN A 252 TYR A 261 
AA1 4 LEU A 61  ? PRO A 66  ? LEU A 198 PRO A 203 
AA1 5 CYS A 172 ? TYR A 177 ? CYS A 309 TYR A 314 
# 
loop_
_pdbx_struct_sheet_hbond.sheet_id 
_pdbx_struct_sheet_hbond.range_id_1 
_pdbx_struct_sheet_hbond.range_id_2 
_pdbx_struct_sheet_hbond.range_1_label_atom_id 
_pdbx_struct_sheet_hbond.range_1_label_comp_id 
_pdbx_struct_sheet_hbond.range_1_label_asym_id 
_pdbx_struct_sheet_hbond.range_1_label_seq_id 
_pdbx_struct_sheet_hbond.range_1_PDB_ins_code 
_pdbx_struct_sheet_hbond.range_1_auth_atom_id 
_pdbx_struct_sheet_hbond.range_1_auth_comp_id 
_pdbx_struct_sheet_hbond.range_1_auth_asym_id 
_pdbx_struct_sheet_hbond.range_1_auth_seq_id 
_pdbx_struct_sheet_hbond.range_2_label_atom_id 
_pdbx_struct_sheet_hbond.range_2_label_comp_id 
_pdbx_struct_sheet_hbond.range_2_label_asym_id 
_pdbx_struct_sheet_hbond.range_2_label_seq_id 
_pdbx_struct_sheet_hbond.range_2_PDB_ins_code 
_pdbx_struct_sheet_hbond.range_2_auth_atom_id 
_pdbx_struct_sheet_hbond.range_2_auth_comp_id 
_pdbx_struct_sheet_hbond.range_2_auth_asym_id 
_pdbx_struct_sheet_hbond.range_2_auth_seq_id 
AA1 1 2 N ARG A 83  ? N ARG A 220 O GLU A 109 ? O GLU A 246 
AA1 2 3 N LEU A 110 ? N LEU A 247 O GLY A 118 ? O GLY A 255 
AA1 3 4 O VAL A 121 ? O VAL A 258 N TYR A 62  ? N TYR A 199 
AA1 4 5 N ILE A 63  ? N ILE A 200 O ILE A 175 ? O ILE A 312 
# 
_pdbx_entry_details.entry_id                   9QVT 
_pdbx_entry_details.nonpolymer_details         ? 
_pdbx_entry_details.sequence_details           ? 
_pdbx_entry_details.compound_details           ? 
_pdbx_entry_details.source_details             ? 
_pdbx_entry_details.has_ligand_of_interest     Y 
_pdbx_entry_details.has_protein_modification   N 
# 
loop_
_pdbx_validate_torsion.id 
_pdbx_validate_torsion.PDB_model_num 
_pdbx_validate_torsion.auth_comp_id 
_pdbx_validate_torsion.auth_asym_id 
_pdbx_validate_torsion.auth_seq_id 
_pdbx_validate_torsion.PDB_ins_code 
_pdbx_validate_torsion.label_alt_id 
_pdbx_validate_torsion.phi 
_pdbx_validate_torsion.psi 
1  1 TYR A 167 ? ? -141.92 -61.82  
2  1 GLU A 174 ? ? -112.16 -152.86 
3  1 ASN A 188 ? ? -151.84 8.35    
4  1 ARG A 191 ? ? -145.04 47.86   
5  1 ARG A 197 ? ? 179.27  166.38  
6  1 LEU A 222 ? ? -100.19 -73.75  
7  1 PRO A 226 ? ? -47.72  156.91  
8  1 ALA A 233 ? ? 39.11   59.81   
9  1 GLN A 273 ? ? -99.10  33.56   
10 1 GLN A 287 ? ? -70.64  -70.47  
# 
loop_
_pdbx_unobs_or_zero_occ_residues.id 
_pdbx_unobs_or_zero_occ_residues.PDB_model_num 
_pdbx_unobs_or_zero_occ_residues.polymer_flag 
_pdbx_unobs_or_zero_occ_residues.occupancy_flag 
_pdbx_unobs_or_zero_occ_residues.auth_asym_id 
_pdbx_unobs_or_zero_occ_residues.auth_comp_id 
_pdbx_unobs_or_zero_occ_residues.auth_seq_id 
_pdbx_unobs_or_zero_occ_residues.PDB_ins_code 
_pdbx_unobs_or_zero_occ_residues.label_asym_id 
_pdbx_unobs_or_zero_occ_residues.label_comp_id 
_pdbx_unobs_or_zero_occ_residues.label_seq_id 
1  1 Y 1 A GLY 138 ? A GLY 1   
2  1 Y 1 A SER 139 ? A SER 2   
3  1 Y 1 A ALA 140 ? A ALA 3   
4  1 Y 1 A PRO 141 ? A PRO 4   
5  1 Y 1 A ALA 142 ? A ALA 5   
6  1 Y 1 A GLU 143 ? A GLU 6   
7  1 Y 1 A ILE 144 ? A ILE 7   
8  1 Y 1 A SER 145 ? A SER 8   
9  1 Y 1 A ALA 146 ? A ALA 9   
10 1 Y 1 A VAL 147 ? A VAL 10  
11 1 Y 1 A CYS 148 ? A CYS 11  
12 1 Y 1 A GLU 149 ? A GLU 12  
13 1 Y 1 A LYS 150 ? A LYS 13  
14 1 Y 1 A GLY 151 ? A GLY 14  
15 1 Y 1 A ASN 152 ? A ASN 15  
16 1 Y 1 A PHE 153 ? A PHE 16  
17 1 Y 1 A ALA 318 ? A ALA 181 
18 1 Y 1 A GLU 337 ? A GLU 200 
19 1 Y 1 A LYS 338 ? A LYS 201 
20 1 Y 1 A GLU 339 ? A GLU 202 
21 1 Y 1 A GLU 340 ? A GLU 203 
22 1 Y 1 A VAL 341 ? A VAL 204 
23 1 Y 1 A THR 342 ? A THR 205 
24 1 Y 1 A VAL 343 ? A VAL 206 
25 1 Y 1 A GLY 344 ? A GLY 207 
26 1 Y 1 A SER 345 ? A SER 208 
27 1 Y 1 A LEU 346 ? A LEU 209 
28 1 Y 1 A LYS 347 ? A LYS 210 
29 1 Y 1 A THR 348 ? A THR 211 
30 1 Y 1 A SER 349 ? A SER 212 
31 1 Y 1 A ALA 350 ? A ALA 213 
32 1 Y 1 A VAL 351 ? A VAL 214 
33 1 Y 1 A PRO 352 ? A PRO 215 
34 1 Y 1 A SER 353 ? A SER 216 
35 1 Y 1 A THR 354 ? A THR 217 
36 1 Y 1 A SER 355 ? A SER 218 
37 1 Y 1 A THR 356 ? A THR 219 
38 1 Y 1 A MET 357 ? A MET 220 
39 1 Y 1 A SER 358 ? A SER 221 
40 1 Y 1 A GLN 359 ? A GLN 222 
41 1 Y 1 A GLU 360 ? A GLU 223 
42 1 Y 1 A PRO 361 ? A PRO 224 
43 1 Y 1 A GLU 362 ? A GLU 225 
44 1 Y 1 A LEU 363 ? A LEU 226 
45 1 Y 1 A LEU 364 ? A LEU 227 
46 1 Y 1 A ILE 365 ? A ILE 228 
47 1 Y 1 A SER 366 ? A SER 229 
48 1 Y 1 A GLY 367 ? A GLY 230 
49 1 Y 1 A MET 368 ? A MET 231 
50 1 Y 1 A GLU 369 ? A GLU 232 
51 1 Y 1 A LYS 370 ? A LYS 233 
52 1 Y 1 A PRO 371 ? A PRO 234 
53 1 Y 1 A LEU 372 ? A LEU 235 
54 1 Y 1 A PRO 373 ? A PRO 236 
55 1 Y 1 A LEU 374 ? A LEU 237 
56 1 Y 1 A ARG 375 ? A ARG 238 
57 1 Y 1 A THR 376 ? A THR 239 
58 1 Y 1 A ASP 377 ? A ASP 240 
59 1 Y 1 A PHE 378 ? A PHE 241 
60 1 Y 1 A SER 379 ? A SER 242 
# 
loop_
_chem_comp_atom.comp_id 
_chem_comp_atom.atom_id 
_chem_comp_atom.type_symbol 
_chem_comp_atom.pdbx_aromatic_flag 
_chem_comp_atom.pdbx_stereo_config 
_chem_comp_atom.pdbx_ordinal 
A1JA0 C1   C N N 1   
A1JA0 C3   C Y N 2   
A1JA0 C4   C Y N 3   
A1JA0 C7   C Y N 4   
A1JA0 C8   C N N 5   
A1JA0 C11  C N N 6   
A1JA0 C12  C N N 7   
A1JA0 C15  C Y N 8   
A1JA0 C16  C Y N 9   
A1JA0 C17  C Y N 10  
A1JA0 C18  C Y N 11  
A1JA0 C20  C N N 12  
A1JA0 C22  C Y N 13  
A1JA0 C24  C Y N 14  
A1JA0 C25  C Y N 15  
A1JA0 O2   O N N 16  
A1JA0 C5   C Y N 17  
A1JA0 S6   S Y N 18  
A1JA0 O9   O N N 19  
A1JA0 C10  C N N 20  
A1JA0 O13  O N N 21  
A1JA0 O14  O N N 22  
A1JA0 S19  S N N 23  
A1JA0 S21  S N N 24  
A1JA0 C23  C Y N 25  
A1JA0 C26  C Y N 26  
A1JA0 C27  C N N 27  
A1JA0 O28  O N N 28  
A1JA0 C29  C N N 29  
A1JA0 C30  C N N 30  
A1JA0 C31  C N N 31  
A1JA0 O32  O N N 32  
A1JA0 O33  O N N 33  
A1JA0 S34  S Y N 34  
A1JA0 C35  C Y N 35  
A1JA0 C36  C Y N 36  
A1JA0 C37  C Y N 37  
A1JA0 O38  O N N 38  
A1JA0 C39  C N N 39  
A1JA0 H1   H N N 40  
A1JA0 H2   H N N 41  
A1JA0 H3   H N N 42  
A1JA0 H4   H N N 43  
A1JA0 H5   H N N 44  
A1JA0 H6   H N N 45  
A1JA0 H7   H N N 46  
A1JA0 H8   H N N 47  
A1JA0 H9   H N N 48  
A1JA0 H10  H N N 49  
A1JA0 H11  H N N 50  
A1JA0 H12  H N N 51  
A1JA0 H13  H N N 52  
A1JA0 H14  H N N 53  
A1JA0 H15  H N N 54  
A1JA0 H16  H N N 55  
A1JA0 H17  H N N 56  
A1JA0 H18  H N N 57  
A1JA0 H19  H N N 58  
A1JA0 H20  H N N 59  
A1JA0 H21  H N N 60  
A1JA0 H22  H N N 61  
A1JA0 H23  H N N 62  
A1JA0 H24  H N N 63  
ALA   N    N N N 64  
ALA   CA   C N S 65  
ALA   C    C N N 66  
ALA   O    O N N 67  
ALA   CB   C N N 68  
ALA   OXT  O N N 69  
ALA   H    H N N 70  
ALA   H2   H N N 71  
ALA   HA   H N N 72  
ALA   HB1  H N N 73  
ALA   HB2  H N N 74  
ALA   HB3  H N N 75  
ALA   HXT  H N N 76  
ARG   N    N N N 77  
ARG   CA   C N S 78  
ARG   C    C N N 79  
ARG   O    O N N 80  
ARG   CB   C N N 81  
ARG   CG   C N N 82  
ARG   CD   C N N 83  
ARG   NE   N N N 84  
ARG   CZ   C N N 85  
ARG   NH1  N N N 86  
ARG   NH2  N N N 87  
ARG   OXT  O N N 88  
ARG   H    H N N 89  
ARG   H2   H N N 90  
ARG   HA   H N N 91  
ARG   HB2  H N N 92  
ARG   HB3  H N N 93  
ARG   HG2  H N N 94  
ARG   HG3  H N N 95  
ARG   HD2  H N N 96  
ARG   HD3  H N N 97  
ARG   HE   H N N 98  
ARG   HH11 H N N 99  
ARG   HH12 H N N 100 
ARG   HH21 H N N 101 
ARG   HH22 H N N 102 
ARG   HXT  H N N 103 
ASN   N    N N N 104 
ASN   CA   C N S 105 
ASN   C    C N N 106 
ASN   O    O N N 107 
ASN   CB   C N N 108 
ASN   CG   C N N 109 
ASN   OD1  O N N 110 
ASN   ND2  N N N 111 
ASN   OXT  O N N 112 
ASN   H    H N N 113 
ASN   H2   H N N 114 
ASN   HA   H N N 115 
ASN   HB2  H N N 116 
ASN   HB3  H N N 117 
ASN   HD21 H N N 118 
ASN   HD22 H N N 119 
ASN   HXT  H N N 120 
ASP   N    N N N 121 
ASP   CA   C N S 122 
ASP   C    C N N 123 
ASP   O    O N N 124 
ASP   CB   C N N 125 
ASP   CG   C N N 126 
ASP   OD1  O N N 127 
ASP   OD2  O N N 128 
ASP   OXT  O N N 129 
ASP   H    H N N 130 
ASP   H2   H N N 131 
ASP   HA   H N N 132 
ASP   HB2  H N N 133 
ASP   HB3  H N N 134 
ASP   HD2  H N N 135 
ASP   HXT  H N N 136 
CYS   N    N N N 137 
CYS   CA   C N R 138 
CYS   C    C N N 139 
CYS   O    O N N 140 
CYS   CB   C N N 141 
CYS   SG   S N N 142 
CYS   OXT  O N N 143 
CYS   H    H N N 144 
CYS   H2   H N N 145 
CYS   HA   H N N 146 
CYS   HB2  H N N 147 
CYS   HB3  H N N 148 
CYS   HG   H N N 149 
CYS   HXT  H N N 150 
GLN   N    N N N 151 
GLN   CA   C N S 152 
GLN   C    C N N 153 
GLN   O    O N N 154 
GLN   CB   C N N 155 
GLN   CG   C N N 156 
GLN   CD   C N N 157 
GLN   OE1  O N N 158 
GLN   NE2  N N N 159 
GLN   OXT  O N N 160 
GLN   H    H N N 161 
GLN   H2   H N N 162 
GLN   HA   H N N 163 
GLN   HB2  H N N 164 
GLN   HB3  H N N 165 
GLN   HG2  H N N 166 
GLN   HG3  H N N 167 
GLN   HE21 H N N 168 
GLN   HE22 H N N 169 
GLN   HXT  H N N 170 
GLU   N    N N N 171 
GLU   CA   C N S 172 
GLU   C    C N N 173 
GLU   O    O N N 174 
GLU   CB   C N N 175 
GLU   CG   C N N 176 
GLU   CD   C N N 177 
GLU   OE1  O N N 178 
GLU   OE2  O N N 179 
GLU   OXT  O N N 180 
GLU   H    H N N 181 
GLU   H2   H N N 182 
GLU   HA   H N N 183 
GLU   HB2  H N N 184 
GLU   HB3  H N N 185 
GLU   HG2  H N N 186 
GLU   HG3  H N N 187 
GLU   HE2  H N N 188 
GLU   HXT  H N N 189 
GLY   N    N N N 190 
GLY   CA   C N N 191 
GLY   C    C N N 192 
GLY   O    O N N 193 
GLY   OXT  O N N 194 
GLY   H    H N N 195 
GLY   H2   H N N 196 
GLY   HA2  H N N 197 
GLY   HA3  H N N 198 
GLY   HXT  H N N 199 
HIS   N    N N N 200 
HIS   CA   C N S 201 
HIS   C    C N N 202 
HIS   O    O N N 203 
HIS   CB   C N N 204 
HIS   CG   C Y N 205 
HIS   ND1  N Y N 206 
HIS   CD2  C Y N 207 
HIS   CE1  C Y N 208 
HIS   NE2  N Y N 209 
HIS   OXT  O N N 210 
HIS   H    H N N 211 
HIS   H2   H N N 212 
HIS   HA   H N N 213 
HIS   HB2  H N N 214 
HIS   HB3  H N N 215 
HIS   HD1  H N N 216 
HIS   HD2  H N N 217 
HIS   HE1  H N N 218 
HIS   HE2  H N N 219 
HIS   HXT  H N N 220 
HOH   O    O N N 221 
HOH   H1   H N N 222 
HOH   H2   H N N 223 
ILE   N    N N N 224 
ILE   CA   C N S 225 
ILE   C    C N N 226 
ILE   O    O N N 227 
ILE   CB   C N S 228 
ILE   CG1  C N N 229 
ILE   CG2  C N N 230 
ILE   CD1  C N N 231 
ILE   OXT  O N N 232 
ILE   H    H N N 233 
ILE   H2   H N N 234 
ILE   HA   H N N 235 
ILE   HB   H N N 236 
ILE   HG12 H N N 237 
ILE   HG13 H N N 238 
ILE   HG21 H N N 239 
ILE   HG22 H N N 240 
ILE   HG23 H N N 241 
ILE   HD11 H N N 242 
ILE   HD12 H N N 243 
ILE   HD13 H N N 244 
ILE   HXT  H N N 245 
LEU   N    N N N 246 
LEU   CA   C N S 247 
LEU   C    C N N 248 
LEU   O    O N N 249 
LEU   CB   C N N 250 
LEU   CG   C N N 251 
LEU   CD1  C N N 252 
LEU   CD2  C N N 253 
LEU   OXT  O N N 254 
LEU   H    H N N 255 
LEU   H2   H N N 256 
LEU   HA   H N N 257 
LEU   HB2  H N N 258 
LEU   HB3  H N N 259 
LEU   HG   H N N 260 
LEU   HD11 H N N 261 
LEU   HD12 H N N 262 
LEU   HD13 H N N 263 
LEU   HD21 H N N 264 
LEU   HD22 H N N 265 
LEU   HD23 H N N 266 
LEU   HXT  H N N 267 
LYS   N    N N N 268 
LYS   CA   C N S 269 
LYS   C    C N N 270 
LYS   O    O N N 271 
LYS   CB   C N N 272 
LYS   CG   C N N 273 
LYS   CD   C N N 274 
LYS   CE   C N N 275 
LYS   NZ   N N N 276 
LYS   OXT  O N N 277 
LYS   H    H N N 278 
LYS   H2   H N N 279 
LYS   HA   H N N 280 
LYS   HB2  H N N 281 
LYS   HB3  H N N 282 
LYS   HG2  H N N 283 
LYS   HG3  H N N 284 
LYS   HD2  H N N 285 
LYS   HD3  H N N 286 
LYS   HE2  H N N 287 
LYS   HE3  H N N 288 
LYS   HZ1  H N N 289 
LYS   HZ2  H N N 290 
LYS   HZ3  H N N 291 
LYS   HXT  H N N 292 
MET   N    N N N 293 
MET   CA   C N S 294 
MET   C    C N N 295 
MET   O    O N N 296 
MET   CB   C N N 297 
MET   CG   C N N 298 
MET   SD   S N N 299 
MET   CE   C N N 300 
MET   OXT  O N N 301 
MET   H    H N N 302 
MET   H2   H N N 303 
MET   HA   H N N 304 
MET   HB2  H N N 305 
MET   HB3  H N N 306 
MET   HG2  H N N 307 
MET   HG3  H N N 308 
MET   HE1  H N N 309 
MET   HE2  H N N 310 
MET   HE3  H N N 311 
MET   HXT  H N N 312 
PHE   N    N N N 313 
PHE   CA   C N S 314 
PHE   C    C N N 315 
PHE   O    O N N 316 
PHE   CB   C N N 317 
PHE   CG   C Y N 318 
PHE   CD1  C Y N 319 
PHE   CD2  C Y N 320 
PHE   CE1  C Y N 321 
PHE   CE2  C Y N 322 
PHE   CZ   C Y N 323 
PHE   OXT  O N N 324 
PHE   H    H N N 325 
PHE   H2   H N N 326 
PHE   HA   H N N 327 
PHE   HB2  H N N 328 
PHE   HB3  H N N 329 
PHE   HD1  H N N 330 
PHE   HD2  H N N 331 
PHE   HE1  H N N 332 
PHE   HE2  H N N 333 
PHE   HZ   H N N 334 
PHE   HXT  H N N 335 
PRO   N    N N N 336 
PRO   CA   C N S 337 
PRO   C    C N N 338 
PRO   O    O N N 339 
PRO   CB   C N N 340 
PRO   CG   C N N 341 
PRO   CD   C N N 342 
PRO   OXT  O N N 343 
PRO   H    H N N 344 
PRO   HA   H N N 345 
PRO   HB2  H N N 346 
PRO   HB3  H N N 347 
PRO   HG2  H N N 348 
PRO   HG3  H N N 349 
PRO   HD2  H N N 350 
PRO   HD3  H N N 351 
PRO   HXT  H N N 352 
SER   N    N N N 353 
SER   CA   C N S 354 
SER   C    C N N 355 
SER   O    O N N 356 
SER   CB   C N N 357 
SER   OG   O N N 358 
SER   OXT  O N N 359 
SER   H    H N N 360 
SER   H2   H N N 361 
SER   HA   H N N 362 
SER   HB2  H N N 363 
SER   HB3  H N N 364 
SER   HG   H N N 365 
SER   HXT  H N N 366 
THR   N    N N N 367 
THR   CA   C N S 368 
THR   C    C N N 369 
THR   O    O N N 370 
THR   CB   C N R 371 
THR   OG1  O N N 372 
THR   CG2  C N N 373 
THR   OXT  O N N 374 
THR   H    H N N 375 
THR   H2   H N N 376 
THR   HA   H N N 377 
THR   HB   H N N 378 
THR   HG1  H N N 379 
THR   HG21 H N N 380 
THR   HG22 H N N 381 
THR   HG23 H N N 382 
THR   HXT  H N N 383 
TRP   N    N N N 384 
TRP   CA   C N S 385 
TRP   C    C N N 386 
TRP   O    O N N 387 
TRP   CB   C N N 388 
TRP   CG   C Y N 389 
TRP   CD1  C Y N 390 
TRP   CD2  C Y N 391 
TRP   NE1  N Y N 392 
TRP   CE2  C Y N 393 
TRP   CE3  C Y N 394 
TRP   CZ2  C Y N 395 
TRP   CZ3  C Y N 396 
TRP   CH2  C Y N 397 
TRP   OXT  O N N 398 
TRP   H    H N N 399 
TRP   H2   H N N 400 
TRP   HA   H N N 401 
TRP   HB2  H N N 402 
TRP   HB3  H N N 403 
TRP   HD1  H N N 404 
TRP   HE1  H N N 405 
TRP   HE3  H N N 406 
TRP   HZ2  H N N 407 
TRP   HZ3  H N N 408 
TRP   HH2  H N N 409 
TRP   HXT  H N N 410 
TYR   N    N N N 411 
TYR   CA   C N S 412 
TYR   C    C N N 413 
TYR   O    O N N 414 
TYR   CB   C N N 415 
TYR   CG   C Y N 416 
TYR   CD1  C Y N 417 
TYR   CD2  C Y N 418 
TYR   CE1  C Y N 419 
TYR   CE2  C Y N 420 
TYR   CZ   C Y N 421 
TYR   OH   O N N 422 
TYR   OXT  O N N 423 
TYR   H    H N N 424 
TYR   H2   H N N 425 
TYR   HA   H N N 426 
TYR   HB2  H N N 427 
TYR   HB3  H N N 428 
TYR   HD1  H N N 429 
TYR   HD2  H N N 430 
TYR   HE1  H N N 431 
TYR   HE2  H N N 432 
TYR   HH   H N N 433 
TYR   HXT  H N N 434 
VAL   N    N N N 435 
VAL   CA   C N S 436 
VAL   C    C N N 437 
VAL   O    O N N 438 
VAL   CB   C N N 439 
VAL   CG1  C N N 440 
VAL   CG2  C N N 441 
VAL   OXT  O N N 442 
VAL   H    H N N 443 
VAL   H2   H N N 444 
VAL   HA   H N N 445 
VAL   HB   H N N 446 
VAL   HG11 H N N 447 
VAL   HG12 H N N 448 
VAL   HG13 H N N 449 
VAL   HG21 H N N 450 
VAL   HG22 H N N 451 
VAL   HG23 H N N 452 
VAL   HXT  H N N 453 
# 
loop_
_chem_comp_bond.comp_id 
_chem_comp_bond.atom_id_1 
_chem_comp_bond.atom_id_2 
_chem_comp_bond.value_order 
_chem_comp_bond.pdbx_aromatic_flag 
_chem_comp_bond.pdbx_stereo_config 
_chem_comp_bond.pdbx_ordinal 
A1JA0 O14 C12  doub N N 1   
A1JA0 C12 O13  sing N N 2   
A1JA0 C12 C11  sing N N 3   
A1JA0 C39 O38  sing N N 4   
A1JA0 O38 C37  sing N N 5   
A1JA0 C11 C10  sing N N 6   
A1JA0 C36 C37  doub Y N 7   
A1JA0 C36 C35  sing Y N 8   
A1JA0 C37 C22  sing Y N 9   
A1JA0 C35 S34  sing Y N 10  
A1JA0 C35 C24  doub Y N 11  
A1JA0 S34 C26  sing Y N 12  
A1JA0 C22 S21  sing N N 13  
A1JA0 C22 C23  doub Y N 14  
A1JA0 S21 C20  sing N N 15  
A1JA0 C10 C8   sing N N 16  
A1JA0 C24 C23  sing Y N 17  
A1JA0 C24 C25  sing Y N 18  
A1JA0 C26 C25  doub Y N 19  
A1JA0 C26 C27  sing N N 20  
A1JA0 O28 C27  doub N N 21  
A1JA0 C8  C7   sing N N 22  
A1JA0 C8  O9   doub N N 23  
A1JA0 C15 C7   doub Y N 24  
A1JA0 C15 C16  sing Y N 25  
A1JA0 C27 C29  sing N N 26  
A1JA0 C20 S19  sing N N 27  
A1JA0 C7  S6   sing Y N 28  
A1JA0 C17 C16  doub Y N 29  
A1JA0 C17 C18  sing Y N 30  
A1JA0 C16 C5   sing Y N 31  
A1JA0 S19 C18  sing N N 32  
A1JA0 C29 C30  sing N N 33  
A1JA0 C18 C3   doub Y N 34  
A1JA0 C5  S6   sing Y N 35  
A1JA0 C5  C4   doub Y N 36  
A1JA0 C3  C4   sing Y N 37  
A1JA0 C3  O2   sing N N 38  
A1JA0 C30 C31  sing N N 39  
A1JA0 O32 C31  doub N N 40  
A1JA0 O2  C1   sing N N 41  
A1JA0 C31 O33  sing N N 42  
A1JA0 C1  H1   sing N N 43  
A1JA0 C1  H2   sing N N 44  
A1JA0 C1  H3   sing N N 45  
A1JA0 C4  H4   sing N N 46  
A1JA0 C11 H5   sing N N 47  
A1JA0 C11 H6   sing N N 48  
A1JA0 C15 H7   sing N N 49  
A1JA0 C17 H8   sing N N 50  
A1JA0 C20 H9   sing N N 51  
A1JA0 C20 H10  sing N N 52  
A1JA0 C25 H11  sing N N 53  
A1JA0 C10 H12  sing N N 54  
A1JA0 C10 H13  sing N N 55  
A1JA0 O13 H14  sing N N 56  
A1JA0 C23 H15  sing N N 57  
A1JA0 C29 H16  sing N N 58  
A1JA0 C29 H17  sing N N 59  
A1JA0 C30 H18  sing N N 60  
A1JA0 C30 H19  sing N N 61  
A1JA0 O33 H20  sing N N 62  
A1JA0 C36 H21  sing N N 63  
A1JA0 C39 H22  sing N N 64  
A1JA0 C39 H23  sing N N 65  
A1JA0 C39 H24  sing N N 66  
ALA   N   CA   sing N N 67  
ALA   N   H    sing N N 68  
ALA   N   H2   sing N N 69  
ALA   CA  C    sing N N 70  
ALA   CA  CB   sing N N 71  
ALA   CA  HA   sing N N 72  
ALA   C   O    doub N N 73  
ALA   C   OXT  sing N N 74  
ALA   CB  HB1  sing N N 75  
ALA   CB  HB2  sing N N 76  
ALA   CB  HB3  sing N N 77  
ALA   OXT HXT  sing N N 78  
ARG   N   CA   sing N N 79  
ARG   N   H    sing N N 80  
ARG   N   H2   sing N N 81  
ARG   CA  C    sing N N 82  
ARG   CA  CB   sing N N 83  
ARG   CA  HA   sing N N 84  
ARG   C   O    doub N N 85  
ARG   C   OXT  sing N N 86  
ARG   CB  CG   sing N N 87  
ARG   CB  HB2  sing N N 88  
ARG   CB  HB3  sing N N 89  
ARG   CG  CD   sing N N 90  
ARG   CG  HG2  sing N N 91  
ARG   CG  HG3  sing N N 92  
ARG   CD  NE   sing N N 93  
ARG   CD  HD2  sing N N 94  
ARG   CD  HD3  sing N N 95  
ARG   NE  CZ   sing N N 96  
ARG   NE  HE   sing N N 97  
ARG   CZ  NH1  sing N N 98  
ARG   CZ  NH2  doub N N 99  
ARG   NH1 HH11 sing N N 100 
ARG   NH1 HH12 sing N N 101 
ARG   NH2 HH21 sing N N 102 
ARG   NH2 HH22 sing N N 103 
ARG   OXT HXT  sing N N 104 
ASN   N   CA   sing N N 105 
ASN   N   H    sing N N 106 
ASN   N   H2   sing N N 107 
ASN   CA  C    sing N N 108 
ASN   CA  CB   sing N N 109 
ASN   CA  HA   sing N N 110 
ASN   C   O    doub N N 111 
ASN   C   OXT  sing N N 112 
ASN   CB  CG   sing N N 113 
ASN   CB  HB2  sing N N 114 
ASN   CB  HB3  sing N N 115 
ASN   CG  OD1  doub N N 116 
ASN   CG  ND2  sing N N 117 
ASN   ND2 HD21 sing N N 118 
ASN   ND2 HD22 sing N N 119 
ASN   OXT HXT  sing N N 120 
ASP   N   CA   sing N N 121 
ASP   N   H    sing N N 122 
ASP   N   H2   sing N N 123 
ASP   CA  C    sing N N 124 
ASP   CA  CB   sing N N 125 
ASP   CA  HA   sing N N 126 
ASP   C   O    doub N N 127 
ASP   C   OXT  sing N N 128 
ASP   CB  CG   sing N N 129 
ASP   CB  HB2  sing N N 130 
ASP   CB  HB3  sing N N 131 
ASP   CG  OD1  doub N N 132 
ASP   CG  OD2  sing N N 133 
ASP   OD2 HD2  sing N N 134 
ASP   OXT HXT  sing N N 135 
CYS   N   CA   sing N N 136 
CYS   N   H    sing N N 137 
CYS   N   H2   sing N N 138 
CYS   CA  C    sing N N 139 
CYS   CA  CB   sing N N 140 
CYS   CA  HA   sing N N 141 
CYS   C   O    doub N N 142 
CYS   C   OXT  sing N N 143 
CYS   CB  SG   sing N N 144 
CYS   CB  HB2  sing N N 145 
CYS   CB  HB3  sing N N 146 
CYS   SG  HG   sing N N 147 
CYS   OXT HXT  sing N N 148 
GLN   N   CA   sing N N 149 
GLN   N   H    sing N N 150 
GLN   N   H2   sing N N 151 
GLN   CA  C    sing N N 152 
GLN   CA  CB   sing N N 153 
GLN   CA  HA   sing N N 154 
GLN   C   O    doub N N 155 
GLN   C   OXT  sing N N 156 
GLN   CB  CG   sing N N 157 
GLN   CB  HB2  sing N N 158 
GLN   CB  HB3  sing N N 159 
GLN   CG  CD   sing N N 160 
GLN   CG  HG2  sing N N 161 
GLN   CG  HG3  sing N N 162 
GLN   CD  OE1  doub N N 163 
GLN   CD  NE2  sing N N 164 
GLN   NE2 HE21 sing N N 165 
GLN   NE2 HE22 sing N N 166 
GLN   OXT HXT  sing N N 167 
GLU   N   CA   sing N N 168 
GLU   N   H    sing N N 169 
GLU   N   H2   sing N N 170 
GLU   CA  C    sing N N 171 
GLU   CA  CB   sing N N 172 
GLU   CA  HA   sing N N 173 
GLU   C   O    doub N N 174 
GLU   C   OXT  sing N N 175 
GLU   CB  CG   sing N N 176 
GLU   CB  HB2  sing N N 177 
GLU   CB  HB3  sing N N 178 
GLU   CG  CD   sing N N 179 
GLU   CG  HG2  sing N N 180 
GLU   CG  HG3  sing N N 181 
GLU   CD  OE1  doub N N 182 
GLU   CD  OE2  sing N N 183 
GLU   OE2 HE2  sing N N 184 
GLU   OXT HXT  sing N N 185 
GLY   N   CA   sing N N 186 
GLY   N   H    sing N N 187 
GLY   N   H2   sing N N 188 
GLY   CA  C    sing N N 189 
GLY   CA  HA2  sing N N 190 
GLY   CA  HA3  sing N N 191 
GLY   C   O    doub N N 192 
GLY   C   OXT  sing N N 193 
GLY   OXT HXT  sing N N 194 
HIS   N   CA   sing N N 195 
HIS   N   H    sing N N 196 
HIS   N   H2   sing N N 197 
HIS   CA  C    sing N N 198 
HIS   CA  CB   sing N N 199 
HIS   CA  HA   sing N N 200 
HIS   C   O    doub N N 201 
HIS   C   OXT  sing N N 202 
HIS   CB  CG   sing N N 203 
HIS   CB  HB2  sing N N 204 
HIS   CB  HB3  sing N N 205 
HIS   CG  ND1  sing Y N 206 
HIS   CG  CD2  doub Y N 207 
HIS   ND1 CE1  doub Y N 208 
HIS   ND1 HD1  sing N N 209 
HIS   CD2 NE2  sing Y N 210 
HIS   CD2 HD2  sing N N 211 
HIS   CE1 NE2  sing Y N 212 
HIS   CE1 HE1  sing N N 213 
HIS   NE2 HE2  sing N N 214 
HIS   OXT HXT  sing N N 215 
HOH   O   H1   sing N N 216 
HOH   O   H2   sing N N 217 
ILE   N   CA   sing N N 218 
ILE   N   H    sing N N 219 
ILE   N   H2   sing N N 220 
ILE   CA  C    sing N N 221 
ILE   CA  CB   sing N N 222 
ILE   CA  HA   sing N N 223 
ILE   C   O    doub N N 224 
ILE   C   OXT  sing N N 225 
ILE   CB  CG1  sing N N 226 
ILE   CB  CG2  sing N N 227 
ILE   CB  HB   sing N N 228 
ILE   CG1 CD1  sing N N 229 
ILE   CG1 HG12 sing N N 230 
ILE   CG1 HG13 sing N N 231 
ILE   CG2 HG21 sing N N 232 
ILE   CG2 HG22 sing N N 233 
ILE   CG2 HG23 sing N N 234 
ILE   CD1 HD11 sing N N 235 
ILE   CD1 HD12 sing N N 236 
ILE   CD1 HD13 sing N N 237 
ILE   OXT HXT  sing N N 238 
LEU   N   CA   sing N N 239 
LEU   N   H    sing N N 240 
LEU   N   H2   sing N N 241 
LEU   CA  C    sing N N 242 
LEU   CA  CB   sing N N 243 
LEU   CA  HA   sing N N 244 
LEU   C   O    doub N N 245 
LEU   C   OXT  sing N N 246 
LEU   CB  CG   sing N N 247 
LEU   CB  HB2  sing N N 248 
LEU   CB  HB3  sing N N 249 
LEU   CG  CD1  sing N N 250 
LEU   CG  CD2  sing N N 251 
LEU   CG  HG   sing N N 252 
LEU   CD1 HD11 sing N N 253 
LEU   CD1 HD12 sing N N 254 
LEU   CD1 HD13 sing N N 255 
LEU   CD2 HD21 sing N N 256 
LEU   CD2 HD22 sing N N 257 
LEU   CD2 HD23 sing N N 258 
LEU   OXT HXT  sing N N 259 
LYS   N   CA   sing N N 260 
LYS   N   H    sing N N 261 
LYS   N   H2   sing N N 262 
LYS   CA  C    sing N N 263 
LYS   CA  CB   sing N N 264 
LYS   CA  HA   sing N N 265 
LYS   C   O    doub N N 266 
LYS   C   OXT  sing N N 267 
LYS   CB  CG   sing N N 268 
LYS   CB  HB2  sing N N 269 
LYS   CB  HB3  sing N N 270 
LYS   CG  CD   sing N N 271 
LYS   CG  HG2  sing N N 272 
LYS   CG  HG3  sing N N 273 
LYS   CD  CE   sing N N 274 
LYS   CD  HD2  sing N N 275 
LYS   CD  HD3  sing N N 276 
LYS   CE  NZ   sing N N 277 
LYS   CE  HE2  sing N N 278 
LYS   CE  HE3  sing N N 279 
LYS   NZ  HZ1  sing N N 280 
LYS   NZ  HZ2  sing N N 281 
LYS   NZ  HZ3  sing N N 282 
LYS   OXT HXT  sing N N 283 
MET   N   CA   sing N N 284 
MET   N   H    sing N N 285 
MET   N   H2   sing N N 286 
MET   CA  C    sing N N 287 
MET   CA  CB   sing N N 288 
MET   CA  HA   sing N N 289 
MET   C   O    doub N N 290 
MET   C   OXT  sing N N 291 
MET   CB  CG   sing N N 292 
MET   CB  HB2  sing N N 293 
MET   CB  HB3  sing N N 294 
MET   CG  SD   sing N N 295 
MET   CG  HG2  sing N N 296 
MET   CG  HG3  sing N N 297 
MET   SD  CE   sing N N 298 
MET   CE  HE1  sing N N 299 
MET   CE  HE2  sing N N 300 
MET   CE  HE3  sing N N 301 
MET   OXT HXT  sing N N 302 
PHE   N   CA   sing N N 303 
PHE   N   H    sing N N 304 
PHE   N   H2   sing N N 305 
PHE   CA  C    sing N N 306 
PHE   CA  CB   sing N N 307 
PHE   CA  HA   sing N N 308 
PHE   C   O    doub N N 309 
PHE   C   OXT  sing N N 310 
PHE   CB  CG   sing N N 311 
PHE   CB  HB2  sing N N 312 
PHE   CB  HB3  sing N N 313 
PHE   CG  CD1  doub Y N 314 
PHE   CG  CD2  sing Y N 315 
PHE   CD1 CE1  sing Y N 316 
PHE   CD1 HD1  sing N N 317 
PHE   CD2 CE2  doub Y N 318 
PHE   CD2 HD2  sing N N 319 
PHE   CE1 CZ   doub Y N 320 
PHE   CE1 HE1  sing N N 321 
PHE   CE2 CZ   sing Y N 322 
PHE   CE2 HE2  sing N N 323 
PHE   CZ  HZ   sing N N 324 
PHE   OXT HXT  sing N N 325 
PRO   N   CA   sing N N 326 
PRO   N   CD   sing N N 327 
PRO   N   H    sing N N 328 
PRO   CA  C    sing N N 329 
PRO   CA  CB   sing N N 330 
PRO   CA  HA   sing N N 331 
PRO   C   O    doub N N 332 
PRO   C   OXT  sing N N 333 
PRO   CB  CG   sing N N 334 
PRO   CB  HB2  sing N N 335 
PRO   CB  HB3  sing N N 336 
PRO   CG  CD   sing N N 337 
PRO   CG  HG2  sing N N 338 
PRO   CG  HG3  sing N N 339 
PRO   CD  HD2  sing N N 340 
PRO   CD  HD3  sing N N 341 
PRO   OXT HXT  sing N N 342 
SER   N   CA   sing N N 343 
SER   N   H    sing N N 344 
SER   N   H2   sing N N 345 
SER   CA  C    sing N N 346 
SER   CA  CB   sing N N 347 
SER   CA  HA   sing N N 348 
SER   C   O    doub N N 349 
SER   C   OXT  sing N N 350 
SER   CB  OG   sing N N 351 
SER   CB  HB2  sing N N 352 
SER   CB  HB3  sing N N 353 
SER   OG  HG   sing N N 354 
SER   OXT HXT  sing N N 355 
THR   N   CA   sing N N 356 
THR   N   H    sing N N 357 
THR   N   H2   sing N N 358 
THR   CA  C    sing N N 359 
THR   CA  CB   sing N N 360 
THR   CA  HA   sing N N 361 
THR   C   O    doub N N 362 
THR   C   OXT  sing N N 363 
THR   CB  OG1  sing N N 364 
THR   CB  CG2  sing N N 365 
THR   CB  HB   sing N N 366 
THR   OG1 HG1  sing N N 367 
THR   CG2 HG21 sing N N 368 
THR   CG2 HG22 sing N N 369 
THR   CG2 HG23 sing N N 370 
THR   OXT HXT  sing N N 371 
TRP   N   CA   sing N N 372 
TRP   N   H    sing N N 373 
TRP   N   H2   sing N N 374 
TRP   CA  C    sing N N 375 
TRP   CA  CB   sing N N 376 
TRP   CA  HA   sing N N 377 
TRP   C   O    doub N N 378 
TRP   C   OXT  sing N N 379 
TRP   CB  CG   sing N N 380 
TRP   CB  HB2  sing N N 381 
TRP   CB  HB3  sing N N 382 
TRP   CG  CD1  doub Y N 383 
TRP   CG  CD2  sing Y N 384 
TRP   CD1 NE1  sing Y N 385 
TRP   CD1 HD1  sing N N 386 
TRP   CD2 CE2  doub Y N 387 
TRP   CD2 CE3  sing Y N 388 
TRP   NE1 CE2  sing Y N 389 
TRP   NE1 HE1  sing N N 390 
TRP   CE2 CZ2  sing Y N 391 
TRP   CE3 CZ3  doub Y N 392 
TRP   CE3 HE3  sing N N 393 
TRP   CZ2 CH2  doub Y N 394 
TRP   CZ2 HZ2  sing N N 395 
TRP   CZ3 CH2  sing Y N 396 
TRP   CZ3 HZ3  sing N N 397 
TRP   CH2 HH2  sing N N 398 
TRP   OXT HXT  sing N N 399 
TYR   N   CA   sing N N 400 
TYR   N   H    sing N N 401 
TYR   N   H2   sing N N 402 
TYR   CA  C    sing N N 403 
TYR   CA  CB   sing N N 404 
TYR   CA  HA   sing N N 405 
TYR   C   O    doub N N 406 
TYR   C   OXT  sing N N 407 
TYR   CB  CG   sing N N 408 
TYR   CB  HB2  sing N N 409 
TYR   CB  HB3  sing N N 410 
TYR   CG  CD1  doub Y N 411 
TYR   CG  CD2  sing Y N 412 
TYR   CD1 CE1  sing Y N 413 
TYR   CD1 HD1  sing N N 414 
TYR   CD2 CE2  doub Y N 415 
TYR   CD2 HD2  sing N N 416 
TYR   CE1 CZ   doub Y N 417 
TYR   CE1 HE1  sing N N 418 
TYR   CE2 CZ   sing Y N 419 
TYR   CE2 HE2  sing N N 420 
TYR   CZ  OH   sing N N 421 
TYR   OH  HH   sing N N 422 
TYR   OXT HXT  sing N N 423 
VAL   N   CA   sing N N 424 
VAL   N   H    sing N N 425 
VAL   N   H2   sing N N 426 
VAL   CA  C    sing N N 427 
VAL   CA  CB   sing N N 428 
VAL   CA  HA   sing N N 429 
VAL   C   O    doub N N 430 
VAL   C   OXT  sing N N 431 
VAL   CB  CG1  sing N N 432 
VAL   CB  CG2  sing N N 433 
VAL   CB  HB   sing N N 434 
VAL   CG1 HG11 sing N N 435 
VAL   CG1 HG12 sing N N 436 
VAL   CG1 HG13 sing N N 437 
VAL   CG2 HG21 sing N N 438 
VAL   CG2 HG22 sing N N 439 
VAL   CG2 HG23 sing N N 440 
VAL   OXT HXT  sing N N 441 
# 
_pdbx_audit_support.funding_organization   'Alzheimers Research UK (ARUK)' 
_pdbx_audit_support.country                'United Kingdom' 
_pdbx_audit_support.grant_number           ARUK-2015DDI-CAM 
_pdbx_audit_support.ordinal                1 
# 
_pdbx_initial_refinement_model.id               1 
_pdbx_initial_refinement_model.entity_id_list   ? 
_pdbx_initial_refinement_model.type             'experimental model' 
_pdbx_initial_refinement_model.source_name      Other 
_pdbx_initial_refinement_model.accession_code   ? 
_pdbx_initial_refinement_model.details          'internal structure' 
# 
_atom_sites.entry_id                    9QVT 
_atom_sites.Cartn_transf_matrix[1][1]   ? 
_atom_sites.Cartn_transf_matrix[1][2]   ? 
_atom_sites.Cartn_transf_matrix[1][3]   ? 
_atom_sites.Cartn_transf_matrix[2][1]   ? 
_atom_sites.Cartn_transf_matrix[2][2]   ? 
_atom_sites.Cartn_transf_matrix[2][3]   ? 
_atom_sites.Cartn_transf_matrix[3][1]   ? 
_atom_sites.Cartn_transf_matrix[3][2]   ? 
_atom_sites.Cartn_transf_matrix[3][3]   ? 
_atom_sites.Cartn_transf_vector[1]      ? 
_atom_sites.Cartn_transf_vector[2]      ? 
_atom_sites.Cartn_transf_vector[3]      ? 
_atom_sites.Cartn_transform_axes        ? 
_atom_sites.fract_transf_matrix[1][1]   0.00608481 
_atom_sites.fract_transf_matrix[1][2]   0.00241790 
_atom_sites.fract_transf_matrix[1][3]   -0.00915303 
_atom_sites.fract_transf_matrix[2][1]   0.00494294 
_atom_sites.fract_transf_matrix[2][2]   0.01064685 
_atom_sites.fract_transf_matrix[2][3]   0.00609851 
_atom_sites.fract_transf_matrix[3][1]   0.02423336 
_atom_sites.fract_transf_matrix[3][2]   -0.01534775 
_atom_sites.fract_transf_matrix[3][3]   0.00715275 
_atom_sites.fract_transf_vector[1]      0.352090 
_atom_sites.fract_transf_vector[2]      0.088005 
_atom_sites.fract_transf_vector[3]      0.447507 
_atom_sites.solution_primary            ? 
_atom_sites.solution_secondary          ? 
_atom_sites.solution_hydrogens          ? 
_atom_sites.special_details             ? 
# 
loop_
_atom_type.symbol 
C 
N 
O 
S 
# 
loop_
_atom_site.group_PDB 
_atom_site.id 
_atom_site.type_symbol 
_atom_site.label_atom_id 
_atom_site.label_alt_id 
_atom_site.label_comp_id 
_atom_site.label_asym_id 
_atom_site.label_entity_id 
_atom_site.label_seq_id 
_atom_site.pdbx_PDB_ins_code 
_atom_site.Cartn_x 
_atom_site.Cartn_y 
_atom_site.Cartn_z 
_atom_site.occupancy 
_atom_site.B_iso_or_equiv 
_atom_site.pdbx_formal_charge 
_atom_site.auth_seq_id 
_atom_site.auth_comp_id 
_atom_site.auth_asym_id 
_atom_site.auth_atom_id 
_atom_site.pdbx_PDB_model_num 
ATOM   1    N N   . ASN   A 1 17  ? -2.226  -14.234 -16.314 1.00 58.63 ?  154 ASN   A N   1 
ATOM   2    C CA  . ASN   A 1 17  ? -0.919  -13.960 -16.914 1.00 59.03 ?  154 ASN   A CA  1 
ATOM   3    C C   . ASN   A 1 17  ? -0.432  -12.494 -16.731 1.00 59.07 ?  154 ASN   A C   1 
ATOM   4    O O   . ASN   A 1 17  ? 0.741   -12.280 -16.425 1.00 59.23 ?  154 ASN   A O   1 
ATOM   5    C CB  . ASN   A 1 17  ? -0.904  -14.368 -18.390 1.00 60.03 ?  154 ASN   A CB  1 
ATOM   6    N N   . VAL   A 1 18  ? -1.314  -11.503 -16.895 1.00 58.48 ?  155 VAL   A N   1 
ATOM   7    C CA  . VAL   A 1 18  ? -0.920  -10.066 -16.787 1.00 58.31 ?  155 VAL   A CA  1 
ATOM   8    C C   . VAL   A 1 18  ? -0.595  -9.753  -15.323 1.00 58.04 ?  155 VAL   A C   1 
ATOM   9    O O   . VAL   A 1 18  ? 0.514   -9.253  -15.074 1.00 58.36 ?  155 VAL   A O   1 
ATOM   10   C CB  . VAL   A 1 18  ? -2.014  -9.108  -17.287 1.00 59.36 ?  155 VAL   A CB  1 
ATOM   11   C CG1 . VAL   A 1 18  ? -1.653  -7.651  -17.035 1.00 59.84 ?  155 VAL   A CG1 1 
ATOM   12   C CG2 . VAL   A 1 18  ? -2.348  -9.338  -18.753 1.00 60.29 ?  155 VAL   A CG2 1 
ATOM   13   N N   . ALA   A 1 19  ? -1.559  -9.954  -14.419 1.00 57.08 ?  156 ALA   A N   1 
ATOM   14   C CA  . ALA   A 1 19  ? -1.389  -9.690  -12.972 1.00 56.01 ?  156 ALA   A CA  1 
ATOM   15   C C   . ALA   A 1 19  ? -0.094  -10.319 -12.481 1.00 54.71 ?  156 ALA   A C   1 
ATOM   16   O O   . ALA   A 1 19  ? 0.541   -9.736  -11.594 1.00 55.06 ?  156 ALA   A O   1 
ATOM   17   C CB  . ALA   A 1 19  ? -2.568  -10.253 -12.220 1.00 56.18 ?  156 ALA   A CB  1 
ATOM   18   N N   . HIS   A 1 20  ? 0.256   -11.486 -13.013 1.00 53.22 ?  157 HIS   A N   1 
ATOM   19   C CA  . HIS   A 1 20  ? 1.484   -12.202 -12.596 1.00 52.70 ?  157 HIS   A CA  1 
ATOM   20   C C   . HIS   A 1 20  ? 2.664   -11.266 -12.823 1.00 51.65 ?  157 HIS   A C   1 
ATOM   21   O O   . HIS   A 1 20  ? 3.407   -10.996 -11.870 1.00 51.51 ?  157 HIS   A O   1 
ATOM   22   C CB  . HIS   A 1 20  ? 1.617   -13.508 -13.380 1.00 53.87 ?  157 HIS   A CB  1 
ATOM   23   C CG  . HIS   A 1 20  ? 2.565   -14.475 -12.774 1.00 56.57 ?  157 HIS   A CG  1 
ATOM   24   N ND1 . HIS   A 1 20  ? 2.183   -15.335 -11.769 1.00 58.80 ?  157 HIS   A ND1 1 
ATOM   25   C CD2 . HIS   A 1 20  ? 3.858   -14.714 -13.003 1.00 57.98 ?  157 HIS   A CD2 1 
ATOM   26   C CE1 . HIS   A 1 20  ? 3.223   -16.072 -11.415 1.00 59.45 ?  157 HIS   A CE1 1 
ATOM   27   N NE2 . HIS   A 1 20  ? 4.247   -15.718 -12.159 1.00 59.41 ?  157 HIS   A NE2 1 
ATOM   28   N N   . GLY   A 1 21  ? 2.792   -10.742 -14.038 1.00 50.80 ?  158 GLY   A N   1 
ATOM   29   C CA  . GLY   A 1 21  ? 3.917   -9.858  -14.380 1.00 50.69 ?  158 GLY   A CA  1 
ATOM   30   C C   . GLY   A 1 21  ? 3.981   -8.687  -13.432 1.00 50.02 ?  158 GLY   A C   1 
ATOM   31   O O   . GLY   A 1 21  ? 4.989   -8.608  -12.773 1.00 50.19 ?  158 GLY   A O   1 
ATOM   32   N N   . LEU   A 1 22  ? 2.905   -7.899  -13.342 1.00 49.04 ?  159 LEU   A N   1 
ATOM   33   C CA  . LEU   A 1 22  ? 2.823   -6.677  -12.502 1.00 48.83 ?  159 LEU   A CA  1 
ATOM   34   C C   . LEU   A 1 22  ? 3.254   -6.926  -11.052 1.00 48.48 ?  159 LEU   A C   1 
ATOM   35   O O   . LEU   A 1 22  ? 3.842   -6.004  -10.479 1.00 48.43 ?  159 LEU   A O   1 
ATOM   36   C CB  . LEU   A 1 22  ? 1.373   -6.205  -12.563 1.00 48.86 ?  159 LEU   A CB  1 
ATOM   37   C CG  . LEU   A 1 22  ? 0.940   -5.501  -13.851 1.00 49.86 ?  159 LEU   A CG  1 
ATOM   38   C CD1 . LEU   A 1 22  ? -0.568  -5.548  -13.979 1.00 50.10 ?  159 LEU   A CD1 1 
ATOM   39   C CD2 . LEU   A 1 22  ? 1.433   -4.067  -13.872 1.00 50.49 ?  159 LEU   A CD2 1 
ATOM   40   N N   . ALA   A 1 23  ? 2.901   -8.067  -10.454 1.00 47.80 ?  160 ALA   A N   1 
ATOM   41   C CA  . ALA   A 1 23  ? 3.274   -8.383  -9.087  1.00 47.18 ?  160 ALA   A CA  1 
ATOM   42   C C   . ALA   A 1 23  ? 4.782   -8.576  -8.996  1.00 46.69 ?  160 ALA   A C   1 
ATOM   43   O O   . ALA   A 1 23  ? 5.412   -8.033  -8.092  1.00 47.33 ?  160 ALA   A O   1 
ATOM   44   C CB  . ALA   A 1 23  ? 2.544   -9.625  -8.628  1.00 47.20 ?  160 ALA   A CB  1 
ATOM   45   N N   . TRP   A 1 24  ? 5.376   -9.268  -9.976  1.00 45.47 ?  161 TRP   A N   1 
ATOM   46   C CA  . TRP   A 1 24  ? 6.818   -9.473  -10.031 1.00 44.49 ?  161 TRP   A CA  1 
ATOM   47   C C   . TRP   A 1 24  ? 7.561   -8.156  -10.259 1.00 42.53 ?  161 TRP   A C   1 
ATOM   48   O O   . TRP   A 1 24  ? 8.513   -7.856  -9.550  1.00 42.26 ?  161 TRP   A O   1 
ATOM   49   C CB  . TRP   A 1 24  ? 7.162   -10.486 -11.128 1.00 44.77 ?  161 TRP   A CB  1 
ATOM   50   C CG  . TRP   A 1 24  ? 6.939   -11.895 -10.684 1.00 45.59 ?  161 TRP   A CG  1 
ATOM   51   C CD1 . TRP   A 1 24  ? 5.886   -12.704 -10.996 1.00 46.55 ?  161 TRP   A CD1 1 
ATOM   52   C CD2 . TRP   A 1 24  ? 7.758   -12.632 -9.775  1.00 45.81 ?  161 TRP   A CD2 1 
ATOM   53   N NE1 . TRP   A 1 24  ? 6.003   -13.904 -10.341 1.00 47.02 ?  161 TRP   A NE1 1 
ATOM   54   C CE2 . TRP   A 1 24  ? 7.144   -13.884 -9.578  1.00 46.68 ?  161 TRP   A CE2 1 
ATOM   55   C CE3 . TRP   A 1 24  ? 8.943   -12.346 -9.091  1.00 46.46 ?  161 TRP   A CE3 1 
ATOM   56   C CZ2 . TRP   A 1 24  ? 7.687   -14.853 -8.743  1.00 47.29 ?  161 TRP   A CZ2 1 
ATOM   57   C CZ3 . TRP   A 1 24  ? 9.488   -13.316 -8.283  1.00 47.48 ?  161 TRP   A CZ3 1 
ATOM   58   C CH2 . TRP   A 1 24  ? 8.852   -14.545 -8.099  1.00 47.54 ?  161 TRP   A CH2 1 
ATOM   59   N N   . SER   A 1 25  ? 7.061   -7.336  -11.186 1.00 40.75 ?  162 SER   A N   1 
ATOM   60   C CA  . SER   A 1 25  ? 7.700   -6.041  -11.537 1.00 39.34 ?  162 SER   A CA  1 
ATOM   61   C C   . SER   A 1 25  ? 7.506   -5.018  -10.409 1.00 36.83 ?  162 SER   A C   1 
ATOM   62   O O   . SER   A 1 25  ? 8.275   -4.044  -10.383 1.00 36.61 ?  162 SER   A O   1 
ATOM   63   C CB  . SER   A 1 25  ? 7.138   -5.530  -12.831 1.00 41.04 ?  162 SER   A CB  1 
ATOM   64   O OG  . SER   A 1 25  ? 7.280   -6.487  -13.871 1.00 44.18 ?  162 SER   A OG  1 
ATOM   65   N N   . TYR   A 1 26  ? 6.505   -5.196  -9.543  1.00 34.20 ?  163 TYR   A N   1 
ATOM   66   C CA  . TYR   A 1 26  ? 6.258   -4.310  -8.410  1.00 31.87 ?  163 TYR   A CA  1 
ATOM   67   C C   . TYR   A 1 26  ? 7.240   -4.652  -7.313  1.00 31.09 ?  163 TYR   A C   1 
ATOM   68   O O   . TYR   A 1 26  ? 7.868   -3.757  -6.752  1.00 31.12 ?  163 TYR   A O   1 
ATOM   69   C CB  . TYR   A 1 26  ? 4.800   -4.410  -7.957  1.00 30.64 ?  163 TYR   A CB  1 
ATOM   70   C CG  . TYR   A 1 26  ? 4.407   -3.523  -6.793  1.00 29.78 ?  163 TYR   A CG  1 
ATOM   71   C CD1 . TYR   A 1 26  ? 4.353   -2.145  -6.928  1.00 29.85 ?  163 TYR   A CD1 1 
ATOM   72   C CD2 . TYR   A 1 26  ? 3.994   -4.070  -5.592  1.00 29.89 ?  163 TYR   A CD2 1 
ATOM   73   C CE1 . TYR   A 1 26  ? 3.911   -1.336  -5.894  1.00 30.18 ?  163 TYR   A CE1 1 
ATOM   74   C CE2 . TYR   A 1 26  ? 3.570   -3.270  -4.546  1.00 30.65 ?  163 TYR   A CE2 1 
ATOM   75   C CZ  . TYR   A 1 26  ? 3.535   -1.900  -4.697  1.00 31.15 ?  163 TYR   A CZ  1 
ATOM   76   O OH  . TYR   A 1 26  ? 3.119   -1.118  -3.646  1.00 32.59 ?  163 TYR   A OH  1 
ATOM   77   N N   . TYR   A 1 27  ? 7.421   -5.948  -7.041  1.00 30.56 ?  164 TYR   A N   1 
ATOM   78   C CA  . TYR   A 1 27  ? 8.409   -6.395  -6.079  1.00 30.38 ?  164 TYR   A CA  1 
ATOM   79   C C   . TYR   A 1 27  ? 9.838   -6.051  -6.601  1.00 29.81 ?  164 TYR   A C   1 
ATOM   80   O O   . TYR   A 1 27  ? 10.471  -5.175  -6.049  1.00 29.42 ?  164 TYR   A O   1 
ATOM   81   C CB  . TYR   A 1 27  ? 8.225   -7.901  -5.771  1.00 30.48 ?  164 TYR   A CB  1 
ATOM   82   C CG  . TYR   A 1 27  ? 9.428   -8.520  -5.094  1.00 31.27 ?  164 TYR   A CG  1 
ATOM   83   C CD1 . TYR   A 1 27  ? 9.783   -8.160  -3.803  1.00 32.46 ?  164 TYR   A CD1 1 
ATOM   84   C CD2 . TYR   A 1 27  ? 10.248  -9.410  -5.769  1.00 31.91 ?  164 TYR   A CD2 1 
ATOM   85   C CE1 . TYR   A 1 27  ? 10.915  -8.689  -3.193  1.00 33.52 ?  164 TYR   A CE1 1 
ATOM   86   C CE2 . TYR   A 1 27  ? 11.382  -9.943  -5.170  1.00 33.04 ?  164 TYR   A CE2 1 
ATOM   87   C CZ  . TYR   A 1 27  ? 11.711  -9.585  -3.878  1.00 34.25 ?  164 TYR   A CZ  1 
ATOM   88   O OH  . TYR   A 1 27  ? 12.846  -10.094 -3.283  1.00 35.85 ?  164 TYR   A OH  1 
ATOM   89   N N   . ILE   A 1 28  ? 10.302  -6.664  -7.688  1.00 29.65 ?  165 ILE   A N   1 
ATOM   90   C CA  . ILE   A 1 28  ? 11.632  -6.452  -8.250  1.00 30.04 ?  165 ILE   A CA  1 
ATOM   91   C C   . ILE   A 1 28  ? 11.989  -4.974  -8.539  1.00 30.82 ?  165 ILE   A C   1 
ATOM   92   O O   . ILE   A 1 28  ? 13.108  -4.544  -8.247  1.00 30.99 ?  165 ILE   A O   1 
ATOM   93   C CB  . ILE   A 1 28  ? 11.745  -7.330  -9.500  1.00 30.43 ?  165 ILE   A CB  1 
ATOM   94   C CG1 . ILE   A 1 28  ? 11.629  -8.812  -9.117  1.00 31.01 ?  165 ILE   A CG1 1 
ATOM   95   C CG2 . ILE   A 1 28  ? 13.022  -7.042  -10.279 1.00 31.41 ?  165 ILE   A CG2 1 
ATOM   96   C CD1 . ILE   A 1 28  ? 11.216  -9.703  -10.203 1.00 31.86 ?  165 ILE   A CD1 1 
ATOM   97   N N   . GLY   A 1 29  ? 11.023  -4.206  -9.047  1.00 30.91 ?  166 GLY   A N   1 
ATOM   98   C CA  . GLY   A 1 29  ? 11.214  -2.797  -9.381  1.00 30.97 ?  166 GLY   A CA  1 
ATOM   99   C C   . GLY   A 1 29  ? 10.934  -1.751  -8.316  1.00 30.74 ?  166 GLY   A C   1 
ATOM   100  O O   . GLY   A 1 29  ? 11.259  -0.577  -8.526  1.00 31.36 ?  166 GLY   A O   1 
ATOM   101  N N   . TYR   A 1 30  ? 10.356  -2.137  -7.167  1.00 29.72 ?  167 TYR   A N   1 
ATOM   102  C CA  . TYR   A 1 30  ? 10.021  -1.162  -6.130  1.00 29.29 ?  167 TYR   A CA  1 
ATOM   103  C C   . TYR   A 1 30  ? 10.257  -1.668  -4.695  1.00 30.72 ?  167 TYR   A C   1 
ATOM   104  O O   . TYR   A 1 30  ? 11.064  -1.079  -3.960  1.00 30.43 ?  167 TYR   A O   1 
ATOM   105  C CB  . TYR   A 1 30  ? 8.569   -0.695  -6.341  1.00 28.15 ?  167 TYR   A CB  1 
ATOM   106  C CG  . TYR   A 1 30  ? 8.065   0.341   -5.368  1.00 27.30 ?  167 TYR   A CG  1 
ATOM   107  C CD1 . TYR   A 1 30  ? 8.689   1.569   -5.248  1.00 27.52 ?  167 TYR   A CD1 1 
ATOM   108  C CD2 . TYR   A 1 30  ? 6.907   0.126   -4.634  1.00 27.46 ?  167 TYR   A CD2 1 
ATOM   109  C CE1 . TYR   A 1 30  ? 8.208   2.543   -4.385  1.00 27.89 ?  167 TYR   A CE1 1 
ATOM   110  C CE2 . TYR   A 1 30  ? 6.422   1.086   -3.759  1.00 28.09 ?  167 TYR   A CE2 1 
ATOM   111  C CZ  . TYR   A 1 30  ? 7.072   2.302   -3.643  1.00 28.63 ?  167 TYR   A CZ  1 
ATOM   112  O OH  . TYR   A 1 30  ? 6.592   3.293   -2.819  1.00 29.67 ?  167 TYR   A OH  1 
ATOM   113  N N   . LEU   A 1 31  ? 9.536   -2.748  -4.293  1.00 31.64 ?  168 LEU   A N   1 
ATOM   114  C CA  . LEU   A 1 31  ? 9.604   -3.324  -2.951  1.00 32.65 ?  168 LEU   A CA  1 
ATOM   115  C C   . LEU   A 1 31  ? 10.973  -3.951  -2.693  1.00 34.11 ?  168 LEU   A C   1 
ATOM   116  O O   . LEU   A 1 31  ? 11.617  -3.621  -1.707  1.00 34.83 ?  168 LEU   A O   1 
ATOM   117  C CB  . LEU   A 1 31  ? 8.487   -4.361  -2.753  1.00 32.65 ?  168 LEU   A CB  1 
ATOM   118  C CG  . LEU   A 1 31  ? 7.066   -3.936  -3.115  1.00 33.54 ?  168 LEU   A CG  1 
ATOM   119  C CD1 . LEU   A 1 31  ? 6.108   -5.064  -2.867  1.00 33.62 ?  168 LEU   A CD1 1 
ATOM   120  C CD2 . LEU   A 1 31  ? 6.638   -2.734  -2.310  1.00 34.36 ?  168 LEU   A CD2 1 
ATOM   121  N N   . ARG   A 1 32  ? 11.442  -4.816  -3.594  1.00 34.45 ?  169 ARG   A N   1 
ATOM   122  C CA  . ARG   A 1 32  ? 12.758  -5.455  -3.539  1.00 35.48 ?  169 ARG   A CA  1 
ATOM   123  C C   . ARG   A 1 32  ? 13.881  -4.427  -3.369  1.00 36.91 ?  169 ARG   A C   1 
ATOM   124  O O   . ARG   A 1 32  ? 14.968  -4.783  -2.915  1.00 37.81 ?  169 ARG   A O   1 
ATOM   125  C CB  . ARG   A 1 32  ? 13.010  -6.268  -4.819  1.00 36.42 ?  169 ARG   A CB  1 
ATOM   126  C CG  . ARG   A 1 32  ? 14.160  -7.260  -4.720  1.00 38.26 ?  169 ARG   A CG  1 
ATOM   127  C CD  . ARG   A 1 32  ? 14.628  -7.711  -6.084  1.00 39.09 ?  169 ARG   A CD  1 
ATOM   128  N NE  . ARG   A 1 32  ? 15.358  -6.641  -6.759  1.00 40.24 ?  169 ARG   A NE  1 
ATOM   129  C CZ  . ARG   A 1 32  ? 16.007  -6.784  -7.909  1.00 42.25 ?  169 ARG   A CZ  1 
ATOM   130  N NH1 . ARG   A 1 32  ? 16.026  -7.960  -8.530  1.00 42.16 ?  169 ARG   A NH1 1 
ATOM   131  N NH2 . ARG   A 1 32  ? 16.654  -5.756  -8.445  1.00 41.70 ?  169 ARG   A NH2 1 
ATOM   132  N N   . LEU   A 1 33  ? 13.633  -3.158  -3.735  1.00 36.93 ?  170 LEU   A N   1 
ATOM   133  C CA  . LEU   A 1 33  ? 14.623  -2.117  -3.585  1.00 37.49 ?  170 LEU   A CA  1 
ATOM   134  C C   . LEU   A 1 33  ? 14.440  -1.319  -2.282  1.00 37.78 ?  170 LEU   A C   1 
ATOM   135  O O   . LEU   A 1 33  ? 15.437  -1.039  -1.625  1.00 38.02 ?  170 LEU   A O   1 
ATOM   136  C CB  . LEU   A 1 33  ? 14.660  -1.183  -4.825  1.00 37.75 ?  170 LEU   A CB  1 
ATOM   137  C CG  . LEU   A 1 33  ? 14.955  -1.855  -6.201  1.00 38.99 ?  170 LEU   A CG  1 
ATOM   138  C CD1 . LEU   A 1 33  ? 14.584  -0.947  -7.347  1.00 39.28 ?  170 LEU   A CD1 1 
ATOM   139  C CD2 . LEU   A 1 33  ? 16.412  -2.238  -6.346  1.00 39.55 ?  170 LEU   A CD2 1 
ATOM   140  N N   . ILE   A 1 34  ? 13.196  -0.971  -1.887  1.00 37.61 ?  171 ILE   A N   1 
ATOM   141  C CA  . ILE   A 1 34  ? 12.991  -0.108  -0.712  1.00 38.04 ?  171 ILE   A CA  1 
ATOM   142  C C   . ILE   A 1 34  ? 12.571  -0.811  0.594   1.00 38.91 ?  171 ILE   A C   1 
ATOM   143  O O   . ILE   A 1 34  ? 12.451  -0.135  1.620   1.00 39.11 ?  171 ILE   A O   1 
ATOM   144  C CB  . ILE   A 1 34  ? 12.013  1.054   -1.016  1.00 38.38 ?  171 ILE   A CB  1 
ATOM   145  C CG1 . ILE   A 1 34  ? 10.530  0.617   -1.002  1.00 39.12 ?  171 ILE   A CG1 1 
ATOM   146  C CG2 . ILE   A 1 34  ? 12.381  1.752   -2.315  1.00 38.94 ?  171 ILE   A CG2 1 
ATOM   147  C CD1 . ILE   A 1 34  ? 9.569   1.744   -0.723  1.00 40.08 ?  171 ILE   A CD1 1 
ATOM   148  N N   . LEU   A 1 35  ? 12.298  -2.115  0.533   1.00 39.31 ?  172 LEU   A N   1 
ATOM   149  C CA  . LEU   A 1 35  ? 11.899  -2.866  1.756   1.00 40.22 ?  172 LEU   A CA  1 
ATOM   150  C C   . LEU   A 1 35  ? 13.126  -3.094  2.662   1.00 41.29 ?  172 LEU   A C   1 
ATOM   151  O O   . LEU   A 1 35  ? 12.979  -2.903  3.888   1.00 41.57 ?  172 LEU   A O   1 
ATOM   152  C CB  . LEU   A 1 35  ? 11.179  -4.172  1.413   1.00 40.16 ?  172 LEU   A CB  1 
ATOM   153  C CG  . LEU   A 1 35  ? 9.719   -4.018  0.978   1.00 41.04 ?  172 LEU   A CG  1 
ATOM   154  C CD1 . LEU   A 1 35  ? 9.047   -5.360  0.770   1.00 41.63 ?  172 LEU   A CD1 1 
ATOM   155  C CD2 . LEU   A 1 35  ? 8.950   -3.181  1.984   1.00 41.30 ?  172 LEU   A CD2 1 
ATOM   156  N N   . PRO   A 1 36  ? 14.317  -3.484  2.150   1.00 41.56 ?  173 PRO   A N   1 
ATOM   157  C CA  . PRO   A 1 36  ? 15.493  -3.620  3.002   1.00 41.91 ?  173 PRO   A CA  1 
ATOM   158  C C   . PRO   A 1 36  ? 15.866  -2.331  3.739   1.00 42.61 ?  173 PRO   A C   1 
ATOM   159  O O   . PRO   A 1 36  ? 16.609  -2.410  4.736   1.00 42.80 ?  173 PRO   A O   1 
ATOM   160  C CB  . PRO   A 1 36  ? 16.589  -4.063  2.017   1.00 42.19 ?  173 PRO   A CB  1 
ATOM   161  C CG  . PRO   A 1 36  ? 15.826  -4.737  0.904   1.00 42.45 ?  173 PRO   A CG  1 
ATOM   162  C CD  . PRO   A 1 36  ? 14.578  -3.887  0.772   1.00 41.04 ?  173 PRO   A CD  1 
ATOM   163  N N   . GLU   A 1 37  ? 15.377  -1.180  3.264   1.00 42.77 ?  174 GLU   A N   1 
ATOM   164  C CA  . GLU   A 1 37  ? 15.647  0.116   3.941   1.00 43.69 ?  174 GLU   A CA  1 
ATOM   165  C C   . GLU   A 1 37  ? 14.343  0.658   4.539   1.00 44.57 ?  174 GLU   A C   1 
ATOM   166  O O   . GLU   A 1 37  ? 13.477  -0.174  4.886   1.00 44.72 ?  174 GLU   A O   1 
ATOM   167  C CB  . GLU   A 1 37  ? 16.206  1.119   2.934   1.00 45.53 ?  174 GLU   A CB  1 
ATOM   168  C CG  . GLU   A 1 37  ? 17.119  0.486   1.887   1.00 48.89 ?  174 GLU   A CG  1 
ATOM   169  C CD  . GLU   A 1 37  ? 18.497  0.075   2.372   1.00 52.75 ?  174 GLU   A CD  1 
ATOM   170  O OE1 . GLU   A 1 37  ? 18.819  0.320   3.554   1.00 53.24 ?  174 GLU   A OE1 1 
ATOM   171  O OE2 . GLU   A 1 37  ? 19.253  -0.497  1.559   1.00 54.09 ?  174 GLU   A OE2 1 
ATOM   172  N N   . LEU   A 1 38  ? 14.221  1.984   4.688   1.00 45.03 ?  175 LEU   A N   1 
ATOM   173  C CA  . LEU   A 1 38  ? 12.943  2.604   5.157   1.00 46.49 ?  175 LEU   A CA  1 
ATOM   174  C C   . LEU   A 1 38  ? 12.647  2.400   6.660   1.00 47.84 ?  175 LEU   A C   1 
ATOM   175  O O   . LEU   A 1 38  ? 11.572  2.863   7.093   1.00 47.89 ?  175 LEU   A O   1 
ATOM   176  C CB  . LEU   A 1 38  ? 11.770  2.120   4.300   1.00 46.60 ?  175 LEU   A CB  1 
ATOM   177  N N   . GLN   A 1 39  ? 13.561  1.777   7.409   1.00 48.65 ?  176 GLN   A N   1 
ATOM   178  C CA  . GLN   A 1 39  ? 13.370  1.648   8.879   1.00 49.77 ?  176 GLN   A CA  1 
ATOM   179  C C   . GLN   A 1 39  ? 13.515  3.039   9.514   1.00 50.72 ?  176 GLN   A C   1 
ATOM   180  O O   . GLN   A 1 39  ? 12.737  3.356   10.440  1.00 50.36 ?  176 GLN   A O   1 
ATOM   181  C CB  . GLN   A 1 39  ? 14.396  0.690   9.483   1.00 51.00 ?  176 GLN   A CB  1 
ATOM   182  N N   . ALA   A 1 40  ? 14.460  3.844   9.024   1.00 51.64 ?  177 ALA   A N   1 
ATOM   183  C CA  . ALA   A 1 40  ? 14.731  5.188   9.573   1.00 52.84 ?  177 ALA   A CA  1 
ATOM   184  C C   . ALA   A 1 40  ? 13.611  6.152   9.188   1.00 53.75 ?  177 ALA   A C   1 
ATOM   185  O O   . ALA   A 1 40  ? 13.561  7.231   9.781   1.00 53.99 ?  177 ALA   A O   1 
ATOM   186  C CB  . ALA   A 1 40  ? 16.069  5.665   9.078   1.00 53.29 ?  177 ALA   A CB  1 
ATOM   187  N N   . ARG   A 1 41  ? 12.785  5.819   8.194   1.00 54.31 ?  178 ARG   A N   1 
ATOM   188  C CA  . ARG   A 1 41  ? 11.614  6.652   7.816   1.00 55.23 ?  178 ARG   A CA  1 
ATOM   189  C C   . ARG   A 1 41  ? 10.804  7.007   9.072   1.00 55.97 ?  178 ARG   A C   1 
ATOM   190  O O   . ARG   A 1 41  ? 10.614  8.216   9.329   1.00 55.92 ?  178 ARG   A O   1 
ATOM   191  C CB  . ARG   A 1 41  ? 10.734  5.898   6.814   1.00 56.65 ?  178 ARG   A CB  1 
ATOM   192  C CG  . ARG   A 1 41  ? 10.023  6.798   5.814   1.00 59.63 ?  178 ARG   A CG  1 
ATOM   193  C CD  . ARG   A 1 41  ? 11.022  7.458   4.882   1.00 62.81 ?  178 ARG   A CD  1 
ATOM   194  N NE  . ARG   A 1 41  ? 11.706  6.488   4.019   1.00 65.53 ?  178 ARG   A NE  1 
ATOM   195  C CZ  . ARG   A 1 41  ? 11.658  6.493   2.693   1.00 65.69 ?  178 ARG   A CZ  1 
ATOM   196  N NH1 . ARG   A 1 41  ? 12.322  5.581   2.006   1.00 63.94 ?  178 ARG   A NH1 1 
ATOM   197  N NH2 . ARG   A 1 41  ? 10.947  7.408   2.059   1.00 65.13 ?  178 ARG   A NH2 1 
ATOM   198  N N   . ILE   A 1 42  ? 10.307  6.007   9.808   1.00 56.55 ?  179 ILE   A N   1 
ATOM   199  C CA  . ILE   A 1 42  ? 9.421   6.246   10.989  1.00 57.45 ?  179 ILE   A CA  1 
ATOM   200  C C   . ILE   A 1 42  ? 10.286  6.498   12.231  1.00 58.22 ?  179 ILE   A C   1 
ATOM   201  O O   . ILE   A 1 42  ? 9.718   6.895   13.269  1.00 58.63 ?  179 ILE   A O   1 
ATOM   202  C CB  . ILE   A 1 42  ? 8.467   5.056   11.200  1.00 57.98 ?  179 ILE   A CB  1 
ATOM   203  N N   . ARG   A 1 43  ? 11.595  6.259   12.138  1.00 58.74 ?  180 ARG   A N   1 
ATOM   204  C CA  . ARG   A 1 43  ? 12.520  6.506   13.270  1.00 59.46 ?  180 ARG   A CA  1 
ATOM   205  C C   . ARG   A 1 43  ? 12.657  8.021   13.464  1.00 59.45 ?  180 ARG   A C   1 
ATOM   206  O O   . ARG   A 1 43  ? 12.368  8.496   14.577  1.00 58.21 ?  180 ARG   A O   1 
ATOM   207  C CB  . ARG   A 1 43  ? 13.860  5.830   12.972  1.00 59.60 ?  180 ARG   A CB  1 
ATOM   208  C CG  . ARG   A 1 43  ? 14.656  5.453   14.212  1.00 61.92 ?  180 ARG   A CG  1 
ATOM   209  C CD  . ARG   A 1 43  ? 16.024  4.892   13.873  1.00 64.40 ?  180 ARG   A CD  1 
ATOM   210  N NE  . ARG   A 1 43  ? 15.983  3.808   12.886  1.00 66.80 ?  180 ARG   A NE  1 
ATOM   211  C CZ  . ARG   A 1 43  ? 15.423  2.613   13.039  1.00 68.95 ?  180 ARG   A CZ  1 
ATOM   212  N NH1 . ARG   A 1 43  ? 14.877  2.240   14.184  1.00 67.97 ?  180 ARG   A NH1 1 
ATOM   213  N NH2 . ARG   A 1 43  ? 15.430  1.770   12.027  1.00 64.41 ?  180 ARG   A NH2 1 
ATOM   214  N N   . THR   A 1 44  ? 12.993  8.766   12.410  1.00 59.92 ?  181 THR   A N   1 
ATOM   215  C CA  . THR   A 1 44  ? 13.221  10.226  12.485  1.00 60.74 ?  181 THR   A CA  1 
ATOM   216  C C   . THR   A 1 44  ? 11.904  10.952  12.662  1.00 61.53 ?  181 THR   A C   1 
ATOM   217  O O   . THR   A 1 44  ? 11.882  11.934  13.437  1.00 61.73 ?  181 THR   A O   1 
ATOM   218  C CB  . THR   A 1 44  ? 13.944  10.676  11.217  1.00 61.76 ?  181 THR   A CB  1 
ATOM   219  O OG1 . THR   A 1 44  ? 15.209  10.021  11.225  1.00 62.55 ?  181 THR   A OG1 1 
ATOM   220  C CG2 . THR   A 1 44  ? 14.151  12.180  11.167  1.00 61.98 ?  181 THR   A CG2 1 
ATOM   221  N N   . TYR   A 1 45  ? 10.835  10.503  11.997  1.00 61.75 ?  182 TYR   A N   1 
ATOM   222  C CA  . TYR   A 1 45  ? 9.529   11.216  12.034  1.00 62.83 ?  182 TYR   A CA  1 
ATOM   223  C C   . TYR   A 1 45  ? 8.910   11.156  13.426  1.00 63.93 ?  182 TYR   A C   1 
ATOM   224  O O   . TYR   A 1 45  ? 8.417   12.205  13.887  1.00 64.29 ?  182 TYR   A O   1 
ATOM   225  C CB  . TYR   A 1 45  ? 8.543   10.616  11.031  1.00 62.94 ?  182 TYR   A CB  1 
ATOM   226  C CG  . TYR   A 1 45  ? 7.159   11.245  11.090  1.00 63.67 ?  182 TYR   A CG  1 
ATOM   227  C CD1 . TYR   A 1 45  ? 6.853   12.376  10.342  1.00 64.47 ?  182 TYR   A CD1 1 
ATOM   228  C CD2 . TYR   A 1 45  ? 6.163   10.714  11.898  1.00 64.59 ?  182 TYR   A CD2 1 
ATOM   229  C CE1 . TYR   A 1 45  ? 5.598   12.958  10.394  1.00 65.38 ?  182 TYR   A CE1 1 
ATOM   230  C CE2 . TYR   A 1 45  ? 4.904   11.286  11.960  1.00 65.47 ?  182 TYR   A CE2 1 
ATOM   231  C CZ  . TYR   A 1 45  ? 4.620   12.410  11.205  1.00 66.38 ?  182 TYR   A CZ  1 
ATOM   232  O OH  . TYR   A 1 45  ? 3.381   12.975  11.261  1.00 68.05 ?  182 TYR   A OH  1 
ATOM   233  N N   . ASN   A 1 46  ? 8.874   9.979   14.058  1.00 64.17 ?  183 ASN   A N   1 
ATOM   234  C CA  . ASN   A 1 46  ? 8.259   9.810   15.376  1.00 64.66 ?  183 ASN   A CA  1 
ATOM   235  C C   . ASN   A 1 46  ? 9.010   10.591  16.469  1.00 64.61 ?  183 ASN   A C   1 
ATOM   236  O O   . ASN   A 1 46  ? 8.383   11.065  17.415  1.00 64.48 ?  183 ASN   A O   1 
ATOM   237  C CB  . ASN   A 1 46  ? 8.145   8.324   15.734  1.00 65.93 ?  183 ASN   A CB  1 
ATOM   238  N N   . GLN   A 1 47  ? 10.344  10.749  16.309  1.00 64.44 ?  184 GLN   A N   1 
ATOM   239  C CA  . GLN   A 1 47  ? 11.218  11.467  17.242  1.00 64.80 ?  184 GLN   A CA  1 
ATOM   240  C C   . GLN   A 1 47  ? 11.422  12.942  16.886  1.00 65.34 ?  184 GLN   A C   1 
ATOM   241  O O   . GLN   A 1 47  ? 12.388  13.549  17.348  1.00 65.28 ?  184 GLN   A O   1 
ATOM   242  C CB  . GLN   A 1 47  ? 12.599  10.805  17.284  1.00 66.13 ?  184 GLN   A CB  1 
ATOM   243  C CG  . GLN   A 1 47  ? 12.612  9.333   17.664  1.00 68.61 ?  184 GLN   A CG  1 
ATOM   244  C CD  . GLN   A 1 47  ? 13.817  8.624   17.086  1.00 72.31 ?  184 GLN   A CD  1 
ATOM   245  O OE1 . GLN   A 1 47  ? 13.714  7.500   16.596  1.00 73.97 ?  184 GLN   A OE1 1 
ATOM   246  N NE2 . GLN   A 1 47  ? 14.982  9.262   17.095  1.00 72.58 ?  184 GLN   A NE2 1 
ATOM   247  N N   . HIS   A 1 48  ? 10.571  13.505  16.031  1.00 65.79 ?  185 HIS   A N   1 
ATOM   248  C CA  . HIS   A 1 48  ? 10.685  14.907  15.643  1.00 66.67 ?  185 HIS   A CA  1 
ATOM   249  C C   . HIS   A 1 48  ? 10.006  15.738  16.717  1.00 67.45 ?  185 HIS   A C   1 
ATOM   250  O O   . HIS   A 1 48  ? 8.931   15.360  17.153  1.00 67.69 ?  185 HIS   A O   1 
ATOM   251  C CB  . HIS   A 1 48  ? 9.991   15.120  14.294  1.00 67.43 ?  185 HIS   A CB  1 
ATOM   252  C CG  . HIS   A 1 48  ? 10.027  16.530  13.805  1.00 69.60 ?  185 HIS   A CG  1 
ATOM   253  N ND1 . HIS   A 1 48  ? 8.961   17.388  14.006  1.00 71.43 ?  185 HIS   A ND1 1 
ATOM   254  C CD2 . HIS   A 1 48  ? 10.987  17.179  13.106  1.00 70.70 ?  185 HIS   A CD2 1 
ATOM   255  C CE1 . HIS   A 1 48  ? 9.307   18.528  13.431  1.00 71.98 ?  185 HIS   A CE1 1 
ATOM   256  N NE2 . HIS   A 1 48  ? 10.518  18.451  12.878  1.00 71.87 ?  185 HIS   A NE2 1 
ATOM   257  N N   . TYR   A 1 49  ? 10.641  16.829  17.155  1.00 67.72 ?  186 TYR   A N   1 
ATOM   258  C CA  . TYR   A 1 49  ? 10.105  17.631  18.292  1.00 68.37 ?  186 TYR   A CA  1 
ATOM   259  C C   . TYR   A 1 49  ? 8.632   18.001  18.092  1.00 68.83 ?  186 TYR   A C   1 
ATOM   260  O O   . TYR   A 1 49  ? 7.903   18.068  19.105  1.00 68.85 ?  186 TYR   A O   1 
ATOM   261  C CB  . TYR   A 1 49  ? 10.962  18.889  18.459  1.00 68.39 ?  186 TYR   A CB  1 
ATOM   262  N N   . ASN   A 1 50  ? 8.194   18.224  16.850  1.00 68.99 ?  187 ASN   A N   1 
ATOM   263  C CA  . ASN   A 1 50  ? 6.802   18.711  16.616  1.00 69.61 ?  187 ASN   A CA  1 
ATOM   264  C C   . ASN   A 1 50  ? 5.785   17.568  16.730  1.00 70.02 ?  187 ASN   A C   1 
ATOM   265  O O   . ASN   A 1 50  ? 4.586   17.875  16.463  1.00 70.03 ?  187 ASN   A O   1 
ATOM   266  C CB  . ASN   A 1 50  ? 6.670   19.426  15.275  1.00 70.67 ?  187 ASN   A CB  1 
ATOM   267  N N   . ASN   A 1 51  ? 6.230   16.352  17.102  1.00 70.11 ?  188 ASN   A N   1 
ATOM   268  C CA  . ASN   A 1 51  ? 5.343   15.155  17.236  1.00 70.56 ?  188 ASN   A CA  1 
ATOM   269  C C   . ASN   A 1 51  ? 5.914   14.183  18.281  1.00 70.80 ?  188 ASN   A C   1 
ATOM   270  O O   . ASN   A 1 51  ? 5.395   13.051  18.365  1.00 71.00 ?  188 ASN   A O   1 
ATOM   271  C CB  . ASN   A 1 51  ? 5.145   14.457  15.895  1.00 71.51 ?  188 ASN   A CB  1 
ATOM   272  N N   . LEU   A 1 52  ? 6.955   14.596  19.007  1.00 70.71 ?  189 LEU   A N   1 
ATOM   273  C CA  . LEU   A 1 52  ? 7.605   13.690  19.989  1.00 70.99 ?  189 LEU   A CA  1 
ATOM   274  C C   . LEU   A 1 52  ? 6.531   13.077  20.900  1.00 71.27 ?  189 LEU   A C   1 
ATOM   275  O O   . LEU   A 1 52  ? 5.717   13.850  21.453  1.00 71.29 ?  189 LEU   A O   1 
ATOM   276  C CB  . LEU   A 1 52  ? 8.659   14.454  20.790  1.00 70.94 ?  189 LEU   A CB  1 
ATOM   277  C CG  . LEU   A 1 52  ? 9.583   13.598  21.660  1.00 71.96 ?  189 LEU   A CG  1 
ATOM   278  C CD1 . LEU   A 1 52  ? 10.318  12.583  20.804  1.00 72.44 ?  189 LEU   A CD1 1 
ATOM   279  C CD2 . LEU   A 1 52  ? 10.567  14.476  22.413  1.00 72.51 ?  189 LEU   A CD2 1 
ATOM   280  N N   . LEU   A 1 53  ? 6.531   11.747  21.040  1.00 71.23 ?  190 LEU   A N   1 
ATOM   281  C CA  . LEU   A 1 53  ? 5.544   11.051  21.910  1.00 71.67 ?  190 LEU   A CA  1 
ATOM   282  C C   . LEU   A 1 53  ? 4.116   11.427  21.479  1.00 71.72 ?  190 LEU   A C   1 
ATOM   283  O O   . LEU   A 1 53  ? 3.422   12.110  22.263  1.00 71.70 ?  190 LEU   A O   1 
ATOM   284  C CB  . LEU   A 1 53  ? 5.800   11.393  23.377  1.00 72.03 ?  190 LEU   A CB  1 
ATOM   285  N N   . ARG   A 1 54  ? 3.748   11.129  20.236  1.00 71.44 ?  191 ARG   A N   1 
ATOM   286  C CA  . ARG   A 1 54  ? 2.380   11.428  19.738  1.00 71.54 ?  191 ARG   A CA  1 
ATOM   287  C C   . ARG   A 1 54  ? 2.037   10.283  18.787  1.00 71.11 ?  191 ARG   A C   1 
ATOM   288  O O   . ARG   A 1 54  ? 1.578   10.549  17.654  1.00 71.30 ?  191 ARG   A O   1 
ATOM   289  C CB  . ARG   A 1 54  ? 2.334   12.805  19.067  1.00 73.06 ?  191 ARG   A CB  1 
ATOM   290  C CG  . ARG   A 1 54  ? 0.943   13.344  18.761  1.00 75.92 ?  191 ARG   A CG  1 
ATOM   291  C CD  . ARG   A 1 54  ? 0.105   13.506  20.017  1.00 78.71 ?  191 ARG   A CD  1 
ATOM   292  N NE  . ARG   A 1 54  ? -1.231  14.029  19.709  1.00 81.13 ?  191 ARG   A NE  1 
ATOM   293  C CZ  . ARG   A 1 54  ? -1.707  15.181  20.161  1.00 83.38 ?  191 ARG   A CZ  1 
ATOM   294  N NH1 . ARG   A 1 54  ? -2.946  15.540  19.882  1.00 83.33 ?  191 ARG   A NH1 1 
ATOM   295  N NH2 . ARG   A 1 54  ? -0.939  15.971  20.891  1.00 83.19 ?  191 ARG   A NH2 1 
ATOM   296  N N   . GLY   A 1 55  ? 2.275   9.052   19.237  1.00 70.39 ?  192 GLY   A N   1 
ATOM   297  C CA  . GLY   A 1 55  ? 2.094   7.903   18.339  1.00 70.00 ?  192 GLY   A CA  1 
ATOM   298  C C   . GLY   A 1 55  ? 3.432   7.579   17.711  1.00 69.21 ?  192 GLY   A C   1 
ATOM   299  O O   . GLY   A 1 55  ? 4.033   8.511   17.113  1.00 69.43 ?  192 GLY   A O   1 
ATOM   300  N N   . ALA   A 1 56  ? 3.921   6.351   17.912  1.00 68.06 ?  193 ALA   A N   1 
ATOM   301  C CA  . ALA   A 1 56  ? 5.183   5.908   17.276  1.00 67.41 ?  193 ALA   A CA  1 
ATOM   302  C C   . ALA   A 1 56  ? 4.819   5.213   15.968  1.00 66.21 ?  193 ALA   A C   1 
ATOM   303  O O   . ALA   A 1 56  ? 4.050   4.228   16.010  1.00 66.09 ?  193 ALA   A O   1 
ATOM   304  C CB  . ALA   A 1 56  ? 5.943   4.990   18.204  1.00 67.71 ?  193 ALA   A CB  1 
ATOM   305  N N   . VAL   A 1 57  ? 5.346   5.701   14.843  1.00 64.90 ?  194 VAL   A N   1 
ATOM   306  C CA  . VAL   A 1 57  ? 4.924   5.144   13.522  1.00 63.59 ?  194 VAL   A CA  1 
ATOM   307  C C   . VAL   A 1 57  ? 5.377   3.679   13.438  1.00 61.62 ?  194 VAL   A C   1 
ATOM   308  O O   . VAL   A 1 57  ? 6.519   3.397   13.844  1.00 61.82 ?  194 VAL   A O   1 
ATOM   309  C CB  . VAL   A 1 57  ? 5.482   5.974   12.349  1.00 64.40 ?  194 VAL   A CB  1 
ATOM   310  N N   . SER   A 1 58  ? 4.520   2.794   12.923  1.00 59.48 ?  195 SER   A N   1 
ATOM   311  C CA  . SER   A 1 58  ? 4.832   1.374   12.836  1.00 57.88 ?  195 SER   A CA  1 
ATOM   312  C C   . SER   A 1 58  ? 5.966   1.026   11.864  1.00 56.13 ?  195 SER   A C   1 
ATOM   313  O O   . SER   A 1 58  ? 6.207   1.726   10.881  1.00 55.98 ?  195 SER   A O   1 
ATOM   314  C CB  . SER   A 1 58  ? 3.576   0.574   12.524  1.00 58.90 ?  195 SER   A CB  1 
ATOM   315  O OG  . SER   A 1 58  ? 2.669   0.660   13.607  1.00 61.16 ?  195 SER   A OG  1 
ATOM   316  N N   . GLN   A 1 59  ? 6.655   -0.079  12.157  1.00 54.54 ?  196 GLN   A N   1 
ATOM   317  C CA  . GLN   A 1 59  ? 7.787   -0.593  11.394  1.00 53.25 ?  196 GLN   A CA  1 
ATOM   318  C C   . GLN   A 1 59  ? 7.378   -1.531  10.225  1.00 52.47 ?  196 GLN   A C   1 
ATOM   319  O O   . GLN   A 1 59  ? 7.721   -2.715  10.237  1.00 52.99 ?  196 GLN   A O   1 
ATOM   320  C CB  . GLN   A 1 59  ? 8.799   -1.245  12.366  1.00 53.43 ?  196 GLN   A CB  1 
ATOM   321  C CG  . GLN   A 1 59  ? 10.092  -1.750  11.747  1.00 54.43 ?  196 GLN   A CG  1 
ATOM   322  C CD  . GLN   A 1 59  ? 10.828  -0.691  10.984  1.00 56.43 ?  196 GLN   A CD  1 
ATOM   323  O OE1 . GLN   A 1 59  ? 10.894  -0.715  9.751   1.00 57.69 ?  196 GLN   A OE1 1 
ATOM   324  N NE2 . GLN   A 1 59  ? 11.389  0.265   11.701  1.00 55.93 ?  196 GLN   A NE2 1 
ATOM   325  N N   . ARG   A 1 60  ? 6.739   -0.973  9.189   1.00 50.98 ?  197 ARG   A N   1 
ATOM   326  C CA  . ARG   A 1 60  ? 6.373   -1.749  7.972   1.00 49.70 ?  197 ARG   A CA  1 
ATOM   327  C C   . ARG   A 1 60  ? 5.637   -0.822  6.989   1.00 48.15 ?  197 ARG   A C   1 
ATOM   328  O O   . ARG   A 1 60  ? 5.290   0.298   7.399   1.00 48.31 ?  197 ARG   A O   1 
ATOM   329  C CB  . ARG   A 1 60  ? 5.509   -2.967  8.317   1.00 50.73 ?  197 ARG   A CB  1 
ATOM   330  N N   . LEU   A 1 61  ? 5.463   -1.231  5.731   1.00 46.26 ?  198 LEU   A N   1 
ATOM   331  C CA  . LEU   A 1 61  ? 4.679   -0.450  4.736   1.00 45.04 ?  198 LEU   A CA  1 
ATOM   332  C C   . LEU   A 1 61  ? 3.332   -1.148  4.548   1.00 43.79 ?  198 LEU   A C   1 
ATOM   333  O O   . LEU   A 1 61  ? 3.328   -2.267  4.016   1.00 43.92 ?  198 LEU   A O   1 
ATOM   334  C CB  . LEU   A 1 61  ? 5.405   -0.327  3.399   1.00 44.93 ?  198 LEU   A CB  1 
ATOM   335  C CG  . LEU   A 1 61  ? 4.566   0.202   2.231   1.00 45.83 ?  198 LEU   A CG  1 
ATOM   336  C CD1 . LEU   A 1 61  ? 4.058   1.600   2.525   1.00 46.19 ?  198 LEU   A CD1 1 
ATOM   337  C CD2 . LEU   A 1 61  ? 5.355   0.174   0.939   1.00 46.17 ?  198 LEU   A CD2 1 
ATOM   338  N N   . TYR   A 1 62  ? 2.238   -0.493  4.927   1.00 42.72 ?  199 TYR   A N   1 
ATOM   339  C CA  . TYR   A 1 62  ? 0.887   -1.098  4.826   1.00 42.34 ?  199 TYR   A CA  1 
ATOM   340  C C   . TYR   A 1 62  ? 0.356   -0.819  3.421   1.00 41.17 ?  199 TYR   A C   1 
ATOM   341  O O   . TYR   A 1 62  ? 0.022   0.342   3.124   1.00 41.01 ?  199 TYR   A O   1 
ATOM   342  C CB  . TYR   A 1 62  ? 0.057   -0.554  5.992   1.00 42.73 ?  199 TYR   A CB  1 
ATOM   343  C CG  . TYR   A 1 62  ? 0.315   -1.230  7.332   1.00 43.62 ?  199 TYR   A CG  1 
ATOM   344  C CD1 . TYR   A 1 62  ? 1.583   -1.671  7.694   1.00 44.60 ?  199 TYR   A CD1 1 
ATOM   345  C CD2 . TYR   A 1 62  ? -0.722  -1.448  8.231   1.00 44.46 ?  199 TYR   A CD2 1 
ATOM   346  C CE1 . TYR   A 1 62  ? 1.815   -2.288  8.910   1.00 45.49 ?  199 TYR   A CE1 1 
ATOM   347  C CE2 . TYR   A 1 62  ? -0.505  -2.069  9.449   1.00 45.36 ?  199 TYR   A CE2 1 
ATOM   348  C CZ  . TYR   A 1 62  ? 0.769   -2.489  9.789   1.00 46.37 ?  199 TYR   A CZ  1 
ATOM   349  O OH  . TYR   A 1 62  ? 1.008   -3.104  10.980  1.00 48.19 ?  199 TYR   A OH  1 
ATOM   350  N N   . ILE   A 1 63  ? 0.283   -1.850  2.576   1.00 40.17 ?  200 ILE   A N   1 
ATOM   351  C CA  . ILE   A 1 63  ? -0.146  -1.686  1.157   1.00 39.40 ?  200 ILE   A CA  1 
ATOM   352  C C   . ILE   A 1 63  ? -1.647  -1.971  1.051   1.00 38.98 ?  200 ILE   A C   1 
ATOM   353  O O   . ILE   A 1 63  ? -2.053  -3.100  1.376   1.00 39.12 ?  200 ILE   A O   1 
ATOM   354  C CB  . ILE   A 1 63  ? 0.677   -2.587  0.223   1.00 39.56 ?  200 ILE   A CB  1 
ATOM   355  C CG1 . ILE   A 1 63  ? 2.167   -2.298  0.347   1.00 40.44 ?  200 ILE   A CG1 1 
ATOM   356  C CG2 . ILE   A 1 63  ? 0.201   -2.457  -1.223  1.00 39.75 ?  200 ILE   A CG2 1 
ATOM   357  C CD1 . ILE   A 1 63  ? 2.930   -3.338  1.143   1.00 41.59 ?  200 ILE   A CD1 1 
ATOM   358  N N   . LEU   A 1 64  ? -2.425  -0.986  0.600   1.00 38.68 ?  201 LEU   A N   1 
ATOM   359  C CA  . LEU   A 1 64  ? -3.884  -1.140  0.406   1.00 38.84 ?  201 LEU   A CA  1 
ATOM   360  C C   . LEU   A 1 64  ? -4.114  -1.864  -0.922  1.00 39.19 ?  201 LEU   A C   1 
ATOM   361  O O   . LEU   A 1 64  ? -3.650  -1.344  -1.951  1.00 39.15 ?  201 LEU   A O   1 
ATOM   362  C CB  . LEU   A 1 64  ? -4.503  0.251   0.427   1.00 39.06 ?  201 LEU   A CB  1 
ATOM   363  C CG  . LEU   A 1 64  ? -4.430  1.005   1.755   1.00 40.82 ?  201 LEU   A CG  1 
ATOM   364  C CD1 . LEU   A 1 64  ? -5.019  2.384   1.559   1.00 41.70 ?  201 LEU   A CD1 1 
ATOM   365  C CD2 . LEU   A 1 64  ? -5.146  0.262   2.865   1.00 41.62 ?  201 LEU   A CD2 1 
ATOM   366  N N   . LEU   A 1 65  ? -4.803  -3.003  -0.904  1.00 39.43 ?  202 LEU   A N   1 
ATOM   367  C CA  . LEU   A 1 65  ? -4.986  -3.840  -2.113  1.00 40.35 ?  202 LEU   A CA  1 
ATOM   368  C C   . LEU   A 1 65  ? -6.474  -4.162  -2.321  1.00 42.60 ?  202 LEU   A C   1 
ATOM   369  O O   . LEU   A 1 65  ? -6.886  -5.290  -1.996  1.00 42.82 ?  202 LEU   A O   1 
ATOM   370  C CB  . LEU   A 1 65  ? -4.139  -5.089  -1.888  1.00 39.90 ?  202 LEU   A CB  1 
ATOM   371  C CG  . LEU   A 1 65  ? -2.641  -4.862  -1.663  1.00 40.30 ?  202 LEU   A CG  1 
ATOM   372  C CD1 . LEU   A 1 65  ? -2.119  -5.789  -0.594  1.00 40.53 ?  202 LEU   A CD1 1 
ATOM   373  C CD2 . LEU   A 1 65  ? -1.859  -5.041  -2.945  1.00 40.38 ?  202 LEU   A CD2 1 
ATOM   374  N N   . PRO   A 1 66  ? -7.304  -3.250  -2.885  1.00 44.24 ?  203 PRO   A N   1 
ATOM   375  C CA  . PRO   A 1 66  ? -8.694  -3.575  -3.179  1.00 45.68 ?  203 PRO   A CA  1 
ATOM   376  C C   . PRO   A 1 66  ? -8.784  -4.782  -4.101  1.00 47.52 ?  203 PRO   A C   1 
ATOM   377  O O   . PRO   A 1 66  ? -7.787  -5.119  -4.769  1.00 47.84 ?  203 PRO   A O   1 
ATOM   378  C CB  . PRO   A 1 66  ? -9.240  -2.303  -3.840  1.00 46.11 ?  203 PRO   A CB  1 
ATOM   379  C CG  . PRO   A 1 66  ? -8.011  -1.599  -4.346  1.00 46.21 ?  203 PRO   A CG  1 
ATOM   380  C CD  . PRO   A 1 66  ? -6.982  -1.874  -3.271  1.00 44.24 ?  203 PRO   A CD  1 
ATOM   381  N N   . LEU   A 1 67  ? -9.960  -5.409  -4.171  1.00 48.44 ?  204 LEU   A N   1 
ATOM   382  C CA  . LEU   A 1 67  ? -10.070 -6.659  -4.966  1.00 49.87 ?  204 LEU   A CA  1 
ATOM   383  C C   . LEU   A 1 67  ? -11.238 -6.595  -5.968  1.00 51.14 ?  204 LEU   A C   1 
ATOM   384  O O   . LEU   A 1 67  ? -11.350 -7.525  -6.794  1.00 51.12 ?  204 LEU   A O   1 
ATOM   385  C CB  . LEU   A 1 67  ? -10.223 -7.814  -3.979  1.00 50.15 ?  204 LEU   A CB  1 
ATOM   386  N N   . ASP   A 1 68  ? -12.064 -5.547  -5.913  1.00 51.91 ?  205 ASP   A N   1 
ATOM   387  C CA  . ASP   A 1 68  ? -13.257 -5.481  -6.801  1.00 53.13 ?  205 ASP   A CA  1 
ATOM   388  C C   . ASP   A 1 68  ? -13.279 -4.156  -7.559  1.00 53.72 ?  205 ASP   A C   1 
ATOM   389  O O   . ASP   A 1 68  ? -13.909 -4.101  -8.634  1.00 53.66 ?  205 ASP   A O   1 
ATOM   390  C CB  . ASP   A 1 68  ? -14.548 -5.629  -6.015  1.00 55.52 ?  205 ASP   A CB  1 
ATOM   391  C CG  . ASP   A 1 68  ? -14.826 -4.523  -5.006  1.00 62.09 ?  205 ASP   A CG  1 
ATOM   392  O OD1 . ASP   A 1 68  ? -14.033 -4.386  -4.051  1.00 63.23 ?  205 ASP   A OD1 1 
ATOM   393  O OD2 . ASP   A 1 68  ? -15.825 -3.798  -5.195  1.00 64.97 ?  205 ASP   A OD2 1 
ATOM   394  N N   . CYS   A 1 69  ? -12.617 -3.132  -7.021  1.00 53.91 ?  206 CYS   A N   1 
ATOM   395  C CA  . CYS   A 1 69  ? -12.676 -1.818  -7.628  1.00 54.48 ?  206 CYS   A CA  1 
ATOM   396  C C   . CYS   A 1 69  ? -11.316 -1.245  -8.015  1.00 54.96 ?  206 CYS   A C   1 
ATOM   397  O O   . CYS   A 1 69  ? -10.268 -1.784  -7.652  1.00 54.98 ?  206 CYS   A O   1 
ATOM   398  C CB  . CYS   A 1 69  ? -13.447 -0.870  -6.709  1.00 55.04 ?  206 CYS   A CB  1 
ATOM   399  N N   . GLY   A 1 70  ? -11.341 -0.125  -8.740  1.00 55.14 ?  207 GLY   A N   1 
ATOM   400  C CA  . GLY   A 1 70  ? -10.098 0.573   -9.104  1.00 55.60 ?  207 GLY   A CA  1 
ATOM   401  C C   . GLY   A 1 70  ? -9.615  1.381   -7.921  1.00 55.52 ?  207 GLY   A C   1 
ATOM   402  O O   . GLY   A 1 70  ? -10.469 1.965   -7.222  1.00 55.75 ?  207 GLY   A O   1 
ATOM   403  N N   . VAL   A 1 71  ? -8.308  1.411   -7.687  1.00 54.79 ?  208 VAL   A N   1 
ATOM   404  C CA  . VAL   A 1 71  ? -7.725  2.121   -6.515  1.00 54.73 ?  208 VAL   A CA  1 
ATOM   405  C C   . VAL   A 1 71  ? -7.994  3.623   -6.618  1.00 55.12 ?  208 VAL   A C   1 
ATOM   406  O O   . VAL   A 1 71  ? -7.698  4.200   -7.685  1.00 55.29 ?  208 VAL   A O   1 
ATOM   407  C CB  . VAL   A 1 71  ? -6.212  1.843   -6.518  1.00 54.97 ?  208 VAL   A CB  1 
ATOM   408  C CG1 . VAL   A 1 71  ? -5.433  2.889   -5.733  1.00 55.46 ?  208 VAL   A CG1 1 
ATOM   409  C CG2 . VAL   A 1 71  ? -5.880  0.438   -6.034  1.00 55.30 ?  208 VAL   A CG2 1 
ATOM   410  N N   . PRO   A 1 72  ? -8.516  4.284   -5.566  1.00 55.30 ?  209 PRO   A N   1 
ATOM   411  C CA  . PRO   A 1 72  ? -8.671  5.729   -5.596  1.00 55.66 ?  209 PRO   A CA  1 
ATOM   412  C C   . PRO   A 1 72  ? -7.334  6.393   -5.319  1.00 56.05 ?  209 PRO   A C   1 
ATOM   413  O O   . PRO   A 1 72  ? -6.474  5.748   -4.690  1.00 56.19 ?  209 PRO   A O   1 
ATOM   414  C CB  . PRO   A 1 72  ? -9.696  5.970   -4.489  1.00 56.20 ?  209 PRO   A CB  1 
ATOM   415  C CG  . PRO   A 1 72  ? -9.396  4.880   -3.487  1.00 56.52 ?  209 PRO   A CG  1 
ATOM   416  C CD  . PRO   A 1 72  ? -8.999  3.685   -4.336  1.00 54.78 ?  209 PRO   A CD  1 
ATOM   417  N N   . ASP   A 1 73  ? -7.148  7.638   -5.761  1.00 55.98 ?  210 ASP   A N   1 
ATOM   418  C CA  . ASP   A 1 73  ? -5.935  8.391   -5.486  1.00 56.44 ?  210 ASP   A CA  1 
ATOM   419  C C   . ASP   A 1 73  ? -6.007  9.028   -4.112  1.00 56.94 ?  210 ASP   A C   1 
ATOM   420  O O   . ASP   A 1 73  ? -5.037  8.961   -3.360  1.00 57.32 ?  210 ASP   A O   1 
ATOM   421  C CB  . ASP   A 1 73  ? -5.661  9.427   -6.586  1.00 57.79 ?  210 ASP   A CB  1 
ATOM   422  C CG  . ASP   A 1 73  ? -5.263  8.820   -7.922  1.00 60.80 ?  210 ASP   A CG  1 
ATOM   423  O OD1 . ASP   A 1 73  ? -4.534  7.799   -7.921  1.00 61.05 ?  210 ASP   A OD1 1 
ATOM   424  O OD2 . ASP   A 1 73  ? -5.667  9.371   -8.967  1.00 62.40 ?  210 ASP   A OD2 1 
ATOM   425  N N   . ASN   A 1 74  ? -7.165  9.599   -3.777  1.00 56.95 ?  211 ASN   A N   1 
ATOM   426  C CA  . ASN   A 1 74  ? -7.320  10.297  -2.470  1.00 57.53 ?  211 ASN   A CA  1 
ATOM   427  C C   . ASN   A 1 74  ? -7.989  9.372   -1.451  1.00 57.15 ?  211 ASN   A C   1 
ATOM   428  O O   . ASN   A 1 74  ? -9.009  8.740   -1.795  1.00 57.12 ?  211 ASN   A O   1 
ATOM   429  C CB  . ASN   A 1 74  ? -8.092  11.602  -2.613  1.00 59.63 ?  211 ASN   A CB  1 
ATOM   430  C CG  . ASN   A 1 74  ? -8.124  12.375  -1.317  1.00 64.45 ?  211 ASN   A CG  1 
ATOM   431  O OD1 . ASN   A 1 74  ? -9.202  12.635  -0.776  1.00 65.73 ?  211 ASN   A OD1 1 
ATOM   432  N ND2 . ASN   A 1 74  ? -6.960  12.744  -0.803  1.00 65.67 ?  211 ASN   A ND2 1 
ATOM   433  N N   . LEU   A 1 75  ? -7.441  9.316   -0.238  1.00 56.67 ?  212 LEU   A N   1 
ATOM   434  C CA  . LEU   A 1 75  ? -7.983  8.420   0.812   1.00 56.55 ?  212 LEU   A CA  1 
ATOM   435  C C   . LEU   A 1 75  ? -9.137  9.110   1.549   1.00 56.11 ?  212 LEU   A C   1 
ATOM   436  O O   . LEU   A 1 75  ? -10.054 8.401   2.015   1.00 55.94 ?  212 LEU   A O   1 
ATOM   437  C CB  . LEU   A 1 75  ? -6.827  8.078   1.749   1.00 56.76 ?  212 LEU   A CB  1 
ATOM   438  C CG  . LEU   A 1 75  ? -5.924  6.931   1.288   1.00 58.16 ?  212 LEU   A CG  1 
ATOM   439  C CD1 . LEU   A 1 75  ? -4.692  6.823   2.162   1.00 58.51 ?  212 LEU   A CD1 1 
ATOM   440  C CD2 . LEU   A 1 75  ? -6.715  5.638   1.327   1.00 59.01 ?  212 LEU   A CD2 1 
ATOM   441  N N   . SER   A 1 76  ? -9.083  10.437  1.654   1.00 55.73 ?  213 SER   A N   1 
ATOM   442  C CA  . SER   A 1 76  ? -10.132 11.185  2.394   1.00 55.66 ?  213 SER   A CA  1 
ATOM   443  C C   . SER   A 1 76  ? -11.487 10.935  1.733   1.00 55.74 ?  213 SER   A C   1 
ATOM   444  O O   . SER   A 1 76  ? -12.441 10.573  2.449   1.00 55.43 ?  213 SER   A O   1 
ATOM   445  C CB  . SER   A 1 76  ? -9.817  12.655  2.448   1.00 56.23 ?  213 SER   A CB  1 
ATOM   446  O OG  . SER   A 1 76  ? -10.225 13.316  1.258   1.00 57.65 ?  213 SER   A OG  1 
ATOM   447  N N   . MET   A 1 77  ? -11.559 11.123  0.415   1.00 56.03 ?  214 MET   A N   1 
ATOM   448  C CA  . MET   A 1 77  ? -12.835 10.971  -0.274  1.00 56.80 ?  214 MET   A CA  1 
ATOM   449  C C   . MET   A 1 77  ? -13.344 9.523   -0.315  1.00 57.79 ?  214 MET   A C   1 
ATOM   450  O O   . MET   A 1 77  ? -14.544 9.305   -0.479  1.00 57.92 ?  214 MET   A O   1 
ATOM   451  C CB  . MET   A 1 77  ? -12.760 11.572  -1.684  1.00 57.00 ?  214 MET   A CB  1 
ATOM   452  C CG  . MET   A 1 77  ? -12.189 12.981  -1.714  1.00 58.19 ?  214 MET   A CG  1 
ATOM   453  S SD  . MET   A 1 77  ? -13.219 14.239  -0.914  1.00 57.62 ?  214 MET   A SD  1 
ATOM   454  C CE  . MET   A 1 77  ? -14.632 14.171  -1.905  1.00 54.53 ?  214 MET   A CE  1 
ATOM   455  N N   . ALA   A 1 78  ? -12.449 8.540   -0.146  1.00 58.32 ?  215 ALA   A N   1 
ATOM   456  C CA  . ALA   A 1 78  ? -12.828 7.131   -0.163  1.00 59.31 ?  215 ALA   A CA  1 
ATOM   457  C C   . ALA   A 1 78  ? -13.474 6.700   1.167   1.00 60.16 ?  215 ALA   A C   1 
ATOM   458  O O   . ALA   A 1 78  ? -14.536 6.077   1.155   1.00 60.23 ?  215 ALA   A O   1 
ATOM   459  C CB  . ALA   A 1 78  ? -11.613 6.263   -0.486  1.00 59.47 ?  215 ALA   A CB  1 
ATOM   460  N N   . ASP   A 1 79  ? -12.849 7.048   2.305   1.00 60.65 ?  216 ASP   A N   1 
ATOM   461  C CA  . ASP   A 1 79  ? -13.362 6.710   3.634   1.00 61.75 ?  216 ASP   A CA  1 
ATOM   462  C C   . ASP   A 1 79  ? -13.196 7.946   4.516   1.00 62.85 ?  216 ASP   A C   1 
ATOM   463  O O   . ASP   A 1 79  ? -12.072 8.425   4.683   1.00 63.00 ?  216 ASP   A O   1 
ATOM   464  C CB  . ASP   A 1 79  ? -12.577 5.520   4.222   1.00 62.97 ?  216 ASP   A CB  1 
ATOM   465  C CG  . ASP   A 1 79  ? -13.190 4.862   5.450   1.00 66.05 ?  216 ASP   A CG  1 
ATOM   466  O OD1 . ASP   A 1 79  ? -13.904 5.553   6.206   1.00 66.49 ?  216 ASP   A OD1 1 
ATOM   467  O OD2 . ASP   A 1 79  ? -12.941 3.659   5.663   1.00 67.41 ?  216 ASP   A OD2 1 
ATOM   468  N N   . PRO   A 1 80  ? -14.294 8.486   5.082   1.00 63.33 ?  217 PRO   A N   1 
ATOM   469  C CA  . PRO   A 1 80  ? -14.164 9.688   5.922   1.00 63.68 ?  217 PRO   A CA  1 
ATOM   470  C C   . PRO   A 1 80  ? -13.265 9.446   7.127   1.00 64.20 ?  217 PRO   A C   1 
ATOM   471  O O   . PRO   A 1 80  ? -12.428 10.289  7.452   1.00 64.28 ?  217 PRO   A O   1 
ATOM   472  C CB  . PRO   A 1 80  ? -15.611 10.004  6.336   1.00 64.43 ?  217 PRO   A CB  1 
ATOM   473  C CG  . PRO   A 1 80  ? -16.473 9.263   5.377   1.00 64.87 ?  217 PRO   A CG  1 
ATOM   474  C CD  . PRO   A 1 80  ? -15.696 8.045   4.972   1.00 63.13 ?  217 PRO   A CD  1 
ATOM   475  N N   . ASN   A 1 81  ? -13.394 8.261   7.745   1.00 64.40 ?  218 ASN   A N   1 
ATOM   476  C CA  . ASN   A 1 81  ? -12.582 7.858   8.895   1.00 64.92 ?  218 ASN   A CA  1 
ATOM   477  C C   . ASN   A 1 81  ? -11.061 7.830   8.588   1.00 64.97 ?  218 ASN   A C   1 
ATOM   478  O O   . ASN   A 1 81  ? -10.248 7.839   9.511   1.00 65.24 ?  218 ASN   A O   1 
ATOM   479  C CB  . ASN   A 1 81  ? -13.076 6.527   9.456   1.00 66.07 ?  218 ASN   A CB  1 
ATOM   480  N N   . ILE   A 1 82  ? -10.690 7.837   7.296   1.00 64.41 ?  219 ILE   A N   1 
ATOM   481  C CA  . ILE   A 1 82  ? -9.310  7.914   6.851   1.00 64.48 ?  219 ILE   A CA  1 
ATOM   482  C C   . ILE   A 1 82  ? -8.939  9.408   6.713   1.00 64.08 ?  219 ILE   A C   1 
ATOM   483  O O   . ILE   A 1 82  ? -9.710  10.174  6.138   1.00 63.97 ?  219 ILE   A O   1 
ATOM   484  C CB  . ILE   A 1 82  ? -9.142  7.147   5.524   1.00 65.18 ?  219 ILE   A CB  1 
ATOM   485  N N   . ARG   A 1 83  ? -7.794  9.835   7.279   1.00 63.75 ?  220 ARG   A N   1 
ATOM   486  C CA  . ARG   A 1 83  ? -7.399  11.250  7.250   1.00 63.87 ?  220 ARG   A CA  1 
ATOM   487  C C   . ARG   A 1 83  ? -5.905  11.490  7.014   1.00 63.62 ?  220 ARG   A C   1 
ATOM   488  O O   . ARG   A 1 83  ? -5.063  10.782  7.569   1.00 63.54 ?  220 ARG   A O   1 
ATOM   489  C CB  . ARG   A 1 83  ? -7.845  11.964  8.537   1.00 65.09 ?  220 ARG   A CB  1 
ATOM   490  N N   . PHE   A 1 84  ? -5.624  12.380  6.054   1.00 63.32 ?  221 PHE   A N   1 
ATOM   491  C CA  . PHE   A 1 84  ? -4.213  12.647  5.673   1.00 63.52 ?  221 PHE   A CA  1 
ATOM   492  C C   . PHE   A 1 84  ? -3.527  13.310  6.839   1.00 63.68 ?  221 PHE   A C   1 
ATOM   493  O O   . PHE   A 1 84  ? -4.003  14.346  7.352   1.00 63.68 ?  221 PHE   A O   1 
ATOM   494  C CB  . PHE   A 1 84  ? -4.072  13.524  4.425   1.00 63.43 ?  221 PHE   A CB  1 
ATOM   495  C CG  . PHE   A 1 84  ? -2.630  13.916  4.128   1.00 63.96 ?  221 PHE   A CG  1 
ATOM   496  C CD1 . PHE   A 1 84  ? -1.795  13.067  3.410   1.00 64.70 ?  221 PHE   A CD1 1 
ATOM   497  C CD2 . PHE   A 1 84  ? -2.112  15.130  4.567   1.00 64.80 ?  221 PHE   A CD2 1 
ATOM   498  C CE1 . PHE   A 1 84  ? -0.483  13.421  3.145   1.00 65.44 ?  221 PHE   A CE1 1 
ATOM   499  C CE2 . PHE   A 1 84  ? -0.798  15.478  4.298   1.00 65.39 ?  221 PHE   A CE2 1 
ATOM   500  C CZ  . PHE   A 1 84  ? 0.013   14.625  3.587   1.00 65.23 ?  221 PHE   A CZ  1 
ATOM   501  N N   . LEU   A 1 85  ? -2.409  12.718  7.247   1.00 63.68 ?  222 LEU   A N   1 
ATOM   502  C CA  . LEU   A 1 85  ? -1.652  13.302  8.372   1.00 64.12 ?  222 LEU   A CA  1 
ATOM   503  C C   . LEU   A 1 85  ? -0.453  14.114  7.816   1.00 64.09 ?  222 LEU   A C   1 
ATOM   504  O O   . LEU   A 1 85  ? -0.552  15.359  7.847   1.00 64.42 ?  222 LEU   A O   1 
ATOM   505  C CB  . LEU   A 1 85  ? -1.192  12.194  9.317   1.00 64.51 ?  222 LEU   A CB  1 
ATOM   506  N N   . ASP   A 1 86  ? 0.619   13.463  7.315   1.00 63.71 ?  223 ASP   A N   1 
ATOM   507  C CA  . ASP   A 1 86  ? 1.849   14.181  6.836   1.00 63.95 ?  223 ASP   A CA  1 
ATOM   508  C C   . ASP   A 1 86  ? 2.621   13.363  5.784   1.00 63.53 ?  223 ASP   A C   1 
ATOM   509  O O   . ASP   A 1 86  ? 2.061   12.347  5.321   1.00 63.64 ?  223 ASP   A O   1 
ATOM   510  C CB  . ASP   A 1 86  ? 2.775   14.530  7.991   1.00 65.78 ?  223 ASP   A CB  1 
ATOM   511  C CG  . ASP   A 1 86  ? 2.304   15.652  8.905   1.00 70.21 ?  223 ASP   A CG  1 
ATOM   512  O OD1 . ASP   A 1 86  ? 2.132   16.783  8.405   1.00 70.81 ?  223 ASP   A OD1 1 
ATOM   513  O OD2 . ASP   A 1 86  ? 2.110   15.382  10.108  1.00 72.27 ?  223 ASP   A OD2 1 
ATOM   514  N N   . LYS   A 1 87  ? 3.853   13.775  5.412   1.00 62.82 ?  224 LYS   A N   1 
ATOM   515  C CA  . LYS   A 1 87  ? 4.666   12.961  4.472   1.00 62.58 ?  224 LYS   A CA  1 
ATOM   516  C C   . LYS   A 1 87  ? 6.001   12.639  5.160   1.00 62.08 ?  224 LYS   A C   1 
ATOM   517  O O   . LYS   A 1 87  ? 6.539   13.532  5.847   1.00 61.98 ?  224 LYS   A O   1 
ATOM   518  C CB  . LYS   A 1 87  ? 4.871   13.714  3.153   1.00 64.26 ?  224 LYS   A CB  1 
ATOM   519  N N   . LEU   A 1 88  ? 6.504   11.413  4.997   1.00 61.62 ?  225 LEU   A N   1 
ATOM   520  C CA  . LEU   A 1 88  ? 7.744   11.026  5.690   1.00 62.02 ?  225 LEU   A CA  1 
ATOM   521  C C   . LEU   A 1 88  ? 8.934   11.461  4.840   1.00 62.41 ?  225 LEU   A C   1 
ATOM   522  O O   . LEU   A 1 88  ? 8.728   11.890  3.684   1.00 62.93 ?  225 LEU   A O   1 
ATOM   523  C CB  . LEU   A 1 88  ? 7.682   9.511   5.885   1.00 62.41 ?  225 LEU   A CB  1 
ATOM   524  N N   . PRO   A 1 89  ? 10.163  11.371  5.370   1.00 61.87 ?  226 PRO   A N   1 
ATOM   525  C CA  . PRO   A 1 89  ? 11.396  11.641  4.591   1.00 61.34 ?  226 PRO   A CA  1 
ATOM   526  C C   . PRO   A 1 89  ? 11.502  10.967  3.212   1.00 60.46 ?  226 PRO   A C   1 
ATOM   527  O O   . PRO   A 1 89  ? 10.918  9.909   2.981   1.00 60.72 ?  226 PRO   A O   1 
ATOM   528  C CB  . PRO   A 1 89  ? 12.520  11.167  5.524   1.00 62.26 ?  226 PRO   A CB  1 
ATOM   529  C CG  . PRO   A 1 89  ? 11.900  11.116  6.888   1.00 62.81 ?  226 PRO   A CG  1 
ATOM   530  C CD  . PRO   A 1 89  ? 10.478  10.731  6.662   1.00 61.21 ?  226 PRO   A CD  1 
ATOM   531  N N   . GLN   A 1 90  ? 12.319  11.530  2.311   1.00 59.30 ?  227 GLN   A N   1 
ATOM   532  C CA  . GLN   A 1 90  ? 12.474  10.999  0.926   1.00 58.40 ?  227 GLN   A CA  1 
ATOM   533  C C   . GLN   A 1 90  ? 13.773  10.182  0.800   1.00 57.63 ?  227 GLN   A C   1 
ATOM   534  O O   . GLN   A 1 90  ? 14.543  10.174  1.783   1.00 57.88 ?  227 GLN   A O   1 
ATOM   535  C CB  . GLN   A 1 90  ? 12.453  12.197  -0.021  1.00 59.12 ?  227 GLN   A CB  1 
ATOM   536  C CG  . GLN   A 1 90  ? 11.207  13.062  0.137   1.00 60.63 ?  227 GLN   A CG  1 
ATOM   537  C CD  . GLN   A 1 90  ? 10.997  14.037  -1.000  1.00 63.08 ?  227 GLN   A CD  1 
ATOM   538  O OE1 . GLN   A 1 90  ? 11.862  14.865  -1.306  1.00 63.13 ?  227 GLN   A OE1 1 
ATOM   539  N NE2 . GLN   A 1 90  ? 9.832   13.962  -1.626  1.00 63.77 ?  227 GLN   A NE2 1 
ATOM   540  N N   . GLN   A 1 91  ? 14.011  9.526   -0.346  1.00 56.45 ?  228 GLN   A N   1 
ATOM   541  C CA  . GLN   A 1 91  ? 15.186  8.625   -0.531  1.00 55.57 ?  228 GLN   A CA  1 
ATOM   542  C C   . GLN   A 1 91  ? 15.896  8.896   -1.872  1.00 54.90 ?  228 GLN   A C   1 
ATOM   543  O O   . GLN   A 1 91  ? 15.559  9.915   -2.502  1.00 55.04 ?  228 GLN   A O   1 
ATOM   544  C CB  . GLN   A 1 91  ? 14.687  7.184   -0.445  1.00 56.02 ?  228 GLN   A CB  1 
ATOM   545  C CG  . GLN   A 1 91  ? 15.668  6.211   0.196   1.00 57.43 ?  228 GLN   A CG  1 
ATOM   546  C CD  . GLN   A 1 91  ? 15.651  4.849   -0.461  1.00 60.27 ?  228 GLN   A CD  1 
ATOM   547  O OE1 . GLN   A 1 91  ? 14.614  4.183   -0.543  1.00 61.57 ?  228 GLN   A OE1 1 
ATOM   548  N NE2 . GLN   A 1 91  ? 16.806  4.428   -0.955  1.00 59.91 ?  228 GLN   A NE2 1 
ATOM   549  N N   . THR   A 1 92  ? 16.859  8.055   -2.277  1.00 53.98 ?  229 THR   A N   1 
ATOM   550  C CA  . THR   A 1 92  ? 17.630  8.201   -3.539  1.00 53.74 ?  229 THR   A CA  1 
ATOM   551  C C   . THR   A 1 92  ? 18.099  6.832   -3.995  1.00 53.20 ?  229 THR   A C   1 
ATOM   552  O O   . THR   A 1 92  ? 18.027  5.898   -3.174  1.00 53.21 ?  229 THR   A O   1 
ATOM   553  C CB  . THR   A 1 92  ? 18.806  9.148   -3.317  1.00 55.01 ?  229 THR   A CB  1 
ATOM   554  N N   . GLY   A 1 93  ? 18.598  6.700   -5.235  1.00 52.45 ?  230 GLY   A N   1 
ATOM   555  C CA  . GLY   A 1 93  ? 19.030  5.396   -5.784  1.00 51.85 ?  230 GLY   A CA  1 
ATOM   556  C C   . GLY   A 1 93  ? 19.584  5.479   -7.198  1.00 50.65 ?  230 GLY   A C   1 
ATOM   557  O O   . GLY   A 1 93  ? 19.376  6.480   -7.866  1.00 50.36 ?  230 GLY   A O   1 
ATOM   558  N N   . ASP   A 1 94  ? 20.359  4.496   -7.638  1.00 49.70 ?  231 ASP   A N   1 
ATOM   559  C CA  . ASP   A 1 94  ? 20.854  4.431   -9.041  1.00 49.28 ?  231 ASP   A CA  1 
ATOM   560  C C   . ASP   A 1 94  ? 19.900  3.543   -9.842  1.00 48.82 ?  231 ASP   A C   1 
ATOM   561  O O   . ASP   A 1 94  ? 20.123  2.313   -9.867  1.00 48.54 ?  231 ASP   A O   1 
ATOM   562  C CB  . ASP   A 1 94  ? 22.300  3.963   -9.099  1.00 50.65 ?  231 ASP   A CB  1 
ATOM   563  C CG  . ASP   A 1 94  ? 23.296  4.823   -8.338  1.00 54.31 ?  231 ASP   A CG  1 
ATOM   564  O OD1 . ASP   A 1 94  ? 23.441  6.009   -8.698  1.00 55.02 ?  231 ASP   A OD1 1 
ATOM   565  O OD2 . ASP   A 1 94  ? 23.925  4.298   -7.397  1.00 56.00 ?  231 ASP   A OD2 1 
ATOM   566  N N   . ARG   A 1 95  ? 18.879  4.134   -10.472 1.00 48.55 ?  232 ARG   A N   1 
ATOM   567  C CA  . ARG   A 1 95  ? 17.854  3.311   -11.168 1.00 48.52 ?  232 ARG   A CA  1 
ATOM   568  C C   . ARG   A 1 95  ? 17.770  3.660   -12.662 1.00 49.20 ?  232 ARG   A C   1 
ATOM   569  O O   . ARG   A 1 95  ? 17.253  4.751   -12.980 1.00 49.22 ?  232 ARG   A O   1 
ATOM   570  C CB  . ARG   A 1 95  ? 16.492  3.512   -10.496 1.00 48.19 ?  232 ARG   A CB  1 
ATOM   571  C CG  . ARG   A 1 95  ? 15.403  2.595   -11.035 1.00 48.11 ?  232 ARG   A CG  1 
ATOM   572  C CD  . ARG   A 1 95  ? 15.725  1.131   -10.790 1.00 47.68 ?  232 ARG   A CD  1 
ATOM   573  N NE  . ARG   A 1 95  ? 14.637  0.250   -11.225 1.00 47.66 ?  232 ARG   A NE  1 
ATOM   574  C CZ  . ARG   A 1 95  ? 14.649  -1.072  -11.124 1.00 47.57 ?  232 ARG   A CZ  1 
ATOM   575  N NH1 . ARG   A 1 95  ? 15.712  -1.689  -10.637 1.00 46.61 ?  232 ARG   A NH1 1 
ATOM   576  N NH2 . ARG   A 1 95  ? 13.600  -1.775  -11.510 1.00 46.10 ?  232 ARG   A NH2 1 
ATOM   577  N N   . ALA   A 1 96  ? 18.240  2.765   -13.535 1.00 49.67 ?  233 ALA   A N   1 
ATOM   578  C CA  . ALA   A 1 96  ? 18.114  2.948   -15.005 1.00 50.57 ?  233 ALA   A CA  1 
ATOM   579  C C   . ALA   A 1 96  ? 18.330  4.394   -15.459 1.00 51.73 ?  233 ALA   A C   1 
ATOM   580  O O   . ALA   A 1 96  ? 17.394  4.962   -16.064 1.00 51.88 ?  233 ALA   A O   1 
ATOM   581  C CB  . ALA   A 1 96  ? 16.766  2.430   -15.463 1.00 50.36 ?  233 ALA   A CB  1 
ATOM   582  N N   . GLY   A 1 97  ? 19.503  4.977   -15.195 1.00 52.28 ?  234 GLY   A N   1 
ATOM   583  C CA  . GLY   A 1 97  ? 19.816  6.308   -15.744 1.00 53.20 ?  234 GLY   A CA  1 
ATOM   584  C C   . GLY   A 1 97  ? 19.390  7.374   -14.758 1.00 54.27 ?  234 GLY   A C   1 
ATOM   585  O O   . GLY   A 1 97  ? 19.501  8.571   -15.098 1.00 54.57 ?  234 GLY   A O   1 
ATOM   586  N N   . ILE   A 1 98  ? 18.917  6.964   -13.575 1.00 54.81 ?  235 ILE   A N   1 
ATOM   587  C CA  . ILE   A 1 98  ? 18.563  7.947   -12.559 1.00 55.86 ?  235 ILE   A CA  1 
ATOM   588  C C   . ILE   A 1 98  ? 19.446  7.686   -11.324 1.00 57.32 ?  235 ILE   A C   1 
ATOM   589  O O   . ILE   A 1 98  ? 19.072  6.916   -10.435 1.00 58.06 ?  235 ILE   A O   1 
ATOM   590  C CB  . ILE   A 1 98  ? 17.040  7.939   -12.231 1.00 55.92 ?  235 ILE   A CB  1 
ATOM   591  C CG1 . ILE   A 1 98  ? 16.175  7.868   -13.505 1.00 56.38 ?  235 ILE   A CG1 1 
ATOM   592  C CG2 . ILE   A 1 98  ? 16.669  9.158   -11.400 1.00 56.24 ?  235 ILE   A CG2 1 
ATOM   593  C CD1 . ILE   A 1 98  ? 14.782  7.581   -13.282 1.00 57.25 ?  235 ILE   A CD1 1 
ATOM   594  N N   . LYS   A 1 99  ? 20.624  8.314   -11.280 1.00 57.43 ?  236 LYS   A N   1 
ATOM   595  C CA  . LYS   A 1 99  ? 21.580  8.063   -10.166 1.00 58.17 ?  236 LYS   A CA  1 
ATOM   596  C C   . LYS   A 1 99  ? 20.960  8.465   -8.816  1.00 58.37 ?  236 LYS   A C   1 
ATOM   597  O O   . LYS   A 1 99  ? 21.555  8.123   -7.772  1.00 58.58 ?  236 LYS   A O   1 
ATOM   598  C CB  . LYS   A 1 99  ? 22.885  8.827   -10.419 1.00 60.42 ?  236 LYS   A CB  1 
ATOM   599  N N   . ASP   A 1 100 ? 19.822  9.162   -8.837  1.00 58.23 ?  237 ASP   A N   1 
ATOM   600  C CA  . ASP   A 1 100 ? 19.157  9.614   -7.582  1.00 58.45 ?  237 ASP   A CA  1 
ATOM   601  C C   . ASP   A 1 100 ? 17.640  9.447   -7.725  1.00 58.27 ?  237 ASP   A C   1 
ATOM   602  O O   . ASP   A 1 100 ? 16.953  10.463  -7.965  1.00 58.40 ?  237 ASP   A O   1 
ATOM   603  C CB  . ASP   A 1 100 ? 19.554  11.039  -7.226  1.00 59.92 ?  237 ASP   A CB  1 
ATOM   604  N N   . ARG   A 1 101 ? 17.143  8.216   -7.583  1.00 57.58 ?  238 ARG   A N   1 
ATOM   605  C CA  . ARG   A 1 101 ? 15.689  7.941   -7.715  1.00 57.42 ?  238 ARG   A CA  1 
ATOM   606  C C   . ARG   A 1 101 ? 14.987  8.281   -6.391  1.00 56.78 ?  238 ARG   A C   1 
ATOM   607  O O   . ARG   A 1 101 ? 15.181  7.533   -5.409  1.00 56.58 ?  238 ARG   A O   1 
ATOM   608  C CB  . ARG   A 1 101 ? 15.512  6.473   -8.119  1.00 59.01 ?  238 ARG   A CB  1 
ATOM   609  C CG  . ARG   A 1 101 ? 14.134  5.870   -7.886  1.00 62.32 ?  238 ARG   A CG  1 
ATOM   610  C CD  . ARG   A 1 101 ? 13.043  6.476   -8.749  1.00 65.63 ?  238 ARG   A CD  1 
ATOM   611  N NE  . ARG   A 1 101 ? 11.810  5.691   -8.628  1.00 67.95 ?  238 ARG   A NE  1 
ATOM   612  C CZ  . ARG   A 1 101 ? 10.653  6.159   -8.179  1.00 69.19 ?  238 ARG   A CZ  1 
ATOM   613  N NH1 . ARG   A 1 101 ? 10.534  7.435   -7.861  1.00 68.60 ?  238 ARG   A NH1 1 
ATOM   614  N NH2 . ARG   A 1 101 ? 9.621   5.347   -8.049  1.00 68.77 ?  238 ARG   A NH2 1 
ATOM   615  N N   . VAL   A 1 102 ? 14.207  9.367   -6.368  1.00 56.20 ?  239 VAL   A N   1 
ATOM   616  C CA  . VAL   A 1 102 ? 13.531  9.771   -5.142  1.00 56.13 ?  239 VAL   A CA  1 
ATOM   617  C C   . VAL   A 1 102 ? 12.351  8.906   -4.733  1.00 55.79 ?  239 VAL   A C   1 
ATOM   618  O O   . VAL   A 1 102 ? 11.335  8.899   -5.424  1.00 55.99 ?  239 VAL   A O   1 
ATOM   619  C CB  . VAL   A 1 102 ? 13.089  11.249  -5.177  1.00 56.99 ?  239 VAL   A CB  1 
ATOM   620  C CG1 . VAL   A 1 102 ? 12.679  11.719  -3.784  1.00 57.74 ?  239 VAL   A CG1 1 
ATOM   621  C CG2 . VAL   A 1 102 ? 14.179  12.148  -5.742  1.00 57.61 ?  239 VAL   A CG2 1 
ATOM   622  N N   . TYR   A 1 103 ? 12.460  8.263   -3.565  1.00 54.99 ?  240 TYR   A N   1 
ATOM   623  C CA  . TYR   A 1 103 ? 11.329  7.458   -3.031  1.00 54.73 ?  240 TYR   A CA  1 
ATOM   624  C C   . TYR   A 1 103 ? 10.684  8.217   -1.875  1.00 55.43 ?  240 TYR   A C   1 
ATOM   625  O O   . TYR   A 1 103 ? 11.403  8.585   -0.926  1.00 55.20 ?  240 TYR   A O   1 
ATOM   626  C CB  . TYR   A 1 103 ? 11.823  6.083   -2.580  1.00 53.97 ?  240 TYR   A CB  1 
ATOM   627  C CG  . TYR   A 1 103 ? 12.437  5.217   -3.671  1.00 53.59 ?  240 TYR   A CG  1 
ATOM   628  C CD1 . TYR   A 1 103 ? 11.636  4.494   -4.544  1.00 54.01 ?  240 TYR   A CD1 1 
ATOM   629  C CD2 . TYR   A 1 103 ? 13.813  5.093   -3.800  1.00 53.83 ?  240 TYR   A CD2 1 
ATOM   630  C CE1 . TYR   A 1 103 ? 12.184  3.694   -5.531  1.00 54.53 ?  240 TYR   A CE1 1 
ATOM   631  C CE2 . TYR   A 1 103 ? 14.375  4.293   -4.781  1.00 54.37 ?  240 TYR   A CE2 1 
ATOM   632  C CZ  . TYR   A 1 103 ? 13.557  3.590   -5.646  1.00 55.02 ?  240 TYR   A CZ  1 
ATOM   633  O OH  . TYR   A 1 103 ? 14.101  2.802   -6.618  1.00 56.15 ?  240 TYR   A OH  1 
ATOM   634  N N   . SER   A 1 104 ? 9.369   8.443   -1.946  1.00 56.29 ?  241 SER   A N   1 
ATOM   635  C CA  . SER   A 1 104 ? 8.658   9.221   -0.895  1.00 57.75 ?  241 SER   A CA  1 
ATOM   636  C C   . SER   A 1 104 ? 7.328   8.546   -0.520  1.00 59.05 ?  241 SER   A C   1 
ATOM   637  O O   . SER   A 1 104 ? 6.640   8.052   -1.439  1.00 59.21 ?  241 SER   A O   1 
ATOM   638  C CB  . SER   A 1 104 ? 8.425   10.640  -1.336  1.00 59.00 ?  241 SER   A CB  1 
ATOM   639  O OG  . SER   A 1 104 ? 7.763   11.381  -0.321  1.00 61.48 ?  241 SER   A OG  1 
ATOM   640  N N   . ASN   A 1 105 ? 6.976   8.548   0.772   1.00 59.60 ?  242 ASN   A N   1 
ATOM   641  C CA  . ASN   A 1 105 ? 5.704   7.922   1.235   1.00 60.56 ?  242 ASN   A CA  1 
ATOM   642  C C   . ASN   A 1 105 ? 4.930   8.894   2.137   1.00 61.64 ?  242 ASN   A C   1 
ATOM   643  O O   . ASN   A 1 105 ? 5.575   9.777   2.739   1.00 61.78 ?  242 ASN   A O   1 
ATOM   644  C CB  . ASN   A 1 105 ? 5.962   6.585   1.918   1.00 61.22 ?  242 ASN   A CB  1 
ATOM   645  C CG  . ASN   A 1 105 ? 7.047   5.791   1.230   1.00 63.78 ?  242 ASN   A CG  1 
ATOM   646  O OD1 . ASN   A 1 105 ? 8.219   6.181   1.262   1.00 64.57 ?  242 ASN   A OD1 1 
ATOM   647  N ND2 . ASN   A 1 105 ? 6.684   4.671   0.622   1.00 64.19 ?  242 ASN   A ND2 1 
ATOM   648  N N   . SER   A 1 106 ? 3.602   8.739   2.222   1.00 62.16 ?  243 SER   A N   1 
ATOM   649  C CA  . SER   A 1 106 ? 2.765   9.623   3.046   1.00 62.96 ?  243 SER   A CA  1 
ATOM   650  C C   . SER   A 1 106 ? 2.089   8.924   4.237   1.00 63.53 ?  243 SER   A C   1 
ATOM   651  O O   . SER   A 1 106 ? 1.488   7.865   4.082   1.00 63.55 ?  243 SER   A O   1 
ATOM   652  C CB  . SER   A 1 106 ? 1.718   10.328  2.191   1.00 64.22 ?  243 SER   A CB  1 
ATOM   653  N N   . ILE   A 1 107 ? 2.184   9.569   5.406   1.00 63.72 ?  244 ILE   A N   1 
ATOM   654  C CA  . ILE   A 1 107 ? 1.622   8.979   6.657   1.00 63.72 ?  244 ILE   A CA  1 
ATOM   655  C C   . ILE   A 1 107 ? 0.154   9.397   6.818   1.00 63.93 ?  244 ILE   A C   1 
ATOM   656  O O   . ILE   A 1 107 ? -0.169  10.569  6.528   1.00 63.58 ?  244 ILE   A O   1 
ATOM   657  C CB  . ILE   A 1 107 ? 2.471   9.403   7.871   1.00 63.59 ?  244 ILE   A CB  1 
ATOM   658  C CG1 . ILE   A 1 107 ? 3.960   9.179   7.612   1.00 63.84 ?  244 ILE   A CG1 1 
ATOM   659  C CG2 . ILE   A 1 107 ? 2.003   8.699   9.145   1.00 64.10 ?  244 ILE   A CG2 1 
ATOM   660  C CD1 . ILE   A 1 107 ? 4.855   9.562   8.776   1.00 64.71 ?  244 ILE   A CD1 1 
ATOM   661  N N   . TYR   A 1 108 ? -0.689  8.470   7.263   1.00 64.39 ?  245 TYR   A N   1 
ATOM   662  C CA  . TYR   A 1 108 ? -2.106  8.731   7.472   1.00 65.61 ?  245 TYR   A CA  1 
ATOM   663  C C   . TYR   A 1 108 ? -2.556  8.396   8.897   1.00 66.76 ?  245 TYR   A C   1 
ATOM   664  O O   . TYR   A 1 108 ? -1.999  7.493   9.529   1.00 67.02 ?  245 TYR   A O   1 
ATOM   665  C CB  . TYR   A 1 108 ? -2.937  7.963   6.430   1.00 65.68 ?  245 TYR   A CB  1 
ATOM   666  C CG  . TYR   A 1 108 ? -2.850  8.574   5.050   1.00 66.43 ?  245 TYR   A CG  1 
ATOM   667  C CD1 . TYR   A 1 108 ? -1.791  8.276   4.201   1.00 67.23 ?  245 TYR   A CD1 1 
ATOM   668  C CD2 . TYR   A 1 108 ? -3.806  9.473   4.605   1.00 67.24 ?  245 TYR   A CD2 1 
ATOM   669  C CE1 . TYR   A 1 108 ? -1.665  8.889   2.964   1.00 68.11 ?  245 TYR   A CE1 1 
ATOM   670  C CE2 . TYR   A 1 108 ? -3.700  10.081  3.362   1.00 68.18 ?  245 TYR   A CE2 1 
ATOM   671  C CZ  . TYR   A 1 108 ? -2.627  9.786   2.543   1.00 69.03 ?  245 TYR   A CZ  1 
ATOM   672  O OH  . TYR   A 1 108 ? -2.529  10.367  1.304   1.00 70.30 ?  245 TYR   A OH  1 
ATOM   673  N N   . GLU   A 1 109 ? -3.560  9.123   9.408   1.00 67.09 ?  246 GLU   A N   1 
ATOM   674  C CA  . GLU   A 1 109 ? -4.071  8.869   10.756  1.00 67.98 ?  246 GLU   A CA  1 
ATOM   675  C C   . GLU   A 1 109 ? -5.434  8.158   10.707  1.00 68.66 ?  246 GLU   A C   1 
ATOM   676  O O   . GLU   A 1 109 ? -6.378  8.683   10.109  1.00 68.83 ?  246 GLU   A O   1 
ATOM   677  C CB  . GLU   A 1 109 ? -4.163  10.176  11.560  1.00 70.01 ?  246 GLU   A CB  1 
ATOM   678  N N   . LEU   A 1 110 ? -5.531  6.956   11.299  1.00 68.82 ?  247 LEU   A N   1 
ATOM   679  C CA  . LEU   A 1 110 ? -6.788  6.214   11.290  1.00 69.56 ?  247 LEU   A CA  1 
ATOM   680  C C   . LEU   A 1 110 ? -7.695  6.723   12.398  1.00 70.11 ?  247 LEU   A C   1 
ATOM   681  O O   . LEU   A 1 110 ? -7.482  6.397   13.564  1.00 70.21 ?  247 LEU   A O   1 
ATOM   682  C CB  . LEU   A 1 110 ? -6.553  4.705   11.437  1.00 69.83 ?  247 LEU   A CB  1 
ATOM   683  N N   . LEU   A 1 111 ? -8.701  7.539   12.035  1.00 70.19 ?  248 LEU   A N   1 
ATOM   684  C CA  . LEU   A 1 111 ? -9.631  8.109   13.007  1.00 70.45 ?  248 LEU   A CA  1 
ATOM   685  C C   . LEU   A 1 111 ? -10.953 7.364   13.008  1.00 70.40 ?  248 LEU   A C   1 
ATOM   686  O O   . LEU   A 1 111 ? -11.813 7.649   12.184  1.00 70.24 ?  248 LEU   A O   1 
ATOM   687  C CB  . LEU   A 1 111 ? -9.863  9.601   12.732  1.00 70.70 ?  248 LEU   A CB  1 
ATOM   688  N N   . GLU   A 1 112 ? -11.117 6.415   13.939  1.00 70.44 ?  249 GLU   A N   1 
ATOM   689  C CA  . GLU   A 1 112 ? -12.337 5.628   14.078  1.00 70.92 ?  249 GLU   A CA  1 
ATOM   690  C C   . GLU   A 1 112 ? -13.231 6.255   15.148  1.00 70.95 ?  249 GLU   A C   1 
ATOM   691  O O   . GLU   A 1 112 ? -12.908 6.173   16.332  1.00 71.17 ?  249 GLU   A O   1 
ATOM   692  C CB  . GLU   A 1 112 ? -12.000 4.172   14.444  1.00 73.07 ?  249 GLU   A CB  1 
ATOM   693  N N   . ASN   A 1 113 ? -14.334 6.901   14.721  1.00 70.56 ?  250 ASN   A N   1 
ATOM   694  C CA  . ASN   A 1 113 ? -15.307 7.590   15.576  1.00 70.45 ?  250 ASN   A CA  1 
ATOM   695  C C   . ASN   A 1 113 ? -14.658 8.679   16.435  1.00 70.37 ?  250 ASN   A C   1 
ATOM   696  O O   . ASN   A 1 113 ? -14.935 8.792   17.624  1.00 70.50 ?  250 ASN   A O   1 
ATOM   697  C CB  . ASN   A 1 113 ? -16.113 6.601   16.416  1.00 71.34 ?  250 ASN   A CB  1 
ATOM   698  N N   . GLY   A 1 114 ? -13.777 9.455   15.828  1.00 70.08 ?  251 GLY   A N   1 
ATOM   699  C CA  . GLY   A 1 114 ? -13.056 10.508  16.530  1.00 70.26 ?  251 GLY   A CA  1 
ATOM   700  C C   . GLY   A 1 114 ? -11.790 9.996   17.187  1.00 70.19 ?  251 GLY   A C   1 
ATOM   701  O O   . GLY   A 1 114 ? -10.783 10.703  17.250  1.00 70.18 ?  251 GLY   A O   1 
ATOM   702  N N   . GLN   A 1 115 ? -11.828 8.755   17.679  1.00 69.99 ?  252 GLN   A N   1 
ATOM   703  C CA  . GLN   A 1 115 ? -10.689 8.134   18.339  1.00 70.19 ?  252 GLN   A CA  1 
ATOM   704  C C   . GLN   A 1 115 ? -9.637  7.695   17.328  1.00 69.93 ?  252 GLN   A C   1 
ATOM   705  O O   . GLN   A 1 115 ? -9.875  6.773   16.544  1.00 70.17 ?  252 GLN   A O   1 
ATOM   706  C CB  . GLN   A 1 115 ? -11.146 6.931   19.179  1.00 71.79 ?  252 GLN   A CB  1 
ATOM   707  N N   . ARG   A 1 116 ? -8.472  8.347   17.349  1.00 69.20 ?  253 ARG   A N   1 
ATOM   708  C CA  . ARG   A 1 116 ? -7.393  7.986   16.444  1.00 68.92 ?  253 ARG   A CA  1 
ATOM   709  C C   . ARG   A 1 116 ? -6.637  6.755   16.966  1.00 68.12 ?  253 ARG   A C   1 
ATOM   710  O O   . ARG   A 1 116 ? -5.902  6.838   17.952  1.00 68.25 ?  253 ARG   A O   1 
ATOM   711  C CB  . ARG   A 1 116 ? -6.459  9.182   16.173  1.00 70.41 ?  253 ARG   A CB  1 
ATOM   712  C CG  . ARG   A 1 116 ? -5.972  9.904   17.424  1.00 73.57 ?  253 ARG   A CG  1 
ATOM   713  C CD  . ARG   A 1 116 ? -4.568  10.461  17.240  1.00 76.70 ?  253 ARG   A CD  1 
ATOM   714  N NE  . ARG   A 1 116 ? -3.581  9.429   16.900  1.00 79.05 ?  253 ARG   A NE  1 
ATOM   715  C CZ  . ARG   A 1 116 ? -2.879  8.737   17.792  1.00 80.54 ?  253 ARG   A CZ  1 
ATOM   716  N NH1 . ARG   A 1 116 ? -1.999  7.830   17.392  1.00 79.81 ?  253 ARG   A NH1 1 
ATOM   717  N NH2 . ARG   A 1 116 ? -3.055  8.943   19.091  1.00 80.46 ?  253 ARG   A NH2 1 
ATOM   718  N N   . ALA   A 1 117 ? -6.850  5.600   16.321  1.00 67.17 ?  254 ALA   A N   1 
ATOM   719  C CA  . ALA   A 1 117 ? -6.190  4.353   16.722  1.00 66.74 ?  254 ALA   A CA  1 
ATOM   720  C C   . ALA   A 1 117 ? -4.669  4.408   16.536  1.00 65.96 ?  254 ALA   A C   1 
ATOM   721  O O   . ALA   A 1 117 ? -3.923  3.811   17.315  1.00 65.91 ?  254 ALA   A O   1 
ATOM   722  C CB  . ALA   A 1 117 ? -6.767  3.185   15.945  1.00 66.92 ?  254 ALA   A CB  1 
ATOM   723  N N   . GLY   A 1 118 ? -4.225  5.123   15.509  1.00 65.08 ?  255 GLY   A N   1 
ATOM   724  C CA  . GLY   A 1 118 ? -2.805  5.264   15.236  1.00 64.61 ?  255 GLY   A CA  1 
ATOM   725  C C   . GLY   A 1 118 ? -2.496  5.867   13.885  1.00 63.56 ?  255 GLY   A C   1 
ATOM   726  O O   . GLY   A 1 118 ? -3.403  6.251   13.144  1.00 63.47 ?  255 GLY   A O   1 
ATOM   727  N N   . THR   A 1 119 ? -1.198  5.954   13.569  1.00 62.59 ?  256 THR   A N   1 
ATOM   728  C CA  . THR   A 1 119 ? -0.707  6.473   12.299  1.00 62.24 ?  256 THR   A CA  1 
ATOM   729  C C   . THR   A 1 119 ? 0.472   5.626   11.792  1.00 61.43 ?  256 THR   A C   1 
ATOM   730  O O   . THR   A 1 119 ? 1.325   5.199   12.585  1.00 61.61 ?  256 THR   A O   1 
ATOM   731  C CB  . THR   A 1 119 ? -0.404  7.968   12.397  1.00 63.63 ?  256 THR   A CB  1 
ATOM   732  N N   . CYS   A 1 120 ? 0.505   5.364   10.471  1.00 60.14 ?  257 CYS   A N   1 
ATOM   733  C CA  . CYS   A 1 120 ? 1.539   4.534   9.844   1.00 58.99 ?  257 CYS   A CA  1 
ATOM   734  C C   . CYS   A 1 120 ? 1.820   4.965   8.394   1.00 57.46 ?  257 CYS   A C   1 
ATOM   735  O O   . CYS   A 1 120 ? 0.990   5.641   7.780   1.00 57.67 ?  257 CYS   A O   1 
ATOM   736  C CB  . CYS   A 1 120 ? 1.107   3.076   9.893   1.00 59.59 ?  257 CYS   A CB  1 
ATOM   737  S SG  . CYS   A 1 120 ? -0.317  2.713   8.836   1.00 63.59 ?  257 CYS   A SG  1 
ATOM   738  N N   . VAL   A 1 121 ? 2.993   4.593   7.872   1.00 55.68 ?  258 VAL   A N   1 
ATOM   739  C CA  . VAL   A 1 121 ? 3.340   4.876   6.449   1.00 54.61 ?  258 VAL   A CA  1 
ATOM   740  C C   . VAL   A 1 121 ? 2.385   4.030   5.600   1.00 52.81 ?  258 VAL   A C   1 
ATOM   741  O O   . VAL   A 1 121 ? 2.404   2.794   5.771   1.00 53.03 ?  258 VAL   A O   1 
ATOM   742  C CB  . VAL   A 1 121 ? 4.813   4.563   6.134   1.00 55.60 ?  258 VAL   A CB  1 
ATOM   743  N N   . LEU   A 1 122 ? 1.584   4.656   4.740   1.00 50.66 ?  259 LEU   A N   1 
ATOM   744  C CA  . LEU   A 1 122 ? 0.545   3.927   3.975   1.00 48.99 ?  259 LEU   A CA  1 
ATOM   745  C C   . LEU   A 1 122 ? 0.594   4.283   2.485   1.00 47.17 ?  259 LEU   A C   1 
ATOM   746  O O   . LEU   A 1 122 ? 1.087   5.384   2.165   1.00 47.08 ?  259 LEU   A O   1 
ATOM   747  C CB  . LEU   A 1 122 ? -0.773  4.334   4.624   1.00 48.97 ?  259 LEU   A CB  1 
ATOM   748  C CG  . LEU   A 1 122 ? -2.021  3.601   4.135   1.00 50.26 ?  259 LEU   A CG  1 
ATOM   749  C CD1 . LEU   A 1 122 ? -2.106  2.213   4.735   1.00 50.70 ?  259 LEU   A CD1 1 
ATOM   750  C CD2 . LEU   A 1 122 ? -3.261  4.411   4.452   1.00 50.78 ?  259 LEU   A CD2 1 
ATOM   751  N N   . GLU   A 1 123 ? 0.109   3.390   1.614   1.00 45.32 ?  260 GLU   A N   1 
ATOM   752  C CA  . GLU   A 1 123 ? 0.048   3.629   0.149   1.00 44.00 ?  260 GLU   A CA  1 
ATOM   753  C C   . GLU   A 1 123 ? -0.671  2.445   -0.510  1.00 42.31 ?  260 GLU   A C   1 
ATOM   754  O O   . GLU   A 1 123 ? -0.521  1.348   0.018   1.00 42.34 ?  260 GLU   A O   1 
ATOM   755  C CB  . GLU   A 1 123 ? 1.433   3.749   -0.485  1.00 45.66 ?  260 GLU   A CB  1 
ATOM   756  C CG  . GLU   A 1 123 ? 2.051   2.401   -0.846  1.00 50.45 ?  260 GLU   A CG  1 
ATOM   757  C CD  . GLU   A 1 123 ? 3.433   2.538   -1.426  1.00 57.73 ?  260 GLU   A CD  1 
ATOM   758  O OE1 . GLU   A 1 123 ? 4.322   3.012   -0.695  1.00 59.61 ?  260 GLU   A OE1 1 
ATOM   759  O OE2 . GLU   A 1 123 ? 3.598   2.180   -2.609  1.00 59.95 ?  260 GLU   A OE2 1 
ATOM   760  N N   . TYR   A 1 124 ? -1.333  2.646   -1.650  1.00 40.68 ?  261 TYR   A N   1 
ATOM   761  C CA  . TYR   A 1 124 ? -2.004  1.564   -2.414  1.00 39.50 ?  261 TYR   A CA  1 
ATOM   762  C C   . TYR   A 1 124 ? -0.988  0.967   -3.354  1.00 38.43 ?  261 TYR   A C   1 
ATOM   763  O O   . TYR   A 1 124 ? -0.076  1.713   -3.768  1.00 38.16 ?  261 TYR   A O   1 
ATOM   764  C CB  . TYR   A 1 124 ? -3.139  2.054   -3.311  1.00 39.35 ?  261 TYR   A CB  1 
ATOM   765  C CG  . TYR   A 1 124 ? -4.488  2.323   -2.665  1.00 40.03 ?  261 TYR   A CG  1 
ATOM   766  C CD1 . TYR   A 1 124 ? -4.755  3.531   -2.035  1.00 40.69 ?  261 TYR   A CD1 1 
ATOM   767  C CD2 . TYR   A 1 124 ? -5.519  1.399   -2.761  1.00 40.98 ?  261 TYR   A CD2 1 
ATOM   768  C CE1 . TYR   A 1 124 ? -5.992  3.792   -1.474  1.00 41.27 ?  261 TYR   A CE1 1 
ATOM   769  C CE2 . TYR   A 1 124 ? -6.761  1.648   -2.208  1.00 41.82 ?  261 TYR   A CE2 1 
ATOM   770  C CZ  . TYR   A 1 124 ? -6.998  2.847   -1.560  1.00 42.34 ?  261 TYR   A CZ  1 
ATOM   771  O OH  . TYR   A 1 124 ? -8.217  3.104   -1.009  1.00 43.89 ?  261 TYR   A OH  1 
ATOM   772  N N   . ALA   A 1 125 ? -1.109  -0.317  -3.693  1.00 37.71 ?  262 ALA   A N   1 
ATOM   773  C CA  . ALA   A 1 125 ? -0.227  -0.938  -4.704  1.00 37.00 ?  262 ALA   A CA  1 
ATOM   774  C C   . ALA   A 1 125 ? -0.632  -0.366  -6.056  1.00 36.32 ?  262 ALA   A C   1 
ATOM   775  O O   . ALA   A 1 125 ? -1.719  -0.724  -6.537  1.00 36.57 ?  262 ALA   A O   1 
ATOM   776  C CB  . ALA   A 1 125 ? -0.350  -2.437  -4.682  1.00 37.09 ?  262 ALA   A CB  1 
ATOM   777  N N   . THR   A 1 126 ? 0.178   0.520   -6.637  1.00 35.36 ?  263 THR   A N   1 
ATOM   778  C CA  . THR   A 1 126 ? -0.188  1.164   -7.899  1.00 34.78 ?  263 THR   A CA  1 
ATOM   779  C C   . THR   A 1 126 ? -0.461  0.190   -9.077  1.00 34.17 ?  263 THR   A C   1 
ATOM   780  O O   . THR   A 1 126 ? -1.429  0.468   -9.774  1.00 33.87 ?  263 THR   A O   1 
ATOM   781  C CB  . THR   A 1 126 ? 0.785   2.269   -8.283  1.00 35.13 ?  263 THR   A CB  1 
ATOM   782  O OG1 . THR   A 1 126 ? 2.134   1.853   -8.062  1.00 35.84 ?  263 THR   A OG1 1 
ATOM   783  C CG2 . THR   A 1 126 ? 0.497   3.546   -7.531  1.00 34.77 ?  263 THR   A CG2 1 
ATOM   784  N N   . PRO   A 1 127 ? 0.297   -0.913  -9.273  1.00 34.09 ?  264 PRO   A N   1 
ATOM   785  C CA  . PRO   A 1 127 ? 0.003   -1.852  -10.350 1.00 34.71 ?  264 PRO   A CA  1 
ATOM   786  C C   . PRO   A 1 127 ? -1.434  -2.381  -10.339 1.00 36.12 ?  264 PRO   A C   1 
ATOM   787  O O   . PRO   A 1 127 ? -1.897  -2.900  -11.367 1.00 36.71 ?  264 PRO   A O   1 
ATOM   788  C CB  . PRO   A 1 127 ? 1.029   -2.974  -10.139 1.00 34.79 ?  264 PRO   A CB  1 
ATOM   789  C CG  . PRO   A 1 127 ? 2.131   -2.336  -9.339  1.00 34.81 ?  264 PRO   A CG  1 
ATOM   790  C CD  . PRO   A 1 127 ? 1.453   -1.291  -8.483  1.00 33.35 ?  264 PRO   A CD  1 
ATOM   791  N N   . LEU   A 1 128 ? -2.141  -2.301  -9.208  1.00 36.63 ?  265 LEU   A N   1 
ATOM   792  C CA  . LEU   A 1 128 ? -3.555  -2.753  -9.120  1.00 37.66 ?  265 LEU   A CA  1 
ATOM   793  C C   . LEU   A 1 128 ? -4.449  -1.780  -9.901  1.00 38.56 ?  265 LEU   A C   1 
ATOM   794  O O   . LEU   A 1 128 ? -5.432  -2.248  -10.510 1.00 39.01 ?  265 LEU   A O   1 
ATOM   795  C CB  . LEU   A 1 128 ? -4.017  -2.853  -7.668  1.00 37.80 ?  265 LEU   A CB  1 
ATOM   796  C CG  . LEU   A 1 128 ? -3.703  -4.158  -6.935  1.00 39.52 ?  265 LEU   A CG  1 
ATOM   797  C CD1 . LEU   A 1 128 ? -4.067  -4.035  -5.470  1.00 40.18 ?  265 LEU   A CD1 1 
ATOM   798  C CD2 . LEU   A 1 128 ? -4.422  -5.343  -7.554  1.00 40.29 ?  265 LEU   A CD2 1 
ATOM   799  N N   . GLN   A 1 129 ? -4.134  -0.486  -9.865  1.00 38.40 ?  266 GLN   A N   1 
ATOM   800  C CA  . GLN   A 1 129 ? -4.918  0.548   -10.585 1.00 38.98 ?  266 GLN   A CA  1 
ATOM   801  C C   . GLN   A 1 129 ? -4.721  0.358   -12.089 1.00 39.87 ?  266 GLN   A C   1 
ATOM   802  O O   . GLN   A 1 129 ? -5.677  0.613   -12.832 1.00 39.94 ?  266 GLN   A O   1 
ATOM   803  C CB  . GLN   A 1 129 ? -4.462  1.941   -10.158 1.00 40.28 ?  266 GLN   A CB  1 
ATOM   804  C CG  . GLN   A 1 129 ? -5.065  3.077   -10.977 1.00 43.73 ?  266 GLN   A CG  1 
ATOM   805  C CD  . GLN   A 1 129 ? -4.277  3.396   -12.228 1.00 48.25 ?  266 GLN   A CD  1 
ATOM   806  O OE1 . GLN   A 1 129 ? -3.104  3.778   -12.171 1.00 50.08 ?  266 GLN   A OE1 1 
ATOM   807  N NE2 . GLN   A 1 129 ? -4.915  3.242   -13.379 1.00 48.71 ?  266 GLN   A NE2 1 
ATOM   808  N N   . THR   A 1 130 ? -3.541  -0.094  -12.506 1.00 40.27 ?  267 THR   A N   1 
ATOM   809  C CA  . THR   A 1 130 ? -3.199  -0.228  -13.933 1.00 40.75 ?  267 THR   A CA  1 
ATOM   810  C C   . THR   A 1 130 ? -3.913  -1.434  -14.492 1.00 40.95 ?  267 THR   A C   1 
ATOM   811  O O   . THR   A 1 130 ? -4.330  -1.349  -15.648 1.00 40.85 ?  267 THR   A O   1 
ATOM   812  C CB  . THR   A 1 130 ? -1.681  -0.314  -14.110 1.00 41.81 ?  267 THR   A CB  1 
ATOM   813  O OG1 . THR   A 1 130 ? -1.296  -1.641  -13.772 1.00 43.29 ?  267 THR   A OG1 1 
ATOM   814  C CG2 . THR   A 1 130 ? -0.925  0.678   -13.244 1.00 41.29 ?  267 THR   A CG2 1 
ATOM   815  N N   . LEU   A 1 131 ? -4.094  -2.496  -13.702 1.00 41.36 ?  268 LEU   A N   1 
ATOM   816  C CA  . LEU   A 1 131 ? -4.722  -3.750  -14.205 1.00 42.41 ?  268 LEU   A CA  1 
ATOM   817  C C   . LEU   A 1 131 ? -6.244  -3.554  -14.259 1.00 43.98 ?  268 LEU   A C   1 
ATOM   818  O O   . LEU   A 1 131 ? -6.910  -4.387  -14.907 1.00 44.45 ?  268 LEU   A O   1 
ATOM   819  C CB  . LEU   A 1 131 ? -4.326  -4.992  -13.403 1.00 42.40 ?  268 LEU   A CB  1 
ATOM   820  C CG  . LEU   A 1 131 ? -4.514  -4.970  -11.884 1.00 43.78 ?  268 LEU   A CG  1 
ATOM   821  C CD1 . LEU   A 1 131 ? -5.953  -5.100  -11.420 1.00 44.21 ?  268 LEU   A CD1 1 
ATOM   822  C CD2 . LEU   A 1 131 ? -3.675  -6.093  -11.310 1.00 44.74 ?  268 LEU   A CD2 1 
ATOM   823  N N   . PHE   A 1 132 ? -6.771  -2.501  -13.633 1.00 44.89 ?  269 PHE   A N   1 
ATOM   824  C CA  . PHE   A 1 132 ? -8.219  -2.170  -13.712 1.00 46.14 ?  269 PHE   A CA  1 
ATOM   825  C C   . PHE   A 1 132 ? -8.407  -1.349  -14.966 1.00 47.41 ?  269 PHE   A C   1 
ATOM   826  O O   . PHE   A 1 132 ? -9.331  -1.647  -15.720 1.00 47.11 ?  269 PHE   A O   1 
ATOM   827  C CB  . PHE   A 1 132 ? -8.645  -1.433  -12.441 1.00 46.15 ?  269 PHE   A CB  1 
ATOM   828  C CG  . PHE   A 1 132 ? -10.134 -1.503  -12.143 1.00 47.16 ?  269 PHE   A CG  1 
ATOM   829  C CD1 . PHE   A 1 132 ? -10.659 -2.555  -11.404 1.00 47.82 ?  269 PHE   A CD1 1 
ATOM   830  C CD2 . PHE   A 1 132 ? -11.002 -0.518  -12.596 1.00 48.20 ?  269 PHE   A CD2 1 
ATOM   831  C CE1 . PHE   A 1 132 ? -12.015 -2.620  -11.133 1.00 48.53 ?  269 PHE   A CE1 1 
ATOM   832  C CE2 . PHE   A 1 132 ? -12.358 -0.592  -12.322 1.00 48.78 ?  269 PHE   A CE2 1 
ATOM   833  C CZ  . PHE   A 1 132 ? -12.861 -1.641  -11.592 1.00 48.37 ?  269 PHE   A CZ  1 
ATOM   834  N N   . ALA   A 1 133 ? -7.575  -0.335  -15.185 1.00 48.93 ?  270 ALA   A N   1 
ATOM   835  C CA  . ALA   A 1 133 ? -7.577  0.489   -16.403 1.00 50.86 ?  270 ALA   A CA  1 
ATOM   836  C C   . ALA   A 1 133 ? -7.559  -0.338  -17.667 1.00 53.11 ?  270 ALA   A C   1 
ATOM   837  O O   . ALA   A 1 133 ? -8.244  0.009   -18.625 1.00 53.59 ?  270 ALA   A O   1 
ATOM   838  C CB  . ALA   A 1 133 ? -6.390  1.436   -16.398 1.00 50.89 ?  270 ALA   A CB  1 
ATOM   839  N N   . MET   A 1 134 ? -6.793  -1.444  -17.657 1.00 54.34 ?  271 MET   A N   1 
ATOM   840  C CA  . MET   A 1 134 ? -6.641  -2.394  -18.759 1.00 55.84 ?  271 MET   A CA  1 
ATOM   841  C C   . MET   A 1 134 ? -7.963  -3.015  -19.193 1.00 57.05 ?  271 MET   A C   1 
ATOM   842  O O   . MET   A 1 134 ? -8.118  -3.371  -20.361 1.00 57.46 ?  271 MET   A O   1 
ATOM   843  C CB  . MET   A 1 134 ? -5.678  -3.517  -18.355 1.00 56.94 ?  271 MET   A CB  1 
ATOM   844  C CG  . MET   A 1 134 ? -4.230  -3.101  -18.342 1.00 60.02 ?  271 MET   A CG  1 
ATOM   845  S SD  . MET   A 1 134 ? -3.145  -4.504  -17.961 1.00 66.08 ?  271 MET   A SD  1 
ATOM   846  C CE  . MET   A 1 134 ? -3.274  -5.412  -19.483 1.00 66.32 ?  271 MET   A CE  1 
ATOM   847  N N   . SER   A 1 135 ? -8.901  -3.179  -18.259 1.00 57.62 ?  272 SER   A N   1 
ATOM   848  C CA  . SER   A 1 135 ? -10.201 -3.765  -18.569 1.00 58.65 ?  272 SER   A CA  1 
ATOM   849  C C   . SER   A 1 135 ? -11.037 -2.809  -19.426 1.00 59.53 ?  272 SER   A C   1 
ATOM   850  O O   . SER   A 1 135 ? -11.737 -3.270  -20.330 1.00 59.92 ?  272 SER   A O   1 
ATOM   851  C CB  . SER   A 1 135 ? -10.933 -4.168  -17.293 1.00 59.86 ?  272 SER   A CB  1 
ATOM   852  O OG  . SER   A 1 135 ? -10.090 -4.957  -16.469 1.00 61.74 ?  272 SER   A OG  1 
ATOM   853  N N   . GLN   A 1 136 ? -10.917 -1.482  -19.201 1.00 59.62 ?  273 GLN   A N   1 
ATOM   854  C CA  . GLN   A 1 136 ? -11.635 -0.504  -20.032 1.00 60.38 ?  273 GLN   A CA  1 
ATOM   855  C C   . GLN   A 1 136 ? -10.723 0.092   -21.119 1.00 61.31 ?  273 GLN   A C   1 
ATOM   856  O O   . GLN   A 1 136 ? -10.851 1.268   -21.469 1.00 61.31 ?  273 GLN   A O   1 
ATOM   857  C CB  . GLN   A 1 136 ? -12.286 0.621   -19.210 1.00 61.47 ?  273 GLN   A CB  1 
ATOM   858  C CG  . GLN   A 1 136 ? -12.910 0.184   -17.903 1.00 63.51 ?  273 GLN   A CG  1 
ATOM   859  C CD  . GLN   A 1 136 ? -11.906 0.275   -16.795 1.00 66.47 ?  273 GLN   A CD  1 
ATOM   860  O OE1 . GLN   A 1 136 ? -11.092 1.202   -16.732 1.00 67.85 ?  273 GLN   A OE1 1 
ATOM   861  N NE2 . GLN   A 1 136 ? -11.926 -0.702  -15.914 1.00 66.67 ?  273 GLN   A NE2 1 
ATOM   862  N N   . TYR   A 1 137 ? -9.789  -0.712  -21.631 1.00 61.76 ?  274 TYR   A N   1 
ATOM   863  C CA  . TYR   A 1 137 ? -8.872  -0.311  -22.683 1.00 62.81 ?  274 TYR   A CA  1 
ATOM   864  C C   . TYR   A 1 137 ? -8.946  -1.425  -23.704 1.00 64.06 ?  274 TYR   A C   1 
ATOM   865  O O   . TYR   A 1 137 ? -8.175  -2.375  -23.613 1.00 64.30 ?  274 TYR   A O   1 
ATOM   866  C CB  . TYR   A 1 137 ? -7.447  -0.178  -22.131 1.00 62.73 ?  274 TYR   A CB  1 
ATOM   867  N N   . SER   A 1 138 ? -9.913  -1.340  -24.647 1.00 64.64 ?  275 SER   A N   1 
ATOM   868  C CA  . SER   A 1 138 ? -10.172 -2.365  -25.668 1.00 65.52 ?  275 SER   A CA  1 
ATOM   869  C C   . SER   A 1 138 ? -8.940  -2.808  -26.468 1.00 66.48 ?  275 SER   A C   1 
ATOM   870  O O   . SER   A 1 138 ? -8.948  -3.916  -26.996 1.00 66.78 ?  275 SER   A O   1 
ATOM   871  C CB  . SER   A 1 138 ? -11.296 -1.943  -26.607 1.00 66.51 ?  275 SER   A CB  1 
ATOM   872  O OG  . SER   A 1 138 ? -11.138 -0.607  -27.048 1.00 68.51 ?  275 SER   A OG  1 
ATOM   873  N N   . GLN   A 1 139 ? -7.879  -1.982  -26.527 1.00 66.81 ?  276 GLN   A N   1 
ATOM   874  C CA  . GLN   A 1 139 ? -6.639  -2.356  -27.208 1.00 67.42 ?  276 GLN   A CA  1 
ATOM   875  C C   . GLN   A 1 139 ? -5.907  -3.439  -26.398 1.00 67.84 ?  276 GLN   A C   1 
ATOM   876  O O   . GLN   A 1 139 ? -5.401  -4.400  -26.974 1.00 68.00 ?  276 GLN   A O   1 
ATOM   877  C CB  . GLN   A 1 139 ? -5.735  -1.131  -27.412 1.00 68.89 ?  276 GLN   A CB  1 
ATOM   878  N N   . ALA   A 1 140 ? -5.882  -3.305  -25.060 1.00 67.86 ?  277 ALA   A N   1 
ATOM   879  C CA  . ALA   A 1 140 ? -5.250  -4.296  -24.182 1.00 68.51 ?  277 ALA   A CA  1 
ATOM   880  C C   . ALA   A 1 140 ? -5.984  -5.668  -24.169 1.00 68.91 ?  277 ALA   A C   1 
ATOM   881  O O   . ALA   A 1 140 ? -5.387  -6.688  -23.816 1.00 68.75 ?  277 ALA   A O   1 
ATOM   882  C CB  . ALA   A 1 140 ? -5.127  -3.743  -22.769 1.00 68.68 ?  277 ALA   A CB  1 
ATOM   883  N N   . GLY   A 1 141 ? -7.262  -5.669  -24.550 1.00 69.15 ?  278 GLY   A N   1 
ATOM   884  C CA  . GLY   A 1 141 ? -8.080  -6.872  -24.646 1.00 69.84 ?  278 GLY   A CA  1 
ATOM   885  C C   . GLY   A 1 141 ? -8.420  -7.548  -23.335 1.00 70.35 ?  278 GLY   A C   1 
ATOM   886  O O   . GLY   A 1 141 ? -8.915  -8.678  -23.334 1.00 70.37 ?  278 GLY   A O   1 
ATOM   887  N N   . PHE   A 1 142 ? -8.164  -6.870  -22.206 1.00 70.48 ?  279 PHE   A N   1 
ATOM   888  C CA  . PHE   A 1 142 ? -8.452  -7.433  -20.891 1.00 70.96 ?  279 PHE   A CA  1 
ATOM   889  C C   . PHE   A 1 142 ? -9.945  -7.390  -20.615 1.00 71.12 ?  279 PHE   A C   1 
ATOM   890  O O   . PHE   A 1 142 ? -10.569 -6.335  -20.746 1.00 71.35 ?  279 PHE   A O   1 
ATOM   891  C CB  . PHE   A 1 142 ? -7.677  -6.693  -19.790 1.00 70.98 ?  279 PHE   A CB  1 
ATOM   892  N N   . SER   A 1 143 ? -10.514 -8.542  -20.244 1.00 70.80 ?  280 SER   A N   1 
ATOM   893  C CA  . SER   A 1 143 ? -11.941 -8.685  -19.968 1.00 71.01 ?  280 SER   A CA  1 
ATOM   894  C C   . SER   A 1 143 ? -12.267 -8.640  -18.463 1.00 71.00 ?  280 SER   A C   1 
ATOM   895  O O   . SER   A 1 143 ? -11.415 -8.976  -17.639 1.00 71.21 ?  280 SER   A O   1 
ATOM   896  C CB  . SER   A 1 143 ? -12.479 -9.961  -20.609 1.00 72.31 ?  280 SER   A CB  1 
ATOM   897  O OG  . SER   A 1 143 ? -11.617 -11.070 -20.400 1.00 74.52 ?  280 SER   A OG  1 
ATOM   898  N N   . ARG   A 1 144 ? -13.505 -8.215  -18.113 1.00 70.47 ?  281 ARG   A N   1 
ATOM   899  C CA  . ARG   A 1 144 ? -13.985 -8.088  -16.726 1.00 70.28 ?  281 ARG   A CA  1 
ATOM   900  C C   . ARG   A 1 144 ? -14.161 -9.429  -16.006 1.00 69.59 ?  281 ARG   A C   1 
ATOM   901  O O   . ARG   A 1 144 ? -14.151 -9.466  -14.774 1.00 69.70 ?  281 ARG   A O   1 
ATOM   902  C CB  . ARG   A 1 144 ? -15.285 -7.271  -16.665 1.00 71.72 ?  281 ARG   A CB  1 
ATOM   903  N N   . GLU   A 1 145 ? -14.299 -10.519 -16.764 1.00 68.68 ?  282 GLU   A N   1 
ATOM   904  C CA  . GLU   A 1 145 ? -14.370 -11.854 -16.117 1.00 68.18 ?  282 GLU   A CA  1 
ATOM   905  C C   . GLU   A 1 145 ? -12.975 -12.177 -15.571 1.00 67.30 ?  282 GLU   A C   1 
ATOM   906  O O   . GLU   A 1 145 ? -12.872 -12.594 -14.399 1.00 67.23 ?  282 GLU   A O   1 
ATOM   907  C CB  . GLU   A 1 145 ? -14.830 -12.926 -17.102 1.00 70.14 ?  282 GLU   A CB  1 
ATOM   908  N N   . ASP   A 1 146 ? -11.947 -11.976 -16.398 1.00 66.52 ?  283 ASP   A N   1 
ATOM   909  C CA  . ASP   A 1 146 ? -10.546 -12.225 -15.963 1.00 66.07 ?  283 ASP   A CA  1 
ATOM   910  C C   . ASP   A 1 146 ? -10.177 -11.212 -14.874 1.00 65.24 ?  283 ASP   A C   1 
ATOM   911  O O   . ASP   A 1 146 ? -9.472  -11.603 -13.924 1.00 65.43 ?  283 ASP   A O   1 
ATOM   912  C CB  . ASP   A 1 146 ? -9.597  -12.188 -17.151 1.00 67.52 ?  283 ASP   A CB  1 
ATOM   913  C CG  . ASP   A 1 146 ? -9.904  -13.178 -18.266 1.00 71.34 ?  283 ASP   A CG  1 
ATOM   914  O OD1 . ASP   A 1 146 ? -11.023 -13.116 -18.814 1.00 71.64 ?  283 ASP   A OD1 1 
ATOM   915  O OD2 . ASP   A 1 146 ? -9.016  -13.996 -18.581 1.00 73.55 ?  283 ASP   A OD2 1 
ATOM   916  N N   . ARG   A 1 147 ? -10.641 -9.968  -15.010 1.00 64.14 ?  284 ARG   A N   1 
ATOM   917  C CA  . ARG   A 1 147 ? -10.328 -8.898  -14.028 1.00 63.38 ?  284 ARG   A CA  1 
ATOM   918  C C   . ARG   A 1 147 ? -10.307 -9.473  -12.604 1.00 62.10 ?  284 ARG   A C   1 
ATOM   919  O O   . ARG   A 1 147 ? -9.330  -9.212  -11.874 1.00 62.13 ?  284 ARG   A O   1 
ATOM   920  C CB  . ARG   A 1 147 ? -11.376 -7.788  -14.163 1.00 64.76 ?  284 ARG   A CB  1 
ATOM   921  C CG  . ARG   A 1 147 ? -11.021 -6.491  -13.454 1.00 67.85 ?  284 ARG   A CG  1 
ATOM   922  C CD  . ARG   A 1 147 ? -12.209 -5.931  -12.693 1.00 71.11 ?  284 ARG   A CD  1 
ATOM   923  N NE  . ARG   A 1 147 ? -12.538 -6.714  -11.497 1.00 74.57 ?  284 ARG   A NE  1 
ATOM   924  C CZ  . ARG   A 1 147 ? -11.742 -6.874  -10.445 1.00 77.28 ?  284 ARG   A CZ  1 
ATOM   925  N NH1 . ARG   A 1 147 ? -12.045 -7.763  -9.517  1.00 76.99 ?  284 ARG   A NH1 1 
ATOM   926  N NH2 . ARG   A 1 147 ? -10.651 -6.142  -10.319 1.00 77.63 ?  284 ARG   A NH2 1 
ATOM   927  N N   . LEU   A 1 148 ? -11.348 -10.218 -12.226 1.00 60.88 ?  285 LEU   A N   1 
ATOM   928  C CA  . LEU   A 1 148 ? -11.429 -10.761 -10.867 1.00 60.18 ?  285 LEU   A CA  1 
ATOM   929  C C   . LEU   A 1 148 ? -10.156 -11.574 -10.539 1.00 59.18 ?  285 LEU   A C   1 
ATOM   930  O O   . LEU   A 1 148 ? -9.453  -11.249 -9.587  1.00 58.81 ?  285 LEU   A O   1 
ATOM   931  C CB  . LEU   A 1 148 ? -12.717 -11.613 -10.730 1.00 60.40 ?  285 LEU   A CB  1 
ATOM   932  C CG  . LEU   A 1 148 ? -12.817 -12.595 -9.553  1.00 61.74 ?  285 LEU   A CG  1 
ATOM   933  C CD1 . LEU   A 1 148 ? -12.848 -11.867 -8.224  1.00 62.43 ?  285 LEU   A CD1 1 
ATOM   934  C CD2 . LEU   A 1 148 ? -14.047 -13.452 -9.676  1.00 62.22 ?  285 LEU   A CD2 1 
ATOM   935  N N   . GLU   A 1 149 ? -9.828  -12.572 -11.385 1.00 58.45 ?  286 GLU   A N   1 
ATOM   936  C CA  . GLU   A 1 149 ? -8.636  -13.411 -11.246 1.00 58.02 ?  286 GLU   A CA  1 
ATOM   937  C C   . GLU   A 1 149 ? -7.336  -12.604 -11.368 1.00 57.24 ?  286 GLU   A C   1 
ATOM   938  O O   . GLU   A 1 149 ? -6.303  -13.019 -10.847 1.00 57.57 ?  286 GLU   A O   1 
ATOM   939  C CB  . GLU   A 1 149 ? -8.652  -14.534 -12.295 1.00 59.95 ?  286 GLU   A CB  1 
ATOM   940  N N   . GLN   A 1 150 ? -7.380  -11.466 -12.066 1.00 55.98 ?  287 GLN   A N   1 
ATOM   941  C CA  . GLN   A 1 150 ? -6.226  -10.606 -12.225 1.00 55.14 ?  287 GLN   A CA  1 
ATOM   942  C C   . GLN   A 1 150 ? -5.899  -9.921  -10.894 1.00 53.38 ?  287 GLN   A C   1 
ATOM   943  O O   . GLN   A 1 150 ? -4.953  -10.348 -10.244 1.00 53.02 ?  287 GLN   A O   1 
ATOM   944  C CB  . GLN   A 1 150 ? -6.440  -9.619  -13.382 1.00 57.10 ?  287 GLN   A CB  1 
ATOM   945  C CG  . GLN   A 1 150 ? -6.671  -10.317 -14.701 1.00 61.07 ?  287 GLN   A CG  1 
ATOM   946  C CD  . GLN   A 1 150 ? -5.385  -10.572 -15.428 1.00 66.80 ?  287 GLN   A CD  1 
ATOM   947  O OE1 . GLN   A 1 150 ? -5.060  -9.877  -16.392 1.00 68.79 ?  287 GLN   A OE1 1 
ATOM   948  N NE2 . GLN   A 1 150 ? -4.628  -11.575 -14.997 1.00 67.64 ?  287 GLN   A NE2 1 
ATOM   949  N N   . ALA   A 1 151 ? -6.734  -8.959  -10.417 1.00 51.86 ?  288 ALA   A N   1 
ATOM   950  C CA  . ALA   A 1 151 ? -6.553  -8.267  -9.133  1.00 50.64 ?  288 ALA   A CA  1 
ATOM   951  C C   . ALA   A 1 151 ? -6.261  -9.240  -7.990  1.00 49.38 ?  288 ALA   A C   1 
ATOM   952  O O   . ALA   A 1 151 ? -5.414  -8.957  -7.142  1.00 49.61 ?  288 ALA   A O   1 
ATOM   953  C CB  . ALA   A 1 151 ? -7.797  -7.463  -8.803  1.00 50.68 ?  288 ALA   A CB  1 
ATOM   954  N N   . LYS   A 1 152 ? -6.927  -10.411 -8.012  1.00 47.82 ?  289 LYS   A N   1 
ATOM   955  C CA  . LYS   A 1 152 ? -6.736  -11.462 -7.018  1.00 46.70 ?  289 LYS   A CA  1 
ATOM   956  C C   . LYS   A 1 152 ? -5.358  -12.095 -7.139  1.00 44.61 ?  289 LYS   A C   1 
ATOM   957  O O   . LYS   A 1 152 ? -4.656  -12.173 -6.140  1.00 44.45 ?  289 LYS   A O   1 
ATOM   958  C CB  . LYS   A 1 152 ? -7.840  -12.530 -7.116  1.00 48.97 ?  289 LYS   A CB  1 
ATOM   959  N N   . LEU   A 1 153 ? -4.948  -12.504 -8.351  1.00 43.09 ?  290 LEU   A N   1 
ATOM   960  C CA  . LEU   A 1 153 ? -3.625  -13.094 -8.528  1.00 42.39 ?  290 LEU   A CA  1 
ATOM   961  C C   . LEU   A 1 153 ? -2.501  -12.073 -8.375  1.00 41.73 ?  290 LEU   A C   1 
ATOM   962  O O   . LEU   A 1 153 ? -1.382  -12.484 -8.140  1.00 41.82 ?  290 LEU   A O   1 
ATOM   963  C CB  . LEU   A 1 153 ? -3.465  -13.913 -9.818  1.00 42.43 ?  290 LEU   A CB  1 
ATOM   964  C CG  . LEU   A 1 153 ? -3.311  -15.430 -9.598  1.00 44.14 ?  290 LEU   A CG  1 
ATOM   965  C CD1 . LEU   A 1 153 ? -3.197  -16.184 -10.917 1.00 45.23 ?  290 LEU   A CD1 1 
ATOM   966  C CD2 . LEU   A 1 153 ? -2.119  -15.760 -8.716  1.00 44.46 ?  290 LEU   A CD2 1 
ATOM   967  N N   . PHE   A 1 154 ? -2.803  -10.775 -8.453  1.00 40.51 ?  291 PHE   A N   1 
ATOM   968  C CA  . PHE   A 1 154 ? -1.778  -9.725  -8.210  1.00 39.40 ?  291 PHE   A CA  1 
ATOM   969  C C   . PHE   A 1 154 ? -1.483  -9.704  -6.725  1.00 37.90 ?  291 PHE   A C   1 
ATOM   970  O O   . PHE   A 1 154 ? -0.305  -9.544  -6.390  1.00 38.15 ?  291 PHE   A O   1 
ATOM   971  C CB  . PHE   A 1 154 ? -2.172  -8.299  -8.603  1.00 39.54 ?  291 PHE   A CB  1 
ATOM   972  C CG  . PHE   A 1 154 ? -1.200  -7.258  -8.064  1.00 40.22 ?  291 PHE   A CG  1 
ATOM   973  C CD1 . PHE   A 1 154 ? -0.064  -6.904  -8.781  1.00 40.75 ?  291 PHE   A CD1 1 
ATOM   974  C CD2 . PHE   A 1 154 ? -1.405  -6.665  -6.823  1.00 40.99 ?  291 PHE   A CD2 1 
ATOM   975  C CE1 . PHE   A 1 154 ? 0.830   -5.973  -8.276  1.00 41.38 ?  291 PHE   A CE1 1 
ATOM   976  C CE2 . PHE   A 1 154 ? -0.509  -5.733  -6.326  1.00 41.63 ?  291 PHE   A CE2 1 
ATOM   977  C CZ  . PHE   A 1 154 ? 0.603   -5.387  -7.054  1.00 41.35 ?  291 PHE   A CZ  1 
ATOM   978  N N   . CYS   A 1 155 ? -2.505  -9.783  -5.867  1.00 36.40 ?  292 CYS   A N   1 
ATOM   979  C CA  . CYS   A 1 155 ? -2.318  -9.837  -4.429  1.00 35.20 ?  292 CYS   A CA  1 
ATOM   980  C C   . CYS   A 1 155 ? -1.739  -11.181 -4.057  1.00 34.91 ?  292 CYS   A C   1 
ATOM   981  O O   . CYS   A 1 155 ? -0.761  -11.223 -3.326  1.00 34.84 ?  292 CYS   A O   1 
ATOM   982  C CB  . CYS   A 1 155 ? -3.620  -9.556  -3.691  1.00 34.62 ?  292 CYS   A CB  1 
ATOM   983  S SG  . CYS   A 1 155 ? -4.363  -7.950  -4.075  1.00 33.94 ?  292 CYS   A SG  1 
ATOM   984  N N   . ARG   A 1 156 ? -2.262  -12.269 -4.648  1.00 34.88 ?  293 ARG   A N   1 
ATOM   985  C CA  . ARG   A 1 156 ? -1.783  -13.620 -4.406  1.00 35.55 ?  293 ARG   A CA  1 
ATOM   986  C C   . ARG   A 1 156 ? -0.300  -13.754 -4.739  1.00 35.57 ?  293 ARG   A C   1 
ATOM   987  O O   . ARG   A 1 156 ? 0.468   -14.171 -3.889  1.00 34.91 ?  293 ARG   A O   1 
ATOM   988  C CB  . ARG   A 1 156 ? -2.613  -14.631 -5.196  1.00 37.68 ?  293 ARG   A CB  1 
ATOM   989  C CG  . ARG   A 1 156 ? -2.576  -16.030 -4.590  1.00 42.13 ?  293 ARG   A CG  1 
ATOM   990  C CD  . ARG   A 1 156 ? -3.522  -16.981 -5.288  1.00 46.54 ?  293 ARG   A CD  1 
ATOM   991  N NE  . ARG   A 1 156 ? -4.890  -16.455 -5.346  1.00 50.81 ?  293 ARG   A NE  1 
ATOM   992  C CZ  . ARG   A 1 156 ? -5.727  -16.660 -6.357  1.00 54.09 ?  293 ARG   A CZ  1 
ATOM   993  N NH1 . ARG   A 1 156 ? -5.352  -17.396 -7.402  1.00 53.91 ?  293 ARG   A NH1 1 
ATOM   994  N NH2 . ARG   A 1 156 ? -6.941  -16.128 -6.339  1.00 54.55 ?  293 ARG   A NH2 1 
ATOM   995  N N   . THR   A 1 157 ? 0.115   -13.308 -5.928  1.00 36.07 ?  294 THR   A N   1 
ATOM   996  C CA  . THR   A 1 157 ? 1.506   -13.337 -6.353  1.00 37.08 ?  294 THR   A CA  1 
ATOM   997  C C   . THR   A 1 157 ? 2.329   -12.447 -5.457  1.00 38.42 ?  294 THR   A C   1 
ATOM   998  O O   . THR   A 1 157 ? 3.396   -12.873 -5.051  1.00 39.03 ?  294 THR   A O   1 
ATOM   999  C CB  . THR   A 1 157 ? 1.654   -12.956 -7.817  1.00 38.75 ?  294 THR   A CB  1 
ATOM   1000 O OG1 . THR   A 1 157 ? 0.666   -13.634 -8.596  1.00 40.17 ?  294 THR   A OG1 1 
ATOM   1001 C CG2 . THR   A 1 157 ? 3.029   -13.260 -8.365  1.00 39.30 ?  294 THR   A CG2 1 
ATOM   1002 N N   . LEU   A 1 158 ? 1.807   -11.266 -5.044  1.00 38.56 ?  295 LEU   A N   1 
ATOM   1003 C CA  . LEU   A 1 158 ? 2.543   -10.411 -4.114  1.00 38.99 ?  295 LEU   A CA  1 
ATOM   1004 C C   . LEU   A 1 158 ? 2.704   -11.061 -2.743  1.00 40.18 ?  295 LEU   A C   1 
ATOM   1005 O O   . LEU   A 1 158 ? 3.702   -10.831 -2.095  1.00 40.54 ?  295 LEU   A O   1 
ATOM   1006 C CB  . LEU   A 1 158 ? 1.965   -8.991  -3.996  1.00 38.75 ?  295 LEU   A CB  1 
ATOM   1007 C CG  . LEU   A 1 158 ? 3.016   -7.909  -3.672  1.00 39.32 ?  295 LEU   A CG  1 
ATOM   1008 C CD1 . LEU   A 1 158 ? 3.998   -7.757  -4.806  1.00 39.48 ?  295 LEU   A CD1 1 
ATOM   1009 C CD2 . LEU   A 1 158 ? 2.371   -6.566  -3.345  1.00 39.59 ?  295 LEU   A CD2 1 
ATOM   1010 N N   . GLU   A 1 159 ? 1.772   -11.907 -2.322  1.00 40.96 ?  296 GLU   A N   1 
ATOM   1011 C CA  . GLU   A 1 159 ? 1.867   -12.626 -1.055  1.00 42.50 ?  296 GLU   A CA  1 
ATOM   1012 C C   . GLU   A 1 159 ? 2.865   -13.818 -1.189  1.00 43.66 ?  296 GLU   A C   1 
ATOM   1013 O O   . GLU   A 1 159 ? 3.676   -14.066 -0.287  1.00 43.27 ?  296 GLU   A O   1 
ATOM   1014 C CB  . GLU   A 1 159 ? 0.464   -13.109 -0.675  1.00 45.68 ?  296 GLU   A CB  1 
ATOM   1015 C CG  . GLU   A 1 159 ? 0.377   -14.088 0.478   1.00 52.05 ?  296 GLU   A CG  1 
ATOM   1016 C CD  . GLU   A 1 159 ? -1.014  -14.670 0.648   1.00 60.04 ?  296 GLU   A CD  1 
ATOM   1017 O OE1 . GLU   A 1 159 ? -1.518  -14.686 1.795   1.00 60.98 ?  296 GLU   A OE1 1 
ATOM   1018 O OE2 . GLU   A 1 159 ? -1.604  -15.105 -0.369  1.00 63.55 ?  296 GLU   A OE2 1 
ATOM   1019 N N   . ASP   A 1 160 ? 2.828   -14.500 -2.362  1.00 44.64 ?  297 ASP   A N   1 
ATOM   1020 C CA  . ASP   A 1 160 ? 3.644   -15.658 -2.743  1.00 45.94 ?  297 ASP   A CA  1 
ATOM   1021 C C   . ASP   A 1 160 ? 5.098   -15.277 -2.946  1.00 47.43 ?  297 ASP   A C   1 
ATOM   1022 O O   . ASP   A 1 160 ? 5.988   -16.053 -2.584  1.00 48.09 ?  297 ASP   A O   1 
ATOM   1023 C CB  . ASP   A 1 160 ? 3.111   -16.297 -4.037  1.00 47.40 ?  297 ASP   A CB  1 
ATOM   1024 C CG  . ASP   A 1 160 ? 1.681   -16.789 -3.967  1.00 51.67 ?  297 ASP   A CG  1 
ATOM   1025 O OD1 . ASP   A 1 160 ? 1.132   -16.867 -2.842  1.00 52.43 ?  297 ASP   A OD1 1 
ATOM   1026 O OD2 . ASP   A 1 160 ? 1.104   -17.091 -5.042  1.00 53.67 ?  297 ASP   A OD2 1 
ATOM   1027 N N   . ILE   A 1 161 ? 5.351   -14.113 -3.562  1.00 47.63 ?  298 ILE   A N   1 
ATOM   1028 C CA  . ILE   A 1 161 ? 6.718   -13.655 -3.742  1.00 48.47 ?  298 ILE   A CA  1 
ATOM   1029 C C   . ILE   A 1 161 ? 7.250   -13.225 -2.382  1.00 49.08 ?  298 ILE   A C   1 
ATOM   1030 O O   . ILE   A 1 161 ? 8.373   -13.586 -2.044  1.00 49.72 ?  298 ILE   A O   1 
ATOM   1031 C CB  . ILE   A 1 161 ? 6.890   -12.541 -4.795  1.00 49.12 ?  298 ILE   A CB  1 
ATOM   1032 C CG1 . ILE   A 1 161 ? 6.120   -12.837 -6.086  1.00 50.01 ?  298 ILE   A CG1 1 
ATOM   1033 C CG2 . ILE   A 1 161 ? 8.373   -12.345 -5.090  1.00 49.48 ?  298 ILE   A CG2 1 
ATOM   1034 C CD1 . ILE   A 1 161 ? 5.999   -11.630 -6.966  1.00 51.16 ?  298 ILE   A CD1 1 
ATOM   1035 N N   . LEU   A 1 162 ? 6.437   -12.514 -1.569  1.00 48.65 ?  299 LEU   A N   1 
ATOM   1036 C CA  . LEU   A 1 162 ? 6.877   -12.121 -0.239  1.00 48.95 ?  299 LEU   A CA  1 
ATOM   1037 C C   . LEU   A 1 162 ? 7.205   -13.337 0.640   1.00 49.72 ?  299 LEU   A C   1 
ATOM   1038 O O   . LEU   A 1 162 ? 8.034   -13.212 1.534   1.00 50.24 ?  299 LEU   A O   1 
ATOM   1039 C CB  . LEU   A 1 162 ? 5.887   -11.170 0.453   1.00 48.97 ?  299 LEU   A CB  1 
ATOM   1040 C CG  . LEU   A 1 162 ? 5.796   -9.734  -0.092  1.00 49.96 ?  299 LEU   A CG  1 
ATOM   1041 C CD1 . LEU   A 1 162 ? 4.788   -8.926  0.669   1.00 50.14 ?  299 LEU   A CD1 1 
ATOM   1042 C CD2 . LEU   A 1 162 ? 7.116   -9.041  -0.060  1.00 50.82 ?  299 LEU   A CD2 1 
ATOM   1043 N N   . ALA   A 1 163 ? 6.621   -14.524 0.355   1.00 49.63 ?  300 ALA   A N   1 
ATOM   1044 C CA  . ALA   A 1 163 ? 6.936   -15.745 1.108   1.00 49.93 ?  300 ALA   A CA  1 
ATOM   1045 C C   . ALA   A 1 163 ? 8.327   -16.273 0.717   1.00 50.18 ?  300 ALA   A C   1 
ATOM   1046 O O   . ALA   A 1 163 ? 9.145   -16.546 1.595   1.00 50.07 ?  300 ALA   A O   1 
ATOM   1047 C CB  . ALA   A 1 163 ? 5.871   -16.811 0.875   1.00 50.11 ?  300 ALA   A CB  1 
ATOM   1048 N N   . ASP   A 1 164 ? 8.619   -16.351 -0.599  1.00 50.38 ?  301 ASP   A N   1 
ATOM   1049 C CA  . ASP   A 1 164 ? 9.936   -16.782 -1.096  1.00 51.00 ?  301 ASP   A CA  1 
ATOM   1050 C C   . ASP   A 1 164 ? 11.046  -15.723 -0.900  1.00 51.08 ?  301 ASP   A C   1 
ATOM   1051 O O   . ASP   A 1 164 ? 12.226  -16.012 -1.108  1.00 51.44 ?  301 ASP   A O   1 
ATOM   1052 C CB  . ASP   A 1 164 ? 9.857   -17.200 -2.571  1.00 52.86 ?  301 ASP   A CB  1 
ATOM   1053 N N   . ALA   A 1 165 ? 10.670  -14.500 -0.523  1.00 50.61 ?  302 ALA   A N   1 
ATOM   1054 C CA  . ALA   A 1 165 ? 11.608  -13.436 -0.257  1.00 50.82 ?  302 ALA   A CA  1 
ATOM   1055 C C   . ALA   A 1 165 ? 11.447  -13.063 1.221   1.00 50.99 ?  302 ALA   A C   1 
ATOM   1056 O O   . ALA   A 1 165 ? 10.603  -12.243 1.564   1.00 50.75 ?  302 ALA   A O   1 
ATOM   1057 C CB  . ALA   A 1 165 ? 11.299  -12.245 -1.145  1.00 50.93 ?  302 ALA   A CB  1 
ATOM   1058 N N   . PRO   A 1 166 ? 12.194  -13.730 2.119   1.00 51.16 ?  303 PRO   A N   1 
ATOM   1059 C CA  . PRO   A 1 166 ? 12.058  -13.430 3.552   1.00 51.40 ?  303 PRO   A CA  1 
ATOM   1060 C C   . PRO   A 1 166 ? 12.565  -12.036 3.932   1.00 51.72 ?  303 PRO   A C   1 
ATOM   1061 O O   . PRO   A 1 166 ? 12.049  -11.433 4.879   1.00 51.59 ?  303 PRO   A O   1 
ATOM   1062 C CB  . PRO   A 1 166 ? 12.870  -14.544 4.225   1.00 52.03 ?  303 PRO   A CB  1 
ATOM   1063 C CG  . PRO   A 1 166 ? 13.885  -14.932 3.215   1.00 52.31 ?  303 PRO   A CG  1 
ATOM   1064 C CD  . PRO   A 1 166 ? 13.226  -14.757 1.870   1.00 50.77 ?  303 PRO   A CD  1 
ATOM   1065 N N   . GLU   A 1 167 ? 13.562  -11.512 3.176   1.00 51.73 ?  304 GLU   A N   1 
ATOM   1066 C CA  . GLU   A 1 167 ? 14.102  -10.168 3.395   1.00 51.96 ?  304 GLU   A CA  1 
ATOM   1067 C C   . GLU   A 1 167 ? 13.108  -9.050  3.010   1.00 51.90 ?  304 GLU   A C   1 
ATOM   1068 O O   . GLU   A 1 167 ? 13.399  -7.876  3.237   1.00 52.02 ?  304 GLU   A O   1 
ATOM   1069 C CB  . GLU   A 1 167 ? 15.420  -9.990  2.634   1.00 54.34 ?  304 GLU   A CB  1 
ATOM   1070 N N   . SER   A 1 168 ? 11.955  -9.416  2.407   1.00 51.52 ?  305 SER   A N   1 
ATOM   1071 C CA  . SER   A 1 168 ? 10.884  -8.519  1.999   1.00 51.49 ?  305 SER   A CA  1 
ATOM   1072 C C   . SER   A 1 168 ? 9.559   -8.904  2.677   1.00 51.63 ?  305 SER   A C   1 
ATOM   1073 O O   . SER   A 1 168 ? 8.744   -8.017  2.914   1.00 51.32 ?  305 SER   A O   1 
ATOM   1074 C CB  . SER   A 1 168 ? 10.743  -8.506  0.480   1.00 52.14 ?  305 SER   A CB  1 
ATOM   1075 O OG  . SER   A 1 168 ? 11.944  -8.060  -0.130  1.00 53.69 ?  305 SER   A OG  1 
ATOM   1076 N N   . GLN   A 1 169 ? 9.362   -10.208 3.037   1.00 52.01 ?  306 GLN   A N   1 
ATOM   1077 C CA  . GLN   A 1 169 ? 8.190   -10.761 3.755   1.00 52.95 ?  306 GLN   A CA  1 
ATOM   1078 C C   . GLN   A 1 169 ? 7.872   -9.882  4.979   1.00 53.40 ?  306 GLN   A C   1 
ATOM   1079 O O   . GLN   A 1 169 ? 6.724   -9.491  5.204   1.00 53.63 ?  306 GLN   A O   1 
ATOM   1080 C CB  . GLN   A 1 169 ? 8.465   -12.209 4.214   1.00 54.52 ?  306 GLN   A CB  1 
ATOM   1081 N N   . ASN   A 1 170 ? 8.929   -9.473  5.686   1.00 53.19 ?  307 ASN   A N   1 
ATOM   1082 C CA  . ASN   A 1 170 ? 8.755   -8.526  6.819   1.00 53.30 ?  307 ASN   A CA  1 
ATOM   1083 C C   . ASN   A 1 170 ? 9.005   -7.112  6.287   1.00 53.51 ?  307 ASN   A C   1 
ATOM   1084 O O   . ASN   A 1 170 ? 9.443   -7.006  5.131   1.00 53.69 ?  307 ASN   A O   1 
ATOM   1085 C CB  . ASN   A 1 170 ? 9.697   -8.859  7.965   1.00 54.02 ?  307 ASN   A CB  1 
ATOM   1086 N N   . ASN   A 1 171 ? 8.753   -6.077  7.095   1.00 53.01 ?  308 ASN   A N   1 
ATOM   1087 C CA  . ASN   A 1 171 ? 8.932   -4.656  6.672   1.00 52.93 ?  308 ASN   A CA  1 
ATOM   1088 C C   . ASN   A 1 171 ? 7.730   -4.223  5.831   1.00 52.53 ?  308 ASN   A C   1 
ATOM   1089 O O   . ASN   A 1 171 ? 7.721   -3.062  5.381   1.00 52.74 ?  308 ASN   A O   1 
ATOM   1090 C CB  . ASN   A 1 171 ? 10.239  -4.399  5.926   1.00 54.06 ?  308 ASN   A CB  1 
ATOM   1091 C CG  . ASN   A 1 171 ? 11.452  -4.534  6.813   1.00 57.62 ?  308 ASN   A CG  1 
ATOM   1092 O OD1 . ASN   A 1 171 ? 11.592  -3.793  7.791   1.00 58.95 ?  308 ASN   A OD1 1 
ATOM   1093 N ND2 . ASN   A 1 171 ? 12.340  -5.461  6.484   1.00 58.10 ?  308 ASN   A ND2 1 
ATOM   1094 N N   . CYS   A 1 172 ? 6.750   -5.110  5.648   1.00 51.88 ?  309 CYS   A N   1 
ATOM   1095 C CA  . CYS   A 1 172 ? 5.524   -4.714  4.910   1.00 51.80 ?  309 CYS   A CA  1 
ATOM   1096 C C   . CYS   A 1 172 ? 4.351   -5.635  5.247   1.00 51.67 ?  309 CYS   A C   1 
ATOM   1097 O O   . CYS   A 1 172 ? 4.587   -6.845  5.436   1.00 52.05 ?  309 CYS   A O   1 
ATOM   1098 C CB  . CYS   A 1 172 ? 5.740   -4.752  3.402   1.00 52.30 ?  309 CYS   A CB  1 
ATOM   1099 S SG  . CYS   A 1 172 ? 5.885   -6.425  2.726   1.00 55.29 ?  309 CYS   A SG  1 
ATOM   1100 N N   . ARG   A 1 173 ? 3.148   -5.074  5.337   1.00 51.02 ?  310 ARG   A N   1 
ATOM   1101 C CA  . ARG   A 1 173 ? 1.929   -5.856  5.554   1.00 50.79 ?  310 ARG   A CA  1 
ATOM   1102 C C   . ARG   A 1 173 ? 0.968   -5.582  4.407   1.00 49.94 ?  310 ARG   A C   1 
ATOM   1103 O O   . ARG   A 1 173 ? 0.885   -4.454  3.931   1.00 49.88 ?  310 ARG   A O   1 
ATOM   1104 C CB  . ARG   A 1 173 ? 1.253   -5.478  6.885   1.00 52.61 ?  310 ARG   A CB  1 
ATOM   1105 C CG  . ARG   A 1 173 ? 2.150   -5.637  8.105   1.00 56.17 ?  310 ARG   A CG  1 
ATOM   1106 C CD  . ARG   A 1 173 ? 2.273   -7.075  8.564   1.00 59.55 ?  310 ARG   A CD  1 
ATOM   1107 N NE  . ARG   A 1 173 ? 3.591   -7.334  9.145   1.00 62.62 ?  310 ARG   A NE  1 
ATOM   1108 C CZ  . ARG   A 1 173 ? 4.533   -8.077  8.570   1.00 65.18 ?  310 ARG   A CZ  1 
ATOM   1109 N NH1 . ARG   A 1 173 ? 4.303   -8.670  7.403   1.00 64.06 ?  310 ARG   A NH1 1 
ATOM   1110 N NH2 . ARG   A 1 173 ? 5.705   -8.252  9.167   1.00 65.65 ?  310 ARG   A NH2 1 
ATOM   1111 N N   . LEU   A 1 174 ? 0.225   -6.600  3.974   1.00 49.40 ?  311 LEU   A N   1 
ATOM   1112 C CA  . LEU   A 1 174 ? -0.736  -6.451  2.885   1.00 49.39 ?  311 LEU   A CA  1 
ATOM   1113 C C   . LEU   A 1 174 ? -2.161  -6.357  3.416   1.00 49.90 ?  311 LEU   A C   1 
ATOM   1114 O O   . LEU   A 1 174 ? -2.580  -7.186  4.217   1.00 49.90 ?  311 LEU   A O   1 
ATOM   1115 C CB  . LEU   A 1 174 ? -0.623  -7.629  1.916   1.00 49.34 ?  311 LEU   A CB  1 
ATOM   1116 C CG  . LEU   A 1 174 ? 0.763   -7.936  1.361   1.00 50.74 ?  311 LEU   A CG  1 
ATOM   1117 C CD1 . LEU   A 1 174 ? 0.693   -9.082  0.370   1.00 51.33 ?  311 LEU   A CD1 1 
ATOM   1118 C CD2 . LEU   A 1 174 ? 1.405   -6.698  0.705   1.00 51.26 ?  311 LEU   A CD2 1 
ATOM   1119 N N   . ILE   A 1 175 ? -2.916  -5.351  2.980   1.00 50.49 ?  312 ILE   A N   1 
ATOM   1120 C CA  . ILE   A 1 175 ? -4.310  -5.133  3.468   1.00 51.69 ?  312 ILE   A CA  1 
ATOM   1121 C C   . ILE   A 1 175 ? -5.264  -5.341  2.284   1.00 53.19 ?  312 ILE   A C   1 
ATOM   1122 O O   . ILE   A 1 175 ? -5.535  -4.352  1.580   1.00 53.19 ?  312 ILE   A O   1 
ATOM   1123 C CB  . ILE   A 1 175 ? -4.458  -3.731  4.087   1.00 52.22 ?  312 ILE   A CB  1 
ATOM   1124 C CG1 . ILE   A 1 175 ? -3.366  -3.448  5.120   1.00 53.50 ?  312 ILE   A CG1 1 
ATOM   1125 C CG2 . ILE   A 1 175 ? -5.856  -3.544  4.680   1.00 52.66 ?  312 ILE   A CG2 1 
ATOM   1126 C CD1 . ILE   A 1 175 ? -3.330  -2.012  5.604   1.00 55.16 ?  312 ILE   A CD1 1 
ATOM   1127 N N   . ALA   A 1 176 ? -5.750  -6.569  2.070   1.00 54.63 ?  313 ALA   A N   1 
ATOM   1128 C CA  . ALA   A 1 176 ? -6.656  -6.845  0.960   1.00 56.69 ?  313 ALA   A CA  1 
ATOM   1129 C C   . ALA   A 1 176 ? -8.107  -6.848  1.426   1.00 59.14 ?  313 ALA   A C   1 
ATOM   1130 O O   . ALA   A 1 176 ? -8.404  -7.342  2.514   1.00 59.28 ?  313 ALA   A O   1 
ATOM   1131 C CB  . ALA   A 1 176 ? -6.300  -8.170  0.306   1.00 56.68 ?  313 ALA   A CB  1 
ATOM   1132 N N   . TYR   A 1 177 ? -8.990  -6.238  0.629   1.00 60.81 ?  314 TYR   A N   1 
ATOM   1133 C CA  . TYR   A 1 177 ? -10.420 -6.122  1.026   1.00 62.87 ?  314 TYR   A CA  1 
ATOM   1134 C C   . TYR   A 1 177 ? -11.317 -6.279  -0.198  1.00 65.27 ?  314 TYR   A C   1 
ATOM   1135 O O   . TYR   A 1 177 ? -10.938 -5.832  -1.299  1.00 65.56 ?  314 TYR   A O   1 
ATOM   1136 C CB  . TYR   A 1 177 ? -10.665 -4.778  1.717   1.00 62.88 ?  314 TYR   A CB  1 
ATOM   1137 C CG  . TYR   A 1 177 ? -9.857  -3.602  1.187   1.00 63.61 ?  314 TYR   A CG  1 
ATOM   1138 C CD1 . TYR   A 1 177 ? -8.606  -3.302  1.711   1.00 64.58 ?  314 TYR   A CD1 1 
ATOM   1139 C CD2 . TYR   A 1 177 ? -10.353 -2.783  0.184   1.00 64.66 ?  314 TYR   A CD2 1 
ATOM   1140 C CE1 . TYR   A 1 177 ? -7.865  -2.232  1.242   1.00 65.54 ?  314 TYR   A CE1 1 
ATOM   1141 C CE2 . TYR   A 1 177 ? -9.624  -1.707  -0.293  1.00 65.74 ?  314 TYR   A CE2 1 
ATOM   1142 C CZ  . TYR   A 1 177 ? -8.376  -1.434  0.237   1.00 66.69 ?  314 TYR   A CZ  1 
ATOM   1143 O OH  . TYR   A 1 177 ? -7.650  -0.378  -0.224  1.00 68.53 ?  314 TYR   A OH  1 
ATOM   1144 N N   . GLN   A 1 178 ? -12.486 -6.896  -0.006  1.00 66.90 ?  315 GLN   A N   1 
ATOM   1145 C CA  . GLN   A 1 178 ? -13.437 -7.110  -1.126  1.00 68.96 ?  315 GLN   A CA  1 
ATOM   1146 C C   . GLN   A 1 178 ? -14.815 -6.580  -0.713  1.00 71.20 ?  315 GLN   A C   1 
ATOM   1147 O O   . GLN   A 1 178 ? -15.495 -7.265  0.079   1.00 71.47 ?  315 GLN   A O   1 
ATOM   1148 C CB  . GLN   A 1 178 ? -13.519 -8.597  -1.459  1.00 70.37 ?  315 GLN   A CB  1 
ATOM   1149 C CG  . GLN   A 1 178 ? -14.402 -8.921  -2.659  1.00 73.50 ?  315 GLN   A CG  1 
ATOM   1150 C CD  . GLN   A 1 178 ? -14.409 -10.394 -3.004  1.00 77.10 ?  315 GLN   A CD  1 
ATOM   1151 O OE1 . GLN   A 1 178 ? -14.766 -11.247 -2.184  1.00 78.15 ?  315 GLN   A OE1 1 
ATOM   1152 N NE2 . GLN   A 1 178 ? -14.004 -10.708 -4.227  1.00 77.56 ?  315 GLN   A NE2 1 
ATOM   1153 N N   . GLU   A 1 179 ? -15.205 -5.415  -1.234  1.00 72.67 ?  316 GLU   A N   1 
ATOM   1154 C CA  . GLU   A 1 179 ? -16.509 -4.805  -0.867  1.00 74.55 ?  316 GLU   A CA  1 
ATOM   1155 C C   . GLU   A 1 179 ? -17.317 -4.519  -2.141  1.00 76.49 ?  316 GLU   A C   1 
ATOM   1156 O O   . GLU   A 1 179 ? -17.287 -3.365  -2.617  1.00 76.73 ?  316 GLU   A O   1 
ATOM   1157 C CB  . GLU   A 1 179 ? -16.285 -3.519  -0.072  1.00 76.61 ?  316 GLU   A CB  1 
ATOM   1158 N N   . PRO   A 1 180 ? -18.033 -5.513  -2.708  1.00 77.76 ?  317 PRO   A N   1 
ATOM   1159 C CA  . PRO   A 1 180 ? -18.796 -5.306  -3.930  1.00 78.82 ?  317 PRO   A CA  1 
ATOM   1160 C C   . PRO   A 1 180 ? -19.916 -4.294  -3.723  1.00 80.20 ?  317 PRO   A C   1 
ATOM   1161 O O   . PRO   A 1 180 ? -21.082 -4.664  -3.970  1.00 80.44 ?  317 PRO   A O   1 
ATOM   1162 C CB  . PRO   A 1 180 ? -19.333 -6.711  -4.248  1.00 79.40 ?  317 PRO   A CB  1 
ATOM   1163 C CG  . PRO   A 1 180 ? -18.425 -7.638  -3.473  1.00 79.62 ?  317 PRO   A CG  1 
ATOM   1164 C CD  . PRO   A 1 180 ? -18.123 -6.869  -2.202  1.00 77.68 ?  317 PRO   A CD  1 
ATOM   1165 N N   . ASP   A 1 182 ? -24.960 -4.067  -3.424  1.00 83.25 ?  319 ASP   A N   1 
ATOM   1166 C CA  . ASP   A 1 182 ? -24.767 -4.597  -2.046  1.00 83.73 ?  319 ASP   A CA  1 
ATOM   1167 C C   . ASP   A 1 182 ? -24.204 -3.488  -1.154  1.00 84.00 ?  319 ASP   A C   1 
ATOM   1168 O O   . ASP   A 1 182 ? -23.437 -2.646  -1.668  1.00 84.15 ?  319 ASP   A O   1 
ATOM   1169 C CB  . ASP   A 1 182 ? -23.887 -5.838  -2.040  1.00 85.18 ?  319 ASP   A CB  1 
ATOM   1170 N N   . ASP   A 1 183 ? -24.575 -3.488  0.127   1.00 83.83 ?  320 ASP   A N   1 
ATOM   1171 C CA  . ASP   A 1 183 ? -24.059 -2.473  1.083   1.00 84.24 ?  320 ASP   A CA  1 
ATOM   1172 C C   . ASP   A 1 183 ? -23.925 -3.118  2.463   1.00 84.31 ?  320 ASP   A C   1 
ATOM   1173 O O   . ASP   A 1 183 ? -24.914 -3.713  2.936   1.00 84.62 ?  320 ASP   A O   1 
ATOM   1174 C CB  . ASP   A 1 183 ? -24.947 -1.241  1.128   1.00 86.00 ?  320 ASP   A CB  1 
ATOM   1175 C CG  . ASP   A 1 183 ? -24.563 -0.196  2.165   1.00 90.42 ?  320 ASP   A CG  1 
ATOM   1176 O OD1 . ASP   A 1 183 ? -23.428 0.319   2.084   1.00 91.17 ?  320 ASP   A OD1 1 
ATOM   1177 O OD2 . ASP   A 1 183 ? -25.402 0.095   3.043   1.00 92.40 ?  320 ASP   A OD2 1 
ATOM   1178 N N   . SER   A 1 184 ? -22.749 -3.002  3.079   1.00 83.83 ?  321 SER   A N   1 
ATOM   1179 C CA  . SER   A 1 184 ? -22.545 -3.545  4.446   1.00 83.81 ?  321 SER   A CA  1 
ATOM   1180 C C   . SER   A 1 184 ? -21.730 -2.533  5.257   1.00 83.48 ?  321 SER   A C   1 
ATOM   1181 O O   . SER   A 1 184 ? -20.852 -2.969  6.035   1.00 83.54 ?  321 SER   A O   1 
ATOM   1182 C CB  . SER   A 1 184 ? -21.876 -4.890  4.402   1.00 85.12 ?  321 SER   A CB  1 
ATOM   1183 N N   . SER   A 1 185 ? -22.005 -1.238  5.066   1.00 82.96 ?  322 SER   A N   1 
ATOM   1184 C CA  . SER   A 1 185 ? -21.282 -0.169  5.805   1.00 82.94 ?  322 SER   A CA  1 
ATOM   1185 C C   . SER   A 1 185 ? -19.793 -0.529  5.889   1.00 82.55 ?  322 SER   A C   1 
ATOM   1186 O O   . SER   A 1 185 ? -19.226 -0.455  7.001   1.00 82.58 ?  322 SER   A O   1 
ATOM   1187 C CB  . SER   A 1 185 ? -21.878 0.057   7.172   1.00 84.21 ?  322 SER   A CB  1 
ATOM   1188 O OG  . SER   A 1 185 ? -21.200 1.104   7.853   1.00 86.26 ?  322 SER   A OG  1 
ATOM   1189 N N   . PHE   A 1 186 ? -19.192 -0.908  4.758   1.00 81.89 ?  323 PHE   A N   1 
ATOM   1190 C CA  . PHE   A 1 186 ? -17.760 -1.317  4.741   1.00 81.71 ?  323 PHE   A CA  1 
ATOM   1191 C C   . PHE   A 1 186 ? -16.887 -0.121  5.106   1.00 81.19 ?  323 PHE   A C   1 
ATOM   1192 O O   . PHE   A 1 186 ? -17.174 1.007   4.648   1.00 81.26 ?  323 PHE   A O   1 
ATOM   1193 C CB  . PHE   A 1 186 ? -17.405 -1.885  3.364   1.00 81.67 ?  323 PHE   A CB  1 
ATOM   1194 N N   . SER   A 1 187 ? -15.843 -0.356  5.904   1.00 80.56 ?  324 SER   A N   1 
ATOM   1195 C CA  . SER   A 1 187 ? -14.938 0.713   6.288   1.00 80.57 ?  324 SER   A CA  1 
ATOM   1196 C C   . SER   A 1 187 ? -13.514 0.279   6.052   1.00 80.34 ?  324 SER   A C   1 
ATOM   1197 O O   . SER   A 1 187 ? -13.009 -0.560  6.793   1.00 80.51 ?  324 SER   A O   1 
ATOM   1198 C CB  . SER   A 1 187 ? -15.128 1.080   7.756   1.00 82.05 ?  324 SER   A CB  1 
ATOM   1199 O OG  . SER   A 1 187 ? -14.156 2.014   8.203   1.00 84.28 ?  324 SER   A OG  1 
ATOM   1200 N N   . LEU   A 1 188 ? -12.815 0.904   5.094   1.00 79.80 ?  325 LEU   A N   1 
ATOM   1201 C CA  . LEU   A 1 188 ? -11.405 0.556   4.756   1.00 79.76 ?  325 LEU   A CA  1 
ATOM   1202 C C   . LEU   A 1 188 ? -10.448 1.111   5.823   1.00 79.35 ?  325 LEU   A C   1 
ATOM   1203 O O   . LEU   A 1 188 ? -9.240  0.807   5.728   1.00 79.25 ?  325 LEU   A O   1 
ATOM   1204 C CB  . LEU   A 1 188 ? -11.088 1.114   3.372   1.00 80.05 ?  325 LEU   A CB  1 
ATOM   1205 N N   . SER   A 1 189 ? -10.947 1.873   6.796   1.00 78.92 ?  326 SER   A N   1 
ATOM   1206 C CA  . SER   A 1 189 ? -10.186 2.480   7.883   1.00 78.94 ?  326 SER   A CA  1 
ATOM   1207 C C   . SER   A 1 189 ? -9.976  1.485   9.019   1.00 78.63 ?  326 SER   A C   1 
ATOM   1208 O O   . SER   A 1 189 ? -8.909  1.468   9.632   1.00 78.62 ?  326 SER   A O   1 
ATOM   1209 C CB  . SER   A 1 189 ? -10.942 3.688   8.422   1.00 80.20 ?  326 SER   A CB  1 
ATOM   1210 O OG  . SER   A 1 189 ? -12.234 3.281   8.845   1.00 82.12 ?  326 SER   A OG  1 
ATOM   1211 N N   . GLN   A 1 190 ? -11.005 0.688   9.310   1.00 78.22 ?  327 GLN   A N   1 
ATOM   1212 C CA  . GLN   A 1 190 ? -10.903 -0.300  10.413  1.00 78.34 ?  327 GLN   A CA  1 
ATOM   1213 C C   . GLN   A 1 190 ? -9.898  -1.382  10.010  1.00 77.93 ?  327 GLN   A C   1 
ATOM   1214 O O   . GLN   A 1 190 ? -9.080  -1.782  10.865  1.00 77.89 ?  327 GLN   A O   1 
ATOM   1215 C CB  . GLN   A 1 190 ? -12.268 -0.948  10.632  1.00 80.03 ?  327 GLN   A CB  1 
ATOM   1216 C CG  . GLN   A 1 190 ? -13.418 0.044   10.773  1.00 82.81 ?  327 GLN   A CG  1 
ATOM   1217 C CD  . GLN   A 1 190 ? -13.319 0.905   12.011  1.00 85.98 ?  327 GLN   A CD  1 
ATOM   1218 O OE1 . GLN   A 1 190 ? -13.315 0.409   13.143  1.00 87.18 ?  327 GLN   A OE1 1 
ATOM   1219 N NE2 . GLN   A 1 190 ? -13.239 2.212   11.804  1.00 86.34 ?  327 GLN   A NE2 1 
ATOM   1220 N N   . GLU   A 1 191 ? -9.946  -1.811  8.746   1.00 77.38 ?  328 GLU   A N   1 
ATOM   1221 C CA  . GLU   A 1 191 ? -9.054  -2.896  8.269   1.00 77.23 ?  328 GLU   A CA  1 
ATOM   1222 C C   . GLU   A 1 191 ? -7.610  -2.580  8.675   1.00 77.06 ?  328 GLU   A C   1 
ATOM   1223 O O   . GLU   A 1 191 ? -6.899  -3.506  9.114   1.00 77.01 ?  328 GLU   A O   1 
ATOM   1224 C CB  . GLU   A 1 191 ? -9.165  -2.989  6.749   1.00 78.85 ?  328 GLU   A CB  1 
ATOM   1225 C CG  . GLU   A 1 191 ? -10.539 -2.608  6.212   1.00 82.63 ?  328 GLU   A CG  1 
ATOM   1226 C CD  . GLU   A 1 191 ? -11.586 -3.707  6.236   1.00 88.05 ?  328 GLU   A CD  1 
ATOM   1227 O OE1 . GLU   A 1 191 ? -11.261 -4.832  6.668   1.00 89.48 ?  328 GLU   A OE1 1 
ATOM   1228 O OE2 . GLU   A 1 191 ? -12.730 -3.436  5.816   1.00 89.26 ?  328 GLU   A OE2 1 
ATOM   1229 N N   . VAL   A 1 192 ? -7.203  -1.319  8.536   1.00 76.83 ?  329 VAL   A N   1 
ATOM   1230 C CA  . VAL   A 1 192 ? -5.804  -0.920  8.866   1.00 77.26 ?  329 VAL   A CA  1 
ATOM   1231 C C   . VAL   A 1 192 ? -5.583  -1.063  10.378  1.00 77.36 ?  329 VAL   A C   1 
ATOM   1232 O O   . VAL   A 1 192 ? -4.693  -1.846  10.773  1.00 77.41 ?  329 VAL   A O   1 
ATOM   1233 C CB  . VAL   A 1 192 ? -5.538  0.524   8.399   1.00 78.03 ?  329 VAL   A CB  1 
ATOM   1234 N N   . LEU   A 1 193 ? -6.353  -0.327  11.182  1.00 77.08 ?  330 LEU   A N   1 
ATOM   1235 C CA  . LEU   A 1 193 ? -6.190  -0.368  12.641  1.00 77.05 ?  330 LEU   A CA  1 
ATOM   1236 C C   . LEU   A 1 193 ? -6.142  -1.806  13.166  1.00 76.70 ?  330 LEU   A C   1 
ATOM   1237 O O   . LEU   A 1 193 ? -5.389  -2.107  14.091  1.00 76.66 ?  330 LEU   A O   1 
ATOM   1238 C CB  . LEU   A 1 193 ? -7.334  0.401   13.316  1.00 77.23 ?  330 LEU   A CB  1 
ATOM   1239 N N   . ARG   A 1 194 ? -6.939  -2.684  12.554  1.00 76.35 ?  331 ARG   A N   1 
ATOM   1240 C CA  . ARG   A 1 194 ? -7.051  -4.102  12.869  1.00 76.59 ?  331 ARG   A CA  1 
ATOM   1241 C C   . ARG   A 1 194 ? -5.731  -4.821  12.578  1.00 76.39 ?  331 ARG   A C   1 
ATOM   1242 O O   . ARG   A 1 194 ? -5.248  -5.595  13.408  1.00 76.36 ?  331 ARG   A O   1 
ATOM   1243 C CB  . ARG   A 1 194 ? -8.205  -4.699  12.036  1.00 78.20 ?  331 ARG   A CB  1 
ATOM   1244 C CG  . ARG   A 1 194 ? -8.322  -6.214  12.052  1.00 81.45 ?  331 ARG   A CG  1 
ATOM   1245 C CD  . ARG   A 1 194 ? -9.508  -6.700  11.225  1.00 84.71 ?  331 ARG   A CD  1 
ATOM   1246 N NE  . ARG   A 1 194 ? -9.450  -6.253  9.831   1.00 87.35 ?  331 ARG   A NE  1 
ATOM   1247 C CZ  . ARG   A 1 194 ? -8.782  -6.881  8.867   1.00 89.51 ?  331 ARG   A CZ  1 
ATOM   1248 N NH1 . ARG   A 1 194 ? -8.097  -7.987  9.135   1.00 89.08 ?  331 ARG   A NH1 1 
ATOM   1249 N NH2 . ARG   A 1 194 ? -8.782  -6.400  7.631   1.00 89.49 ?  331 ARG   A NH2 1 
ATOM   1250 N N   . HIS   A 1 195 ? -5.137  -4.535  11.412  1.00 76.05 ?  332 HIS   A N   1 
ATOM   1251 C CA  . HIS   A 1 195 ? -3.890  -5.146  10.976  1.00 76.39 ?  332 HIS   A CA  1 
ATOM   1252 C C   . HIS   A 1 195 ? -2.684  -4.723  11.801  1.00 76.71 ?  332 HIS   A C   1 
ATOM   1253 O O   . HIS   A 1 195 ? -1.727  -5.486  11.911  1.00 76.73 ?  332 HIS   A O   1 
ATOM   1254 C CB  . HIS   A 1 195 ? -3.642  -4.834  9.500   1.00 77.16 ?  332 HIS   A CB  1 
ATOM   1255 C CG  . HIS   A 1 195 ? -4.201  -5.852  8.560   1.00 79.16 ?  332 HIS   A CG  1 
ATOM   1256 N ND1 . HIS   A 1 195 ? -3.399  -6.826  7.994   1.00 81.02 ?  332 HIS   A ND1 1 
ATOM   1257 C CD2 . HIS   A 1 195 ? -5.462  -6.001  8.095   1.00 80.29 ?  332 HIS   A CD2 1 
ATOM   1258 C CE1 . HIS   A 1 195 ? -4.194  -7.533  7.209   1.00 81.61 ?  332 HIS   A CE1 1 
ATOM   1259 N NE2 . HIS   A 1 195 ? -5.446  -7.076  7.241   1.00 81.52 ?  332 HIS   A NE2 1 
ATOM   1260 N N   . LEU   A 1 196 ? -2.709  -3.509  12.361  1.00 76.87 ?  333 LEU   A N   1 
ATOM   1261 C CA  . LEU   A 1 196 ? -1.592  -3.010  13.160  1.00 77.41 ?  333 LEU   A CA  1 
ATOM   1262 C C   . LEU   A 1 196 ? -1.526  -3.700  14.516  1.00 77.81 ?  333 LEU   A C   1 
ATOM   1263 O O   . LEU   A 1 196 ? -0.448  -4.095  14.961  1.00 77.92 ?  333 LEU   A O   1 
ATOM   1264 C CB  . LEU   A 1 196 ? -1.688  -1.489  13.333  1.00 77.69 ?  333 LEU   A CB  1 
ATOM   1265 N N   . ARG   A 1 197 ? -2.682  -3.873  15.161  1.00 77.90 ?  334 ARG   A N   1 
ATOM   1266 C CA  . ARG   A 1 197 ? -2.741  -4.527  16.459  1.00 78.47 ?  334 ARG   A CA  1 
ATOM   1267 C C   . ARG   A 1 197 ? -2.444  -6.036  16.381  1.00 79.11 ?  334 ARG   A C   1 
ATOM   1268 O O   . ARG   A 1 197 ? -1.990  -6.608  17.370  1.00 79.22 ?  334 ARG   A O   1 
ATOM   1269 C CB  . ARG   A 1 197 ? -4.099  -4.271  17.123  1.00 79.58 ?  334 ARG   A CB  1 
ATOM   1270 N N   . GLN   A 1 198 ? -2.676  -6.665  15.207  1.00 79.34 ?  335 GLN   A N   1 
ATOM   1271 C CA  . GLN   A 1 198 ? -2.479  -8.102  14.961  1.00 80.00 ?  335 GLN   A CA  1 
ATOM   1272 C C   . GLN   A 1 198 ? -1.174  -8.677  15.541  1.00 80.48 ?  335 GLN   A C   1 
ATOM   1273 O O   . GLN   A 1 198 ? -1.208  -9.727  16.189  1.00 80.66 ?  335 GLN   A O   1 
ATOM   1274 C CB  . GLN   A 1 198 ? -2.597  -8.414  13.461  1.00 81.40 ?  335 GLN   A CB  1 
ATOM   1275 C CG  . GLN   A 1 198 ? -2.457  -9.895  13.115  1.00 84.56 ?  335 GLN   A CG  1 
ATOM   1276 C CD  . GLN   A 1 198 ? -1.281  -10.171 12.201  1.00 88.68 ?  335 GLN   A CD  1 
ATOM   1277 O OE1 . GLN   A 1 198 ? -0.752  -9.278  11.524  1.00 90.23 ?  335 GLN   A OE1 1 
ATOM   1278 N NE2 . GLN   A 1 198 ? -0.847  -11.424 12.154  1.00 88.90 ?  335 GLN   A NE2 1 
ATOM   1279 N N   . GLU   A 1 199 ? -0.039  -7.992  15.341  1.00 80.50 ?  336 GLU   A N   1 
ATOM   1280 C CA  . GLU   A 1 199 ? 1.235   -8.469  15.879  1.00 81.09 ?  336 GLU   A CA  1 
ATOM   1281 C C   . GLU   A 1 199 ? 1.994   -7.353  16.590  1.00 81.47 ?  336 GLU   A C   1 
ATOM   1282 O O   . GLU   A 1 199 ? 1.774   -7.114  17.776  1.00 81.60 ?  336 GLU   A O   1 
ATOM   1283 C CB  . GLU   A 1 199 ? 2.098   -9.097  14.776  1.00 83.23 ?  336 GLU   A CB  1 
HETATM 1284 C C1  . A1JA0 B 2 .   ? 9.289   -1.682  -13.069 0.50 24.43 ?  400 A1JA0 A C1  1 
HETATM 1285 C C3  . A1JA0 B 2 .   ? 7.439   -1.233  -11.627 0.50 24.69 ?  400 A1JA0 A C3  1 
HETATM 1286 C C4  . A1JA0 B 2 .   ? 8.109   -0.205  -10.989 0.50 24.90 ?  400 A1JA0 A C4  1 
HETATM 1287 C C7  . A1JA0 B 2 .   ? 6.570   2.179   -8.394  0.50 25.51 ?  400 A1JA0 A C7  1 
HETATM 1288 C C8  . A1JA0 B 2 .   ? 6.464   3.267   -7.428  0.50 25.44 ?  400 A1JA0 A C8  1 
HETATM 1289 C C11 . A1JA0 B 2 .   ? 4.622   4.950   -7.470  0.50 26.17 ?  400 A1JA0 A C11 1 
HETATM 1290 C C12 . A1JA0 B 2 .   ? 3.567   4.831   -8.549  0.50 26.19 ?  400 A1JA0 A C12 1 
HETATM 1291 C C15 . A1JA0 B 2 .   ? 5.621   1.297   -8.792  0.50 25.25 ?  400 A1JA0 A C15 1 
HETATM 1292 C C16 . A1JA0 B 2 .   ? 6.079   0.349   -9.766  0.50 24.91 ?  400 A1JA0 A C16 1 
HETATM 1293 C C17 . A1JA0 B 2 .   ? 5.420   -0.691  -10.420 0.50 24.69 ?  400 A1JA0 A C17 1 
HETATM 1294 C C18 . A1JA0 B 2 .   ? 6.089   -1.484  -11.348 0.50 24.57 ?  400 A1JA0 A C18 1 
HETATM 1295 C C20 . A1JA0 B 2 .   ? 5.350   -2.260  -13.966 0.50 23.99 ?  400 A1JA0 A C20 1 
HETATM 1296 C C22 . A1JA0 B 2 .   ? 4.956   0.519   -13.802 0.50 22.25 ?  400 A1JA0 A C22 1 
HETATM 1297 C C24 . A1JA0 B 2 .   ? 6.659   2.195   -13.424 0.50 21.76 ?  400 A1JA0 A C24 1 
HETATM 1298 C C25 . A1JA0 B 2 .   ? 7.906   2.906   -13.489 0.50 21.88 ?  400 A1JA0 A C25 1 
HETATM 1299 O O2  . A1JA0 B 2 .   ? 8.009   -2.047  -12.564 0.50 24.60 ?  400 A1JA0 A O2  1 
HETATM 1300 C C5  . A1JA0 B 2 .   ? 7.426   0.575   -10.068 0.50 25.12 ?  400 A1JA0 A C5  1 
HETATM 1301 S S6  . A1JA0 B 2 .   ? 8.099   1.909   -9.186  0.50 25.84 ?  400 A1JA0 A S6  1 
HETATM 1302 O O9  . A1JA0 B 2 .   ? 7.453   3.882   -7.059  0.50 25.36 ?  400 A1JA0 A O9  1 
HETATM 1303 C C10 . A1JA0 B 2 .   ? 5.096   3.623   -6.917  0.50 25.84 ?  400 A1JA0 A C10 1 
HETATM 1304 O O13 . A1JA0 B 2 .   ? 3.631   3.873   -9.336  0.50 26.14 ?  400 A1JA0 A O13 1 
HETATM 1305 O O14 . A1JA0 B 2 .   ? 2.697   5.726   -8.596  0.50 26.20 -1 400 A1JA0 A O14 1 
HETATM 1306 S S19 . A1JA0 B 2 .   ? 5.251   -2.767  -12.235 0.50 24.74 ?  400 A1JA0 A S19 1 
HETATM 1307 S S21 . A1JA0 B 2 .   ? 4.326   -0.923  -14.608 0.50 23.18 ?  400 A1JA0 A S21 1 
HETATM 1308 C C23 . A1JA0 B 2 .   ? 6.213   1.047   -14.081 0.50 21.88 ?  400 A1JA0 A C23 1 
HETATM 1309 C C26 . A1JA0 B 2 .   ? 7.987   3.971   -12.649 0.50 21.86 ?  400 A1JA0 A C26 1 
HETATM 1310 C C27 . A1JA0 B 2 .   ? 9.075   4.915   -12.403 0.50 21.35 ?  400 A1JA0 A C27 1 
HETATM 1311 O O28 . A1JA0 B 2 .   ? 8.933   5.845   -11.622 0.50 21.34 ?  400 A1JA0 A O28 1 
HETATM 1312 C C29 . A1JA0 B 2 .   ? 10.382  4.701   -13.120 0.50 21.00 ?  400 A1JA0 A C29 1 
HETATM 1313 C C30 . A1JA0 B 2 .   ? 11.498  4.267   -12.185 0.50 20.88 ?  400 A1JA0 A C30 1 
HETATM 1314 C C31 . A1JA0 B 2 .   ? 11.412  2.834   -11.700 0.50 20.69 ?  400 A1JA0 A C31 1 
HETATM 1315 O O32 . A1JA0 B 2 .   ? 10.484  2.112   -12.104 0.50 20.67 ?  400 A1JA0 A O32 1 
HETATM 1316 O O33 . A1JA0 B 2 .   ? 12.297  2.456   -10.901 0.50 20.44 -1 400 A1JA0 A O33 1 
HETATM 1317 S S34 . A1JA0 B 2 .   ? 6.525   4.178   -11.719 0.50 22.22 ?  400 A1JA0 A S34 1 
HETATM 1318 C C35 . A1JA0 B 2 .   ? 5.812   2.796   -12.487 0.50 21.86 ?  400 A1JA0 A C35 1 
HETATM 1319 C C36 . A1JA0 B 2 .   ? 4.557   2.280   -12.201 0.50 21.96 ?  400 A1JA0 A C36 1 
HETATM 1320 C C37 . A1JA0 B 2 .   ? 4.132   1.142   -12.858 0.50 22.09 ?  400 A1JA0 A C37 1 
HETATM 1321 O O38 . A1JA0 B 2 .   ? 2.935   0.526   -12.626 0.50 22.08 ?  400 A1JA0 A O38 1 
HETATM 1322 C C39 . A1JA0 B 2 .   ? 2.242   0.854   -11.427 0.50 21.90 ?  400 A1JA0 A C39 1 
HETATM 1323 O O   . HOH   C 3 .   ? 13.934  -1.402  7.009   1.00 23.94 ?  501 HOH   A O   1 
HETATM 1324 O O   . HOH   C 3 .   ? 8.309   1.970   14.839  1.00 21.07 ?  502 HOH   A O   1 
HETATM 1325 O O   . HOH   C 3 .   ? 8.656   8.834   2.948   1.00 39.13 ?  503 HOH   A O   1 
HETATM 1326 O O   . HOH   C 3 .   ? 3.786   0.277   9.408   1.00 28.01 ?  504 HOH   A O   1 
HETATM 1327 O O   . HOH   C 3 .   ? -9.501  15.183  -0.906  1.00 28.12 ?  505 HOH   A O   1 
HETATM 1328 O O   . HOH   C 3 .   ? -2.758  -9.791  4.474   1.00 25.82 ?  506 HOH   A O   1 
HETATM 1329 O O   . HOH   C 3 .   ? 19.353  11.145  -10.595 1.00 31.08 ?  507 HOH   A O   1 
HETATM 1330 O O   . HOH   C 3 .   ? 15.363  12.493  -1.587  1.00 45.06 ?  508 HOH   A O   1 
HETATM 1331 O O   . HOH   C 3 .   ? 8.431   5.916   -5.397  1.00 31.90 ?  509 HOH   A O   1 
HETATM 1332 O O   . HOH   C 3 .   ? 6.914   -6.403  10.972  1.00 39.40 ?  510 HOH   A O   1 
HETATM 1333 O O   . HOH   C 3 .   ? -5.997  7.584   7.493   1.00 28.43 ?  511 HOH   A O   1 
HETATM 1334 O O   . HOH   C 3 .   ? 18.901  -4.346  -9.558  1.00 28.79 ?  512 HOH   A O   1 
HETATM 1335 O O   . HOH   C 3 .   ? -8.368  1.821   -13.422 1.00 31.44 ?  513 HOH   A O   1 
HETATM 1336 O O   . HOH   C 3 .   ? -3.301  4.863   10.544  1.00 39.96 ?  514 HOH   A O   1 
HETATM 1337 O O   . HOH   C 3 .   ? 0.705   -4.081  17.703  1.00 32.17 ?  515 HOH   A O   1 
HETATM 1338 O O   . HOH   C 3 .   ? 17.046  -6.938  -2.510  1.00 33.66 ?  516 HOH   A O   1 
HETATM 1339 O O   . HOH   C 3 .   ? -12.100 15.531  2.152   1.00 23.26 ?  517 HOH   A O   1 
HETATM 1340 O O   . HOH   C 3 .   ? 15.121  -7.212  5.685   1.00 25.70 ?  518 HOH   A O   1 
HETATM 1341 O O   . HOH   C 3 .   ? 14.707  13.452  2.880   1.00 30.95 ?  519 HOH   A O   1 
HETATM 1342 O O   . HOH   C 3 .   ? -16.512 11.456  -1.597  1.00 41.22 ?  520 HOH   A O   1 
HETATM 1343 O O   . HOH   C 3 .   ? -7.589  -11.475 -22.393 1.00 45.72 ?  521 HOH   A O   1 
HETATM 1344 O O   . HOH   C 3 .   ? 14.768  12.396  14.875  1.00 27.33 ?  522 HOH   A O   1 
HETATM 1345 O O   . HOH   C 3 .   ? -16.029 4.715   8.580   1.00 33.85 ?  523 HOH   A O   1 
HETATM 1346 O O   . HOH   C 3 .   ? 22.448  6.259   -5.156  1.00 12.33 ?  524 HOH   A O   1 
HETATM 1347 O O   . HOH   C 3 .   ? 8.516   15.027  2.366   1.00 20.59 ?  525 HOH   A O   1 
HETATM 1348 O O   . HOH   C 3 .   ? -5.056  -15.268 1.821   1.00 46.35 ?  526 HOH   A O   1 
HETATM 1349 O O   . HOH   C 3 .   ? 19.840  0.654   12.849  1.00 37.72 ?  527 HOH   A O   1 
# 
